data_4K3X
#
_entry.id   4K3X
#
_cell.length_a   238.884
_cell.length_b   238.884
_cell.length_c   160.785
_cell.angle_alpha   90.00
_cell.angle_beta   90.00
_cell.angle_gamma   90.00
#
_symmetry.space_group_name_H-M   'I 4 2 2'
#
loop_
_entity.id
_entity.type
_entity.pdbx_description
1 polymer 'Hemagglutinin HA1'
2 polymer 'Hemagglutinin HA2'
3 branched alpha-D-mannopyranose-(1-3)-[alpha-D-mannopyranose-(1-6)]beta-D-mannopyranose-(1-4)-2-acetamido-2-deoxy-beta-D-glucopyranose-(1-4)-[beta-L-fucopyranose-(1-3)][alpha-L-fucopyranose-(1-6)]2-acetamido-2-deoxy-beta-D-glucopyranose
4 branched beta-L-fucopyranose-(1-3)-[2-acetamido-2-deoxy-beta-D-glucopyranose-(1-4)][beta-L-fucopyranose-(1-6)]2-acetamido-2-deoxy-beta-D-glucopyranose
5 branched 2-acetamido-2-deoxy-beta-D-glucopyranose-(1-4)-2-acetamido-2-deoxy-beta-D-glucopyranose
6 branched beta-D-mannopyranose-(1-6)-beta-D-mannopyranose-(1-4)-2-acetamido-2-deoxy-beta-D-glucopyranose-(1-4)-[beta-L-fucopyranose-(1-6)]2-acetamido-2-deoxy-beta-D-glucopyranose
7 branched beta-L-fucopyranose-(1-3)-[2-acetamido-2-deoxy-beta-D-glucopyranose-(1-4)][alpha-L-fucopyranose-(1-6)]2-acetamido-2-deoxy-beta-D-glucopyranose
8 branched beta-L-fucopyranose-(1-3)-[2-acetamido-2-deoxy-beta-D-glucopyranose-(1-4)]2-acetamido-2-deoxy-beta-D-glucopyranose
9 non-polymer 1-ETHOXY-2-(2-ETHOXYETHOXY)ETHANE
10 non-polymer 2-acetamido-2-deoxy-beta-D-glucopyranose
11 water water
#
loop_
_entity_poly.entity_id
_entity_poly.type
_entity_poly.pdbx_seq_one_letter_code
_entity_poly.pdbx_strand_id
1 'polypeptide(L)'
;ADPGDQICIGYHSNNSTQTVNTLLESNVPVTSSHSILEKEHNGLLCKLKGKAPLDLIDCSLPAWLMGNPKCDELLTASEW
AYIKEDPEPENGICFPGDFDSLEDLILLVSNTDHFRKEKIIDMTRFSDVTTNNVDSACPYDTNGASFYRNLNWVQQNKGK
QLIFHYQNSENNPLLIIWGVHQTSNAAEQNTYYGSQTGSTTITIGEETNTYPLVISESSILNGHSDRINYFWGVVNPNQN
FSIVSTGNFIWPEYGYFFQKTTNISGIIKSSEKISDCDTICQTKIGAINSTLPFQNIHQNAIGDCPKYVKAQELVLATGL
RNNPIKETR
;
A,C,E
2 'polypeptide(L)'
;GLFGAIAGFIEGGWQGLIDGWYGYHHQNSEGSGYAADKEATQKAVDAITTKVNNIIDKMNTQFESTAKEFNKIEMRIKHL
SDRVDDGFLDVWSYNAELLVLLENERTLDFHDANVNNLYQKVKVQLKDNAIDMGNGCFKILHKCNNTCMDDIKNGTYNYY
EYRKESHLEKQKIDSGRLVPR
;
B,D,F
#
# COMPACT_ATOMS: atom_id res chain seq x y z
N ASP A 5 60.93 -8.91 -17.11
CA ASP A 5 59.76 -8.20 -17.66
C ASP A 5 58.46 -8.65 -16.97
N GLN A 6 57.53 -7.70 -16.83
CA GLN A 6 56.32 -7.92 -16.05
C GLN A 6 55.10 -7.29 -16.71
N ILE A 7 53.94 -7.88 -16.47
CA ILE A 7 52.68 -7.21 -16.76
C ILE A 7 51.69 -7.45 -15.60
N CYS A 8 51.02 -6.37 -15.17
CA CYS A 8 50.05 -6.42 -14.07
C CYS A 8 48.69 -5.92 -14.51
N ILE A 9 47.64 -6.45 -13.88
CA ILE A 9 46.28 -5.99 -14.11
C ILE A 9 45.87 -5.17 -12.91
N GLY A 10 45.23 -4.03 -13.12
CA GLY A 10 44.85 -3.18 -12.01
C GLY A 10 43.60 -2.39 -12.28
N TYR A 11 43.25 -1.47 -11.37
CA TYR A 11 42.05 -0.66 -11.53
C TYR A 11 42.21 0.75 -10.95
N HIS A 12 41.31 1.63 -11.35
CA HIS A 12 41.32 3.04 -10.97
C HIS A 12 41.08 3.34 -9.46
N SER A 13 41.93 4.22 -8.90
CA SER A 13 41.67 4.94 -7.62
C SER A 13 41.68 6.46 -7.86
N ASN A 14 41.14 7.26 -6.94
CA ASN A 14 41.16 8.74 -7.05
C ASN A 14 41.15 9.37 -5.65
N ASN A 15 40.93 10.69 -5.49
CA ASN A 15 40.83 11.20 -4.11
C ASN A 15 39.43 11.57 -3.65
N SER A 16 38.44 10.84 -4.17
CA SER A 16 37.06 10.95 -3.72
C SER A 16 36.96 10.65 -2.23
N THR A 17 36.20 11.47 -1.51
CA THR A 17 35.89 11.18 -0.11
C THR A 17 34.49 10.56 0.03
N GLN A 18 33.89 10.16 -1.10
CA GLN A 18 32.56 9.54 -1.07
C GLN A 18 32.55 8.11 -0.49
N THR A 19 31.53 7.81 0.31
CA THR A 19 31.30 6.45 0.81
C THR A 19 29.86 5.98 0.49
N VAL A 20 29.65 4.67 0.46
CA VAL A 20 28.32 4.11 0.32
C VAL A 20 28.13 3.03 1.38
N ASN A 21 26.90 2.60 1.59
CA ASN A 21 26.65 1.42 2.39
C ASN A 21 26.21 0.30 1.49
N THR A 22 26.57 -0.92 1.85
CA THR A 22 26.05 -2.09 1.14
C THR A 22 25.39 -3.01 2.16
N LEU A 23 24.77 -4.07 1.67
CA LEU A 23 24.14 -5.05 2.52
C LEU A 23 25.17 -5.72 3.43
N LEU A 24 26.41 -5.84 2.97
CA LEU A 24 27.44 -6.52 3.76
C LEU A 24 28.35 -5.59 4.57
N GLU A 25 28.46 -4.34 4.14
CA GLU A 25 29.47 -3.42 4.69
C GLU A 25 28.97 -1.99 4.72
N SER A 26 29.46 -1.22 5.70
CA SER A 26 29.08 0.17 5.87
C SER A 26 30.25 1.12 5.60
N ASN A 27 29.93 2.32 5.10
CA ASN A 27 30.92 3.37 4.84
C ASN A 27 32.11 2.91 3.99
N VAL A 28 31.83 2.34 2.83
CA VAL A 28 32.86 1.90 1.90
C VAL A 28 33.26 3.06 0.98
N PRO A 29 34.54 3.45 1.02
CA PRO A 29 35.01 4.50 0.10
C PRO A 29 34.89 4.04 -1.35
N VAL A 30 34.33 4.89 -2.21
CA VAL A 30 34.24 4.58 -3.64
C VAL A 30 34.67 5.76 -4.51
N THR A 31 35.01 5.47 -5.78
CA THR A 31 35.58 6.49 -6.64
C THR A 31 34.53 7.42 -7.22
N SER A 32 33.28 6.95 -7.28
CA SER A 32 32.15 7.79 -7.68
C SER A 32 30.83 7.19 -7.18
N SER A 33 29.78 7.99 -7.13
CA SER A 33 28.48 7.55 -6.63
C SER A 33 27.41 8.50 -7.15
N HIS A 34 26.14 8.16 -6.93
CA HIS A 34 25.04 8.96 -7.45
C HIS A 34 23.81 8.83 -6.55
N SER A 35 23.36 9.95 -6.00
CA SER A 35 22.18 9.98 -5.13
C SER A 35 20.89 9.76 -5.92
N ILE A 36 20.00 8.92 -5.41
CA ILE A 36 18.67 8.81 -6.01
C ILE A 36 17.58 9.39 -5.11
N LEU A 37 17.98 10.26 -4.17
CA LEU A 37 17.05 10.87 -3.21
C LEU A 37 17.06 12.40 -3.30
N GLU A 38 15.92 13.00 -3.66
CA GLU A 38 15.85 14.47 -3.73
C GLU A 38 15.61 15.06 -2.33
N LYS A 39 16.49 15.97 -1.90
CA LYS A 39 16.46 16.47 -0.52
C LYS A 39 16.34 18.00 -0.37
N GLU A 40 16.51 18.72 -1.47
CA GLU A 40 16.67 20.19 -1.38
C GLU A 40 15.38 20.96 -1.09
N HIS A 41 15.42 21.80 -0.05
CA HIS A 41 14.34 22.75 0.25
C HIS A 41 14.65 24.09 -0.42
N ASN A 42 13.80 24.51 -1.35
CA ASN A 42 13.95 25.81 -2.01
C ASN A 42 12.86 26.84 -1.62
N GLY A 43 11.73 26.35 -1.12
CA GLY A 43 10.69 27.23 -0.61
C GLY A 43 10.03 28.10 -1.67
N LEU A 44 10.10 27.68 -2.93
CA LEU A 44 9.41 28.39 -4.00
C LEU A 44 8.04 27.77 -4.31
N LEU A 45 7.05 28.63 -4.53
CA LEU A 45 5.75 28.24 -5.10
C LEU A 45 5.78 28.57 -6.59
N CYS A 46 5.49 27.60 -7.45
CA CYS A 46 5.70 27.75 -8.90
C CYS A 46 4.49 27.46 -9.79
N LYS A 47 4.68 27.67 -11.10
CA LYS A 47 3.79 27.09 -12.09
C LYS A 47 3.98 25.56 -12.10
N LEU A 48 2.94 24.81 -12.48
CA LEU A 48 3.04 23.36 -12.52
C LEU A 48 2.93 22.87 -13.96
N LYS A 49 4.04 22.32 -14.48
CA LYS A 49 4.12 21.95 -15.89
C LYS A 49 3.62 23.08 -16.78
N GLY A 50 4.08 24.30 -16.51
CA GLY A 50 3.75 25.46 -17.33
C GLY A 50 2.43 26.13 -16.99
N LYS A 51 1.70 25.55 -16.04
CA LYS A 51 0.37 26.06 -15.72
C LYS A 51 0.36 26.82 -14.38
N ALA A 52 -0.09 28.07 -14.43
CA ALA A 52 -0.13 28.93 -13.25
C ALA A 52 -1.12 28.42 -12.21
N PRO A 53 -0.83 28.70 -10.93
CA PRO A 53 -1.78 28.40 -9.85
C PRO A 53 -2.76 29.55 -9.64
N LEU A 54 -3.86 29.31 -8.95
CA LEU A 54 -4.75 30.39 -8.55
C LEU A 54 -4.30 30.96 -7.20
N ASP A 55 -4.03 32.26 -7.16
CA ASP A 55 -3.57 32.89 -5.92
C ASP A 55 -4.68 33.64 -5.21
N LEU A 56 -5.12 33.09 -4.08
CA LEU A 56 -6.23 33.67 -3.33
C LEU A 56 -5.82 34.87 -2.47
N ILE A 57 -4.55 35.25 -2.53
CA ILE A 57 -4.03 36.33 -1.69
C ILE A 57 -4.38 36.07 -0.23
N ASP A 58 -5.32 36.84 0.32
CA ASP A 58 -5.70 36.68 1.72
C ASP A 58 -7.18 36.34 1.89
N CYS A 59 -7.77 35.84 0.80
CA CYS A 59 -9.14 35.33 0.80
C CYS A 59 -9.10 33.81 1.05
N SER A 60 -10.12 33.30 1.71
CA SER A 60 -10.32 31.86 1.74
C SER A 60 -11.04 31.44 0.45
N LEU A 61 -10.93 30.17 0.08
CA LEU A 61 -11.58 29.67 -1.14
C LEU A 61 -13.11 29.92 -1.20
N PRO A 62 -13.86 29.65 -0.12
CA PRO A 62 -15.29 29.98 -0.18
C PRO A 62 -15.54 31.49 -0.29
N ALA A 63 -14.72 32.31 0.38
CA ALA A 63 -14.86 33.76 0.30
C ALA A 63 -14.62 34.28 -1.12
N TRP A 64 -13.65 33.69 -1.81
CA TRP A 64 -13.36 34.04 -3.19
C TRP A 64 -14.45 33.55 -4.14
N LEU A 65 -14.91 32.32 -3.93
CA LEU A 65 -15.92 31.73 -4.81
C LEU A 65 -17.19 32.55 -4.74
N MET A 66 -17.60 32.88 -3.51
CA MET A 66 -18.83 33.64 -3.29
C MET A 66 -18.68 35.14 -3.64
N GLY A 67 -17.44 35.64 -3.60
CA GLY A 67 -17.18 37.04 -3.86
C GLY A 67 -17.32 37.98 -2.66
N ASN A 68 -16.69 37.61 -1.54
CA ASN A 68 -16.48 38.54 -0.42
C ASN A 68 -15.98 39.87 -1.00
N PRO A 69 -16.60 41.00 -0.59
CA PRO A 69 -16.26 42.28 -1.21
C PRO A 69 -14.78 42.62 -1.06
N LYS A 70 -14.11 42.03 -0.08
CA LYS A 70 -12.71 42.29 0.17
C LYS A 70 -11.69 41.51 -0.65
N CYS A 71 -12.12 40.54 -1.47
CA CYS A 71 -11.19 39.96 -2.43
C CYS A 71 -11.52 40.22 -3.92
N ASP A 72 -10.56 39.88 -4.76
CA ASP A 72 -10.61 40.27 -6.15
C ASP A 72 -11.58 39.46 -6.98
N GLU A 73 -12.42 40.20 -7.71
CA GLU A 73 -13.37 39.62 -8.64
C GLU A 73 -12.65 38.95 -9.79
N LEU A 74 -13.11 37.76 -10.18
CA LEU A 74 -12.65 37.12 -11.41
C LEU A 74 -13.29 37.83 -12.60
N LEU A 75 -12.48 38.39 -13.48
CA LEU A 75 -13.01 39.14 -14.63
C LEU A 75 -12.93 38.36 -15.93
N THR A 76 -11.81 37.67 -16.11
CA THR A 76 -11.52 37.01 -17.38
C THR A 76 -11.77 35.50 -17.25
N ALA A 77 -11.92 34.83 -18.39
CA ALA A 77 -12.00 33.37 -18.34
C ALA A 77 -10.59 32.85 -18.03
N SER A 78 -10.47 31.98 -17.04
CA SER A 78 -9.14 31.65 -16.53
C SER A 78 -8.92 30.13 -16.36
N GLU A 79 -7.71 29.76 -15.96
CA GLU A 79 -7.40 28.37 -15.70
C GLU A 79 -6.28 28.31 -14.66
N TRP A 80 -6.18 27.20 -13.94
CA TRP A 80 -5.11 27.02 -12.97
C TRP A 80 -4.81 25.54 -12.67
N ALA A 81 -3.57 25.25 -12.29
CA ALA A 81 -3.17 23.88 -12.03
C ALA A 81 -3.38 23.48 -10.56
N TYR A 82 -3.34 24.48 -9.67
CA TYR A 82 -3.70 24.25 -8.27
C TYR A 82 -4.14 25.55 -7.60
N ILE A 83 -4.57 25.47 -6.35
CA ILE A 83 -5.02 26.66 -5.64
C ILE A 83 -4.08 26.96 -4.48
N LYS A 84 -3.71 28.24 -4.32
CA LYS A 84 -2.80 28.64 -3.26
C LYS A 84 -3.54 29.53 -2.27
N GLU A 85 -3.62 29.04 -1.03
CA GLU A 85 -4.40 29.71 0.01
C GLU A 85 -3.52 29.97 1.23
N ASP A 86 -3.71 31.12 1.88
CA ASP A 86 -3.06 31.40 3.15
C ASP A 86 -3.52 30.41 4.22
N PRO A 87 -2.60 30.05 5.13
CA PRO A 87 -2.94 29.19 6.28
C PRO A 87 -3.98 29.83 7.18
N GLU A 88 -3.91 31.15 7.32
CA GLU A 88 -4.90 31.89 8.10
C GLU A 88 -5.37 33.09 7.30
N PRO A 89 -6.32 32.87 6.39
CA PRO A 89 -6.82 33.95 5.54
C PRO A 89 -7.46 35.05 6.36
N GLU A 90 -7.14 36.29 6.02
CA GLU A 90 -7.74 37.46 6.62
C GLU A 90 -9.24 37.47 6.34
N ASN A 91 -9.61 37.16 5.10
CA ASN A 91 -10.98 37.29 4.66
C ASN A 91 -11.68 35.94 4.40
N GLY A 92 -12.68 35.62 5.22
CA GLY A 92 -13.38 34.37 5.08
C GLY A 92 -14.87 34.56 4.85
N ILE A 93 -15.65 33.69 5.47
CA ILE A 93 -17.10 33.75 5.38
C ILE A 93 -17.60 34.81 6.37
N CYS A 94 -17.84 36.02 5.87
CA CYS A 94 -18.14 37.15 6.75
C CYS A 94 -19.49 37.06 7.47
N PHE A 95 -20.53 36.62 6.76
CA PHE A 95 -21.81 36.41 7.44
C PHE A 95 -21.86 34.97 7.96
N PRO A 96 -21.93 34.80 9.30
CA PRO A 96 -21.70 33.49 9.91
C PRO A 96 -22.65 32.40 9.43
N GLY A 97 -22.09 31.25 9.12
CA GLY A 97 -22.88 30.10 8.70
C GLY A 97 -21.93 29.03 8.19
N ASP A 98 -22.42 27.81 7.97
CA ASP A 98 -21.57 26.74 7.46
C ASP A 98 -21.57 26.70 5.93
N PHE A 99 -20.40 26.44 5.34
CA PHE A 99 -20.29 26.18 3.91
C PHE A 99 -20.31 24.66 3.69
N ASP A 100 -21.39 24.16 3.10
CA ASP A 100 -21.59 22.73 2.90
C ASP A 100 -20.59 22.08 1.94
N SER A 101 -20.13 20.87 2.29
CA SER A 101 -19.31 20.04 1.39
C SER A 101 -18.15 20.76 0.70
N LEU A 102 -17.34 21.51 1.46
CA LEU A 102 -16.16 22.15 0.88
C LEU A 102 -15.18 21.14 0.27
N GLU A 103 -15.01 19.99 0.91
CA GLU A 103 -13.97 19.05 0.48
C GLU A 103 -14.28 18.45 -0.89
N ASP A 104 -15.53 18.04 -1.10
CA ASP A 104 -15.99 17.60 -2.43
C ASP A 104 -15.82 18.72 -3.48
N LEU A 105 -16.11 19.96 -3.11
CA LEU A 105 -15.99 21.07 -4.06
C LEU A 105 -14.55 21.25 -4.51
N ILE A 106 -13.62 21.19 -3.56
CA ILE A 106 -12.19 21.28 -3.87
C ILE A 106 -11.77 20.28 -4.95
N LEU A 107 -12.31 19.07 -4.89
CA LEU A 107 -12.01 18.07 -5.92
C LEU A 107 -12.43 18.52 -7.32
N LEU A 108 -13.47 19.34 -7.40
CA LEU A 108 -13.95 19.82 -8.71
C LEU A 108 -13.16 21.02 -9.26
N VAL A 109 -12.70 21.92 -8.39
CA VAL A 109 -12.14 23.19 -8.86
C VAL A 109 -10.65 23.42 -8.60
N SER A 110 -9.94 22.37 -8.21
CA SER A 110 -8.54 22.56 -7.83
C SER A 110 -7.68 22.72 -9.08
N ASN A 111 -8.07 22.02 -10.13
CA ASN A 111 -7.35 22.05 -11.41
C ASN A 111 -8.36 22.18 -12.55
N THR A 112 -8.38 23.33 -13.21
CA THR A 112 -9.39 23.61 -14.24
C THR A 112 -8.75 24.10 -15.54
N ASP A 113 -9.35 23.73 -16.68
CA ASP A 113 -8.82 24.16 -17.98
C ASP A 113 -9.52 25.43 -18.46
N HIS A 114 -10.62 25.75 -17.81
CA HIS A 114 -11.40 26.92 -18.15
C HIS A 114 -12.31 27.26 -16.98
N PHE A 115 -12.46 28.55 -16.68
CA PHE A 115 -13.22 28.97 -15.52
C PHE A 115 -13.69 30.40 -15.71
N ARG A 116 -15.00 30.59 -15.67
CA ARG A 116 -15.58 31.84 -16.13
C ARG A 116 -16.87 32.18 -15.38
N LYS A 117 -16.89 33.36 -14.76
CA LYS A 117 -18.07 33.83 -14.05
C LYS A 117 -19.08 34.43 -15.03
N GLU A 118 -20.36 34.10 -14.84
CA GLU A 118 -21.44 34.70 -15.63
C GLU A 118 -22.62 35.07 -14.75
N LYS A 119 -23.41 36.03 -15.20
CA LYS A 119 -24.70 36.33 -14.59
C LYS A 119 -25.72 35.26 -15.01
N ILE A 120 -26.38 34.65 -14.02
CA ILE A 120 -27.29 33.55 -14.28
C ILE A 120 -28.75 33.98 -14.10
N ILE A 121 -28.99 34.86 -13.13
CA ILE A 121 -30.35 35.30 -12.83
C ILE A 121 -30.48 36.82 -12.93
N ASP A 122 -31.52 37.28 -13.63
CA ASP A 122 -31.84 38.70 -13.61
C ASP A 122 -32.75 38.95 -12.41
N MET A 123 -32.19 39.60 -11.40
CA MET A 123 -32.89 39.78 -10.13
C MET A 123 -33.92 40.91 -10.19
N THR A 124 -33.84 41.77 -11.21
CA THR A 124 -34.82 42.85 -11.39
C THR A 124 -36.18 42.31 -11.79
N ARG A 125 -36.23 41.02 -12.09
CA ARG A 125 -37.45 40.35 -12.54
C ARG A 125 -38.48 40.19 -11.41
N PHE A 126 -38.03 40.28 -10.16
CA PHE A 126 -38.94 40.07 -9.03
C PHE A 126 -39.51 41.38 -8.45
N SER A 127 -40.83 41.40 -8.28
CA SER A 127 -41.54 42.58 -7.76
C SER A 127 -41.95 42.38 -6.31
N ASP A 128 -42.24 43.50 -5.63
CA ASP A 128 -42.71 43.50 -4.23
C ASP A 128 -41.68 42.87 -3.29
N VAL A 129 -40.43 43.26 -3.48
CA VAL A 129 -39.33 42.56 -2.87
C VAL A 129 -38.11 43.48 -2.91
N THR A 130 -37.22 43.37 -1.93
CA THR A 130 -35.94 44.09 -2.01
C THR A 130 -34.82 43.13 -2.41
N THR A 131 -33.91 43.60 -3.27
CA THR A 131 -32.79 42.77 -3.72
C THR A 131 -31.47 43.46 -3.37
N ASN A 132 -30.35 42.77 -3.60
CA ASN A 132 -29.02 43.31 -3.35
C ASN A 132 -28.88 43.90 -1.96
N ASN A 133 -29.46 43.21 -0.97
CA ASN A 133 -29.33 43.66 0.40
C ASN A 133 -27.92 43.54 0.97
N VAL A 134 -27.72 44.18 2.10
CA VAL A 134 -26.39 44.53 2.54
C VAL A 134 -26.28 44.39 4.07
N ASP A 135 -25.07 44.15 4.59
CA ASP A 135 -24.92 43.95 6.03
C ASP A 135 -23.55 44.42 6.55
N SER A 136 -23.52 44.96 7.76
CA SER A 136 -22.27 45.53 8.29
C SER A 136 -21.22 44.46 8.59
N ALA A 137 -21.64 43.19 8.60
CA ALA A 137 -20.70 42.10 8.82
C ALA A 137 -19.91 41.77 7.55
N CYS A 138 -20.41 42.22 6.40
CA CYS A 138 -19.67 42.05 5.14
C CYS A 138 -19.31 43.41 4.53
N PRO A 139 -18.30 44.09 5.10
CA PRO A 139 -17.95 45.45 4.66
C PRO A 139 -16.90 45.48 3.55
N TYR A 140 -16.73 46.65 2.95
CA TYR A 140 -15.71 46.87 1.95
C TYR A 140 -14.37 47.12 2.59
N ASP A 141 -13.38 47.45 1.74
CA ASP A 141 -12.23 48.20 2.21
C ASP A 141 -12.81 49.36 3.05
N THR A 142 -12.55 49.22 4.34
CA THR A 142 -13.42 49.64 5.44
C THR A 142 -14.06 51.04 5.52
N ASN A 143 -15.19 51.13 6.21
CA ASN A 143 -16.04 49.96 6.45
C ASN A 143 -17.19 50.15 5.48
N GLY A 144 -18.38 50.30 6.05
CA GLY A 144 -19.57 50.49 5.24
C GLY A 144 -20.10 49.15 4.82
N ALA A 145 -21.41 48.97 4.90
CA ALA A 145 -21.98 47.65 4.71
C ALA A 145 -22.07 47.21 3.24
N SER A 146 -21.87 45.92 3.01
CA SER A 146 -21.94 45.32 1.66
C SER A 146 -22.38 43.84 1.73
N PHE A 147 -22.02 43.06 0.72
CA PHE A 147 -22.39 41.64 0.69
C PHE A 147 -21.63 40.92 -0.43
N TYR A 148 -21.66 39.59 -0.42
CA TYR A 148 -21.05 38.78 -1.47
C TYR A 148 -21.60 39.18 -2.83
N ARG A 149 -20.71 39.39 -3.80
CA ARG A 149 -21.12 39.84 -5.13
C ARG A 149 -21.92 38.79 -5.91
N ASN A 150 -21.67 37.51 -5.66
CA ASN A 150 -22.32 36.46 -6.46
C ASN A 150 -23.66 36.03 -5.92
N LEU A 151 -23.94 36.47 -4.69
CA LEU A 151 -25.08 35.97 -3.94
C LEU A 151 -26.00 37.13 -3.59
N ASN A 152 -27.26 37.03 -4.01
CA ASN A 152 -28.19 38.14 -3.87
C ASN A 152 -29.21 37.94 -2.77
N TRP A 153 -29.05 38.69 -1.69
CA TRP A 153 -29.96 38.55 -0.54
C TRP A 153 -31.27 39.31 -0.78
N VAL A 154 -32.33 38.54 -0.97
CA VAL A 154 -33.69 39.05 -1.21
C VAL A 154 -34.48 39.13 0.10
N GLN A 155 -35.16 40.25 0.32
CA GLN A 155 -35.94 40.44 1.55
C GLN A 155 -37.33 41.00 1.29
N GLN A 156 -38.16 41.04 2.34
CA GLN A 156 -39.52 41.55 2.26
C GLN A 156 -40.44 40.73 1.35
N ASN A 157 -40.12 39.45 1.19
CA ASN A 157 -40.99 38.50 0.49
C ASN A 157 -42.46 38.56 0.91
N LYS A 158 -42.68 38.73 2.21
CA LYS A 158 -44.03 38.73 2.78
C LYS A 158 -44.85 37.50 2.38
N GLY A 159 -44.19 36.34 2.41
CA GLY A 159 -44.87 35.07 2.14
C GLY A 159 -45.19 34.83 0.67
N LYS A 160 -44.83 35.78 -0.18
CA LYS A 160 -45.09 35.66 -1.61
C LYS A 160 -44.09 34.68 -2.25
N GLN A 161 -44.60 33.77 -3.08
CA GLN A 161 -43.78 32.79 -3.77
C GLN A 161 -43.12 33.33 -5.05
N LEU A 162 -41.79 33.21 -5.13
CA LEU A 162 -41.05 33.56 -6.35
C LEU A 162 -40.62 32.29 -7.09
N ILE A 163 -40.64 32.35 -8.42
CA ILE A 163 -40.34 31.17 -9.24
C ILE A 163 -39.34 31.50 -10.34
N PHE A 164 -38.30 30.67 -10.44
CA PHE A 164 -37.27 30.87 -11.44
C PHE A 164 -36.85 29.54 -12.10
N HIS A 165 -36.55 29.61 -13.40
CA HIS A 165 -36.10 28.41 -14.11
C HIS A 165 -34.93 28.80 -15.00
N TYR A 166 -33.96 27.92 -15.13
CA TYR A 166 -32.78 28.19 -15.94
C TYR A 166 -32.31 26.94 -16.68
N GLN A 167 -31.95 27.11 -17.95
CA GLN A 167 -31.47 26.00 -18.76
C GLN A 167 -30.00 26.22 -19.07
N ASN A 168 -29.15 25.24 -18.79
CA ASN A 168 -27.76 25.35 -19.21
C ASN A 168 -27.62 24.90 -20.66
N SER A 169 -27.49 25.85 -21.57
CA SER A 169 -27.38 25.54 -23.00
C SER A 169 -25.92 25.56 -23.48
N GLU A 170 -25.00 25.85 -22.57
CA GLU A 170 -23.58 25.84 -22.87
C GLU A 170 -23.03 24.43 -22.83
N ASN A 171 -21.80 24.25 -23.33
CA ASN A 171 -21.20 22.92 -23.37
C ASN A 171 -20.26 22.66 -22.19
N ASN A 172 -20.30 23.54 -21.19
CA ASN A 172 -19.58 23.32 -19.94
C ASN A 172 -20.52 23.26 -18.75
N PRO A 173 -20.14 22.51 -17.70
CA PRO A 173 -21.00 22.49 -16.51
C PRO A 173 -20.94 23.83 -15.77
N LEU A 174 -22.00 24.13 -15.01
CA LEU A 174 -22.12 25.39 -14.28
C LEU A 174 -22.16 25.19 -12.75
N LEU A 175 -21.25 25.87 -12.03
CA LEU A 175 -21.25 25.86 -10.56
C LEU A 175 -22.07 27.03 -9.99
N ILE A 176 -23.06 26.73 -9.17
CA ILE A 176 -23.80 27.80 -8.48
C ILE A 176 -23.78 27.58 -6.96
N ILE A 177 -23.80 28.70 -6.23
CA ILE A 177 -23.74 28.68 -4.79
C ILE A 177 -24.86 29.58 -4.27
N TRP A 178 -25.61 29.08 -3.30
CA TRP A 178 -26.73 29.83 -2.74
C TRP A 178 -26.67 29.82 -1.23
N GLY A 179 -27.55 30.58 -0.59
CA GLY A 179 -27.60 30.63 0.85
C GLY A 179 -29.00 30.52 1.39
N VAL A 180 -29.13 30.01 2.63
CA VAL A 180 -30.43 30.01 3.29
C VAL A 180 -30.43 30.56 4.72
N HIS A 181 -31.28 31.56 4.93
CA HIS A 181 -31.27 32.37 6.16
C HIS A 181 -32.04 31.71 7.30
N GLN A 182 -31.32 31.45 8.39
CA GLN A 182 -31.95 31.00 9.63
C GLN A 182 -32.11 32.23 10.54
N THR A 183 -33.35 32.63 10.82
CA THR A 183 -33.56 33.83 11.63
C THR A 183 -33.54 33.53 13.13
N SER A 184 -33.30 34.55 13.95
CA SER A 184 -33.11 34.38 15.40
C SER A 184 -34.41 34.24 16.18
N ASN A 185 -35.39 35.09 15.84
CA ASN A 185 -36.70 35.06 16.49
C ASN A 185 -37.79 35.56 15.53
N ALA A 186 -39.03 35.56 15.98
CA ALA A 186 -40.14 35.96 15.13
C ALA A 186 -40.09 37.44 14.79
N ALA A 187 -39.59 38.25 15.73
CA ALA A 187 -39.49 39.68 15.53
C ALA A 187 -38.49 39.99 14.43
N GLU A 188 -37.39 39.25 14.42
CA GLU A 188 -36.38 39.38 13.39
C GLU A 188 -36.91 38.88 12.05
N GLN A 189 -37.57 37.73 12.07
CA GLN A 189 -38.18 37.13 10.88
C GLN A 189 -39.15 38.11 10.22
N ASN A 190 -40.00 38.73 11.03
CA ASN A 190 -40.90 39.78 10.56
C ASN A 190 -40.17 41.02 10.02
N THR A 191 -39.09 41.41 10.68
CA THR A 191 -38.34 42.59 10.27
C THR A 191 -37.71 42.42 8.88
N TYR A 192 -37.22 41.21 8.60
CA TYR A 192 -36.56 40.94 7.32
C TYR A 192 -37.53 40.53 6.20
N TYR A 193 -38.55 39.76 6.53
CA TYR A 193 -39.42 39.17 5.50
C TYR A 193 -40.89 39.59 5.58
N GLY A 194 -41.29 40.18 6.71
CA GLY A 194 -42.63 40.70 6.87
C GLY A 194 -43.67 39.62 7.02
N SER A 195 -43.22 38.41 7.34
CA SER A 195 -44.12 37.26 7.45
C SER A 195 -43.42 36.09 8.13
N GLN A 196 -44.20 35.20 8.74
CA GLN A 196 -43.62 34.06 9.43
C GLN A 196 -43.59 32.82 8.54
N THR A 197 -43.27 33.04 7.27
CA THR A 197 -42.98 31.96 6.33
C THR A 197 -41.71 32.34 5.59
N GLY A 198 -41.08 31.37 4.93
CA GLY A 198 -39.87 31.63 4.19
C GLY A 198 -39.15 30.33 3.91
N SER A 199 -39.62 29.60 2.90
CA SER A 199 -39.11 28.28 2.60
C SER A 199 -38.68 28.21 1.13
N THR A 200 -37.71 27.36 0.82
CA THR A 200 -37.16 27.32 -0.53
C THR A 200 -36.87 25.90 -1.00
N THR A 201 -37.15 25.66 -2.27
CA THR A 201 -36.77 24.40 -2.92
C THR A 201 -35.97 24.73 -4.19
N ILE A 202 -34.79 24.16 -4.31
CA ILE A 202 -34.02 24.33 -5.53
C ILE A 202 -33.77 22.96 -6.13
N THR A 203 -34.13 22.82 -7.39
CA THR A 203 -34.01 21.55 -8.09
C THR A 203 -32.88 21.67 -9.09
N ILE A 204 -32.00 20.68 -9.12
CA ILE A 204 -30.94 20.63 -10.12
C ILE A 204 -30.99 19.26 -10.76
N GLY A 205 -31.25 19.24 -12.07
CA GLY A 205 -31.49 17.97 -12.75
C GLY A 205 -32.66 17.29 -12.09
N GLU A 206 -32.47 16.03 -11.67
CA GLU A 206 -33.52 15.28 -10.99
C GLU A 206 -33.37 15.32 -9.47
N GLU A 207 -32.47 16.16 -8.99
CA GLU A 207 -32.26 16.25 -7.55
C GLU A 207 -33.03 17.44 -6.98
N THR A 208 -33.72 17.20 -5.87
CA THR A 208 -34.51 18.22 -5.20
C THR A 208 -33.83 18.57 -3.88
N ASN A 209 -33.67 19.86 -3.60
CA ASN A 209 -33.13 20.30 -2.31
C ASN A 209 -34.11 21.24 -1.64
N THR A 210 -34.64 20.83 -0.50
CA THR A 210 -35.70 21.60 0.17
C THR A 210 -35.24 22.18 1.50
N TYR A 211 -35.43 23.48 1.67
CA TYR A 211 -35.01 24.18 2.86
C TYR A 211 -36.19 24.86 3.55
N PRO A 212 -36.86 24.13 4.45
CA PRO A 212 -37.98 24.70 5.22
C PRO A 212 -37.49 25.77 6.18
N LEU A 213 -38.38 26.71 6.51
CA LEU A 213 -38.03 27.83 7.39
C LEU A 213 -37.57 27.34 8.75
N VAL A 214 -36.42 27.84 9.19
CA VAL A 214 -35.94 27.55 10.54
C VAL A 214 -35.74 28.84 11.32
N ILE A 215 -36.49 29.00 12.41
CA ILE A 215 -36.29 30.10 13.33
C ILE A 215 -35.72 29.55 14.65
N SER A 216 -34.48 29.91 14.96
CA SER A 216 -33.82 29.43 16.16
C SER A 216 -32.59 30.28 16.45
N GLU A 217 -32.48 30.75 17.68
CA GLU A 217 -31.39 31.65 18.04
C GLU A 217 -30.07 30.89 18.19
N SER A 218 -28.97 31.57 17.88
CA SER A 218 -27.64 31.04 18.12
C SER A 218 -26.81 32.07 18.88
N SER A 219 -25.56 31.71 19.18
CA SER A 219 -24.64 32.65 19.82
C SER A 219 -24.32 33.80 18.87
N ILE A 220 -24.06 34.98 19.45
CA ILE A 220 -23.69 36.13 18.63
C ILE A 220 -22.30 35.92 18.02
N LEU A 221 -22.23 36.05 16.69
CA LEU A 221 -20.99 35.84 15.95
C LEU A 221 -20.87 36.93 14.89
N ASN A 222 -19.85 37.77 15.01
CA ASN A 222 -19.72 38.96 14.18
C ASN A 222 -21.00 39.81 14.18
N GLY A 223 -21.54 40.07 15.36
CA GLY A 223 -22.75 40.85 15.49
C GLY A 223 -24.05 40.15 15.12
N HIS A 224 -24.00 38.84 14.86
CA HIS A 224 -25.19 38.12 14.42
C HIS A 224 -25.54 36.89 15.27
N SER A 225 -26.78 36.84 15.74
CA SER A 225 -27.28 35.66 16.43
C SER A 225 -28.00 34.75 15.44
N ASP A 226 -28.31 35.29 14.27
CA ASP A 226 -28.85 34.51 13.15
C ASP A 226 -27.71 33.92 12.32
N ARG A 227 -28.08 33.10 11.32
CA ARG A 227 -27.08 32.46 10.46
C ARG A 227 -27.53 32.39 8.99
N ILE A 228 -26.57 32.43 8.06
CA ILE A 228 -26.85 32.08 6.67
C ILE A 228 -25.98 30.90 6.25
N ASN A 229 -26.59 29.77 5.94
CA ASN A 229 -25.82 28.57 5.58
C ASN A 229 -25.74 28.43 4.07
N TYR A 230 -24.57 28.04 3.58
CA TYR A 230 -24.29 28.06 2.15
C TYR A 230 -24.24 26.66 1.57
N PHE A 231 -24.78 26.52 0.36
CA PHE A 231 -24.81 25.26 -0.36
C PHE A 231 -24.42 25.50 -1.83
N TRP A 232 -24.10 24.43 -2.54
CA TRP A 232 -23.67 24.58 -3.93
C TRP A 232 -24.08 23.36 -4.72
N GLY A 233 -24.05 23.47 -6.04
CA GLY A 233 -24.44 22.37 -6.90
C GLY A 233 -23.95 22.60 -8.32
N VAL A 234 -23.99 21.55 -9.14
CA VAL A 234 -23.46 21.66 -10.50
C VAL A 234 -24.55 21.36 -11.53
N VAL A 235 -24.74 22.28 -12.45
CA VAL A 235 -25.73 22.09 -13.51
C VAL A 235 -25.03 21.70 -14.81
N ASN A 236 -25.15 20.42 -15.17
CA ASN A 236 -24.48 19.89 -16.37
C ASN A 236 -24.99 20.52 -17.66
N PRO A 237 -24.21 20.39 -18.76
CA PRO A 237 -24.69 20.85 -20.07
C PRO A 237 -26.03 20.20 -20.40
N ASN A 238 -26.96 20.97 -20.97
CA ASN A 238 -28.25 20.44 -21.37
C ASN A 238 -29.07 19.99 -20.16
N GLN A 239 -28.78 20.56 -18.99
CA GLN A 239 -29.60 20.33 -17.81
C GLN A 239 -30.16 21.63 -17.27
N ASN A 240 -31.19 21.52 -16.45
CA ASN A 240 -31.86 22.69 -15.90
C ASN A 240 -31.77 22.77 -14.40
N PHE A 241 -31.96 23.98 -13.87
CA PHE A 241 -32.25 24.11 -12.44
C PHE A 241 -33.41 25.08 -12.23
N SER A 242 -34.14 24.92 -11.13
CA SER A 242 -35.23 25.84 -10.81
C SER A 242 -35.27 26.18 -9.32
N ILE A 243 -35.93 27.28 -8.98
CA ILE A 243 -36.04 27.71 -7.60
C ILE A 243 -37.46 28.16 -7.28
N VAL A 244 -38.04 27.65 -6.20
CA VAL A 244 -39.29 28.16 -5.67
C VAL A 244 -39.06 28.62 -4.23
N SER A 245 -39.24 29.92 -3.97
CA SER A 245 -38.95 30.45 -2.65
C SER A 245 -40.00 31.43 -2.14
N THR A 246 -40.40 31.25 -0.88
CA THR A 246 -41.31 32.19 -0.23
C THR A 246 -40.58 33.12 0.74
N GLY A 247 -39.24 33.02 0.78
CA GLY A 247 -38.45 33.88 1.63
C GLY A 247 -37.20 33.22 2.21
N ASN A 248 -36.42 34.00 2.95
CA ASN A 248 -35.23 33.50 3.66
C ASN A 248 -34.20 32.88 2.73
N PHE A 249 -34.15 33.39 1.52
CA PHE A 249 -33.23 32.84 0.53
C PHE A 249 -32.23 33.86 0.00
N ILE A 250 -30.99 33.41 -0.16
CA ILE A 250 -29.93 34.21 -0.75
C ILE A 250 -29.65 33.56 -2.10
N TRP A 251 -29.93 34.28 -3.20
CA TRP A 251 -29.99 33.67 -4.53
C TRP A 251 -28.64 33.60 -5.24
N PRO A 252 -28.45 32.54 -6.05
CA PRO A 252 -27.23 32.37 -6.83
C PRO A 252 -27.26 33.22 -8.10
N GLU A 253 -27.16 34.53 -7.92
CA GLU A 253 -27.27 35.45 -9.06
C GLU A 253 -26.18 35.22 -10.11
N TYR A 254 -24.96 34.93 -9.65
CA TYR A 254 -23.84 34.64 -10.55
C TYR A 254 -23.37 33.21 -10.33
N GLY A 255 -22.74 32.64 -11.35
CA GLY A 255 -22.18 31.30 -11.24
C GLY A 255 -20.89 31.20 -12.01
N TYR A 256 -20.30 30.01 -12.05
CA TYR A 256 -19.08 29.82 -12.83
C TYR A 256 -19.24 28.64 -13.79
N PHE A 257 -18.93 28.87 -15.06
CA PHE A 257 -18.83 27.79 -16.03
C PHE A 257 -17.39 27.29 -15.95
N PHE A 258 -17.20 25.98 -15.98
CA PHE A 258 -15.86 25.43 -15.87
C PHE A 258 -15.67 24.18 -16.70
N GLN A 259 -14.42 23.81 -16.92
CA GLN A 259 -14.11 22.58 -17.62
C GLN A 259 -13.26 21.73 -16.69
N LYS A 260 -13.73 20.54 -16.40
CA LYS A 260 -13.01 19.63 -15.51
C LYS A 260 -11.77 19.06 -16.17
N THR A 261 -10.78 18.73 -15.36
CA THR A 261 -9.59 18.02 -15.83
C THR A 261 -9.50 16.66 -15.14
N THR A 262 -8.68 15.77 -15.71
CA THR A 262 -8.52 14.44 -15.15
C THR A 262 -7.64 14.40 -13.91
N ASN A 263 -6.73 15.36 -13.76
CA ASN A 263 -5.76 15.30 -12.66
C ASN A 263 -6.12 16.21 -11.48
N ILE A 264 -6.58 15.59 -10.40
CA ILE A 264 -6.96 16.34 -9.19
C ILE A 264 -5.71 16.76 -8.42
N SER A 265 -5.56 18.05 -8.12
CA SER A 265 -4.37 18.50 -7.39
C SER A 265 -4.70 18.81 -5.94
N GLY A 266 -5.16 20.03 -5.68
CA GLY A 266 -5.64 20.39 -4.36
C GLY A 266 -5.22 21.79 -3.96
N ILE A 267 -5.24 22.08 -2.67
CA ILE A 267 -4.91 23.41 -2.18
C ILE A 267 -3.55 23.42 -1.51
N ILE A 268 -2.67 24.28 -2.01
CA ILE A 268 -1.36 24.50 -1.37
C ILE A 268 -1.51 25.61 -0.31
N LYS A 269 -1.29 25.27 0.96
CA LYS A 269 -1.42 26.26 2.03
C LYS A 269 -0.05 26.87 2.39
N SER A 270 0.10 28.17 2.15
CA SER A 270 1.36 28.85 2.43
C SER A 270 1.17 30.37 2.51
N SER A 271 2.05 31.05 3.23
CA SER A 271 2.01 32.52 3.28
C SER A 271 2.83 33.14 2.14
N GLU A 272 3.77 32.36 1.60
CA GLU A 272 4.62 32.79 0.48
C GLU A 272 3.81 33.23 -0.73
N LYS A 273 4.41 34.07 -1.57
CA LYS A 273 3.81 34.46 -2.83
C LYS A 273 4.31 33.58 -3.97
N ILE A 274 3.61 33.59 -5.11
CA ILE A 274 4.01 32.78 -6.24
C ILE A 274 5.24 33.39 -6.94
N SER A 275 6.24 32.57 -7.23
CA SER A 275 7.44 33.03 -7.94
C SER A 275 7.38 32.72 -9.44
N ASP A 276 8.16 33.46 -10.21
CA ASP A 276 8.27 33.23 -11.65
C ASP A 276 9.17 32.01 -11.91
N CYS A 277 8.65 30.83 -11.57
CA CYS A 277 9.40 29.58 -11.72
C CYS A 277 8.46 28.46 -12.17
N ASP A 278 9.03 27.33 -12.58
CA ASP A 278 8.22 26.26 -13.15
C ASP A 278 8.75 24.91 -12.69
N THR A 279 7.85 24.06 -12.21
CA THR A 279 8.23 22.77 -11.65
C THR A 279 7.27 21.67 -12.10
N ILE A 280 7.72 20.43 -12.02
CA ILE A 280 6.86 19.31 -12.36
C ILE A 280 6.16 18.78 -11.12
N CYS A 281 6.66 19.17 -9.94
CA CYS A 281 6.11 18.70 -8.67
C CYS A 281 6.17 19.81 -7.62
N GLN A 282 5.06 20.08 -6.95
CA GLN A 282 4.99 21.18 -5.99
C GLN A 282 4.54 20.72 -4.60
N THR A 283 5.24 21.18 -3.55
CA THR A 283 4.75 20.97 -2.18
C THR A 283 4.54 22.33 -1.54
N LYS A 284 3.89 22.37 -0.38
CA LYS A 284 3.63 23.65 0.27
C LYS A 284 4.87 24.29 0.93
N ILE A 285 5.98 23.56 0.99
CA ILE A 285 7.21 24.16 1.50
C ILE A 285 8.27 24.33 0.42
N GLY A 286 7.89 24.16 -0.83
CA GLY A 286 8.83 24.35 -1.93
C GLY A 286 8.62 23.39 -3.07
N ALA A 287 9.26 23.66 -4.19
CA ALA A 287 9.13 22.82 -5.37
C ALA A 287 10.11 21.64 -5.32
N ILE A 288 9.70 20.52 -5.91
CA ILE A 288 10.54 19.34 -6.04
C ILE A 288 10.72 19.10 -7.53
N ASN A 289 11.58 19.89 -8.14
CA ASN A 289 11.77 19.89 -9.58
C ASN A 289 12.80 18.83 -10.01
N SER A 290 12.44 17.55 -9.85
CA SER A 290 13.40 16.45 -10.03
C SER A 290 12.76 15.15 -10.51
N THR A 291 13.50 14.39 -11.33
CA THR A 291 13.05 13.07 -11.79
C THR A 291 13.65 11.92 -10.97
N LEU A 292 14.36 12.25 -9.91
CA LEU A 292 14.79 11.21 -8.97
C LEU A 292 13.55 10.43 -8.48
N PRO A 293 13.72 9.13 -8.20
CA PRO A 293 12.62 8.26 -7.77
C PRO A 293 12.07 8.54 -6.36
N PHE A 294 12.91 9.04 -5.45
CA PHE A 294 12.48 9.24 -4.08
C PHE A 294 12.75 10.66 -3.58
N GLN A 295 11.97 11.11 -2.58
CA GLN A 295 12.19 12.42 -1.96
C GLN A 295 11.85 12.33 -0.48
N ASN A 296 12.50 13.16 0.34
CA ASN A 296 12.22 13.13 1.78
C ASN A 296 11.82 14.50 2.27
N ILE A 297 11.27 15.31 1.37
CA ILE A 297 10.97 16.70 1.66
C ILE A 297 9.59 16.90 2.30
N HIS A 298 8.56 16.31 1.71
CA HIS A 298 7.22 16.43 2.29
C HIS A 298 6.29 15.29 1.89
N GLN A 299 5.46 14.86 2.84
CA GLN A 299 4.51 13.77 2.63
C GLN A 299 3.51 14.11 1.55
N ASN A 300 3.07 15.37 1.53
CA ASN A 300 2.01 15.79 0.60
C ASN A 300 2.54 16.58 -0.57
N ALA A 301 2.20 16.15 -1.77
CA ALA A 301 2.67 16.85 -2.96
C ALA A 301 1.63 16.81 -4.09
N ILE A 302 1.95 17.53 -5.16
CA ILE A 302 1.08 17.63 -6.33
C ILE A 302 1.90 17.48 -7.60
N GLY A 303 1.42 16.69 -8.54
CA GLY A 303 2.04 16.64 -9.85
C GLY A 303 2.71 15.32 -10.16
N ASP A 304 3.83 15.37 -10.89
CA ASP A 304 4.61 14.19 -11.24
C ASP A 304 5.79 14.08 -10.27
N CYS A 305 5.59 13.33 -9.20
CA CYS A 305 6.45 13.44 -8.02
C CYS A 305 7.24 12.17 -7.71
N PRO A 306 8.40 12.30 -7.05
CA PRO A 306 9.10 11.11 -6.54
C PRO A 306 8.31 10.56 -5.36
N LYS A 307 8.58 9.34 -4.92
CA LYS A 307 7.88 8.79 -3.77
C LYS A 307 8.44 9.34 -2.47
N TYR A 308 7.56 9.64 -1.51
CA TYR A 308 8.00 10.12 -0.21
C TYR A 308 8.60 8.97 0.61
N VAL A 309 9.81 9.17 1.13
CA VAL A 309 10.45 8.20 2.03
C VAL A 309 11.03 8.90 3.26
N LYS A 310 11.38 8.12 4.28
CA LYS A 310 11.91 8.64 5.55
C LYS A 310 13.45 8.67 5.58
N ALA A 311 14.09 8.04 4.59
CA ALA A 311 15.56 7.99 4.53
C ALA A 311 16.22 9.37 4.55
N GLN A 312 17.41 9.43 5.14
CA GLN A 312 18.21 10.65 5.10
C GLN A 312 19.08 10.68 3.86
N GLU A 313 19.32 9.48 3.31
CA GLU A 313 20.22 9.32 2.17
C GLU A 313 19.90 8.05 1.37
N LEU A 314 20.02 8.15 0.04
CA LEU A 314 19.98 6.96 -0.82
C LEU A 314 21.04 7.15 -1.93
N VAL A 315 22.23 6.60 -1.70
CA VAL A 315 23.35 6.82 -2.61
C VAL A 315 23.81 5.52 -3.26
N LEU A 316 23.68 5.44 -4.58
CA LEU A 316 24.11 4.26 -5.33
C LEU A 316 25.60 4.36 -5.65
N ALA A 317 26.34 3.27 -5.44
CA ALA A 317 27.71 3.24 -5.91
C ALA A 317 27.69 3.12 -7.43
N THR A 318 28.57 3.87 -8.10
CA THR A 318 28.77 3.68 -9.54
C THR A 318 30.21 3.23 -9.79
N GLY A 319 31.14 3.81 -9.05
CA GLY A 319 32.55 3.54 -9.25
C GLY A 319 33.06 2.33 -8.48
N LEU A 320 34.37 2.29 -8.29
CA LEU A 320 35.02 1.17 -7.63
C LEU A 320 35.33 1.44 -6.16
N ARG A 321 35.55 0.37 -5.39
CA ARG A 321 36.15 0.46 -4.08
C ARG A 321 37.38 1.35 -4.14
N ASN A 322 37.40 2.43 -3.36
CA ASN A 322 38.51 3.37 -3.45
C ASN A 322 39.58 3.07 -2.42
N ASN A 323 40.37 2.03 -2.70
CA ASN A 323 41.41 1.56 -1.79
C ASN A 323 42.78 1.54 -2.47
N PRO A 324 43.35 2.73 -2.72
CA PRO A 324 44.63 2.79 -3.42
C PRO A 324 45.74 2.08 -2.66
N ILE A 325 46.64 1.43 -3.41
CA ILE A 325 47.86 0.87 -2.86
C ILE A 325 48.68 2.00 -2.23
N LYS A 326 49.10 1.79 -0.97
CA LYS A 326 49.93 2.74 -0.22
C LYS A 326 51.13 3.30 -1.00
N ASP B 5 44.50 -34.43 -30.71
CA ASP B 5 43.36 -34.77 -29.85
C ASP B 5 42.90 -33.57 -29.03
N GLN B 6 41.60 -33.29 -29.06
CA GLN B 6 41.02 -32.10 -28.44
C GLN B 6 39.71 -32.36 -27.69
N ILE B 7 39.50 -31.63 -26.60
CA ILE B 7 38.21 -31.59 -25.94
C ILE B 7 37.84 -30.14 -25.58
N CYS B 8 36.59 -29.76 -25.85
CA CYS B 8 36.12 -28.39 -25.67
C CYS B 8 34.91 -28.34 -24.74
N ILE B 9 34.77 -27.23 -24.01
CA ILE B 9 33.58 -27.02 -23.19
C ILE B 9 32.78 -25.95 -23.91
N GLY B 10 31.46 -26.10 -23.94
CA GLY B 10 30.63 -25.17 -24.68
C GLY B 10 29.17 -25.21 -24.24
N TYR B 11 28.34 -24.44 -24.93
CA TYR B 11 26.94 -24.35 -24.56
C TYR B 11 26.02 -24.17 -25.77
N HIS B 12 24.72 -24.29 -25.49
CA HIS B 12 23.67 -24.41 -26.50
C HIS B 12 23.27 -23.08 -27.14
N SER B 13 23.22 -23.06 -28.48
CA SER B 13 22.59 -21.97 -29.22
C SER B 13 21.45 -22.52 -30.07
N ASN B 14 20.49 -21.67 -30.43
CA ASN B 14 19.42 -22.09 -31.34
C ASN B 14 18.97 -20.94 -32.25
N ASN B 15 17.82 -21.10 -32.91
CA ASN B 15 17.35 -20.08 -33.85
C ASN B 15 16.34 -19.09 -33.25
N SER B 16 16.19 -19.13 -31.94
CA SER B 16 15.27 -18.23 -31.25
C SER B 16 15.56 -16.76 -31.50
N THR B 17 14.48 -15.96 -31.63
CA THR B 17 14.60 -14.52 -31.82
C THR B 17 14.19 -13.73 -30.56
N GLN B 18 13.85 -14.46 -29.50
CA GLN B 18 13.45 -13.81 -28.25
C GLN B 18 14.59 -12.99 -27.65
N THR B 19 14.26 -11.85 -27.04
CA THR B 19 15.23 -11.04 -26.31
C THR B 19 14.69 -10.73 -24.93
N VAL B 20 15.58 -10.38 -24.00
CA VAL B 20 15.16 -9.91 -22.69
C VAL B 20 15.92 -8.65 -22.32
N ASN B 21 15.42 -7.95 -21.32
CA ASN B 21 16.15 -6.83 -20.74
C ASN B 21 16.70 -7.24 -19.41
N THR B 22 17.91 -6.77 -19.09
CA THR B 22 18.44 -6.93 -17.74
C THR B 22 18.74 -5.56 -17.16
N LEU B 23 19.12 -5.55 -15.89
CA LEU B 23 19.44 -4.30 -15.20
C LEU B 23 20.61 -3.61 -15.89
N LEU B 24 21.50 -4.42 -16.50
CA LEU B 24 22.76 -3.93 -17.07
C LEU B 24 22.73 -3.79 -18.60
N GLU B 25 21.90 -4.60 -19.27
CA GLU B 25 21.85 -4.60 -20.73
C GLU B 25 20.40 -4.61 -21.24
N SER B 26 20.19 -4.08 -22.44
CA SER B 26 18.87 -4.10 -23.04
C SER B 26 18.85 -4.98 -24.28
N ASN B 27 17.71 -5.64 -24.52
CA ASN B 27 17.50 -6.37 -25.76
C ASN B 27 18.54 -7.46 -26.00
N VAL B 28 18.72 -8.34 -25.02
CA VAL B 28 19.70 -9.42 -25.11
C VAL B 28 19.03 -10.69 -25.65
N PRO B 29 19.56 -11.24 -26.75
CA PRO B 29 18.97 -12.45 -27.34
C PRO B 29 19.19 -13.65 -26.44
N VAL B 30 18.15 -14.46 -26.25
CA VAL B 30 18.26 -15.66 -25.43
C VAL B 30 17.63 -16.87 -26.11
N THR B 31 17.96 -18.07 -25.63
CA THR B 31 17.54 -19.31 -26.30
C THR B 31 16.12 -19.70 -25.93
N SER B 32 15.65 -19.23 -24.78
CA SER B 32 14.25 -19.38 -24.36
C SER B 32 13.96 -18.38 -23.25
N SER B 33 12.68 -18.08 -23.05
CA SER B 33 12.26 -17.13 -22.03
C SER B 33 10.80 -17.37 -21.69
N HIS B 34 10.31 -16.69 -20.66
CA HIS B 34 8.98 -16.98 -20.12
C HIS B 34 8.31 -15.72 -19.57
N SER B 35 7.14 -15.38 -20.08
CA SER B 35 6.44 -14.18 -19.61
C SER B 35 5.73 -14.44 -18.29
N ILE B 36 5.77 -13.45 -17.39
CA ILE B 36 5.01 -13.55 -16.14
C ILE B 36 3.95 -12.46 -16.07
N LEU B 37 3.57 -11.94 -17.23
CA LEU B 37 2.57 -10.88 -17.31
C LEU B 37 1.41 -11.35 -18.18
N GLU B 38 0.22 -11.47 -17.58
CA GLU B 38 -0.96 -11.83 -18.36
C GLU B 38 -1.47 -10.64 -19.15
N LYS B 39 -1.59 -10.79 -20.48
CA LYS B 39 -1.91 -9.66 -21.36
C LYS B 39 -3.18 -9.85 -22.20
N GLU B 40 -3.70 -11.08 -22.23
CA GLU B 40 -4.70 -11.44 -23.24
C GLU B 40 -6.10 -10.90 -22.99
N HIS B 41 -6.69 -10.31 -24.03
CA HIS B 41 -8.08 -9.89 -24.01
C HIS B 41 -9.00 -10.91 -24.69
N ASN B 42 -9.99 -11.41 -23.96
CA ASN B 42 -10.96 -12.35 -24.54
C ASN B 42 -12.41 -11.86 -24.52
N GLY B 43 -12.69 -10.85 -23.69
CA GLY B 43 -14.02 -10.25 -23.64
C GLY B 43 -15.13 -11.18 -23.16
N LEU B 44 -14.78 -12.29 -22.51
CA LEU B 44 -15.82 -13.20 -22.03
C LEU B 44 -16.22 -12.92 -20.58
N LEU B 45 -17.50 -13.06 -20.27
CA LEU B 45 -17.97 -13.04 -18.89
C LEU B 45 -18.26 -14.49 -18.53
N CYS B 46 -17.64 -14.96 -17.46
CA CYS B 46 -17.67 -16.38 -17.11
C CYS B 46 -18.17 -16.68 -15.69
N LYS B 47 -18.41 -17.97 -15.44
CA LYS B 47 -18.59 -18.45 -14.08
C LYS B 47 -17.28 -18.17 -13.36
N LEU B 48 -17.36 -17.83 -12.07
CA LEU B 48 -16.15 -17.63 -11.27
C LEU B 48 -15.95 -18.86 -10.40
N LYS B 49 -14.92 -19.63 -10.71
CA LYS B 49 -14.58 -20.81 -9.93
C LYS B 49 -15.74 -21.78 -9.89
N GLY B 50 -16.35 -22.02 -11.05
CA GLY B 50 -17.45 -22.96 -11.16
C GLY B 50 -18.81 -22.42 -10.74
N LYS B 51 -18.83 -21.17 -10.30
CA LYS B 51 -20.06 -20.57 -9.79
C LYS B 51 -20.54 -19.45 -10.71
N ALA B 52 -21.78 -19.58 -11.20
CA ALA B 52 -22.36 -18.65 -12.15
C ALA B 52 -22.72 -17.31 -11.52
N PRO B 53 -22.64 -16.22 -12.31
CA PRO B 53 -23.10 -14.91 -11.83
C PRO B 53 -24.62 -14.78 -11.91
N LEU B 54 -25.17 -13.75 -11.26
CA LEU B 54 -26.57 -13.42 -11.38
C LEU B 54 -26.72 -12.51 -12.59
N ASP B 55 -27.48 -12.94 -13.59
CA ASP B 55 -27.68 -12.09 -14.76
C ASP B 55 -28.90 -11.23 -14.55
N LEU B 56 -28.71 -9.91 -14.39
CA LEU B 56 -29.88 -9.04 -14.21
C LEU B 56 -30.62 -8.71 -15.52
N ILE B 57 -30.18 -9.32 -16.62
CA ILE B 57 -30.77 -9.05 -17.93
C ILE B 57 -30.68 -7.53 -18.22
N ASP B 58 -31.81 -6.85 -18.27
CA ASP B 58 -31.83 -5.40 -18.52
C ASP B 58 -32.39 -4.57 -17.35
N CYS B 59 -32.31 -5.13 -16.14
CA CYS B 59 -32.77 -4.43 -14.94
C CYS B 59 -31.62 -3.97 -14.06
N SER B 60 -31.85 -2.92 -13.28
CA SER B 60 -30.88 -2.56 -12.24
C SER B 60 -31.10 -3.43 -10.99
N LEU B 61 -30.09 -3.52 -10.12
CA LEU B 61 -30.19 -4.30 -8.90
C LEU B 61 -31.39 -3.91 -8.03
N PRO B 62 -31.57 -2.60 -7.75
CA PRO B 62 -32.78 -2.28 -6.99
C PRO B 62 -34.08 -2.65 -7.68
N ALA B 63 -34.15 -2.50 -9.00
CA ALA B 63 -35.40 -2.88 -9.69
C ALA B 63 -35.62 -4.39 -9.57
N TRP B 64 -34.56 -5.18 -9.71
CA TRP B 64 -34.72 -6.63 -9.62
C TRP B 64 -35.09 -7.06 -8.18
N LEU B 65 -34.40 -6.50 -7.17
CA LEU B 65 -34.68 -6.83 -5.77
C LEU B 65 -36.13 -6.50 -5.40
N MET B 66 -36.56 -5.30 -5.76
CA MET B 66 -37.90 -4.85 -5.36
C MET B 66 -39.00 -5.45 -6.21
N GLY B 67 -38.65 -5.98 -7.38
CA GLY B 67 -39.61 -6.69 -8.19
C GLY B 67 -40.39 -5.84 -9.19
N ASN B 68 -39.72 -4.85 -9.78
CA ASN B 68 -40.26 -4.13 -10.93
C ASN B 68 -40.88 -5.15 -11.87
N PRO B 69 -42.14 -4.92 -12.25
CA PRO B 69 -42.90 -5.94 -12.99
C PRO B 69 -42.31 -6.29 -14.34
N LYS B 70 -41.46 -5.42 -14.89
CA LYS B 70 -40.78 -5.72 -16.14
C LYS B 70 -39.54 -6.60 -15.96
N CYS B 71 -39.12 -6.83 -14.71
CA CYS B 71 -37.98 -7.72 -14.44
C CYS B 71 -38.42 -9.12 -14.04
N ASP B 72 -37.62 -10.12 -14.40
CA ASP B 72 -37.90 -11.51 -14.05
C ASP B 72 -37.95 -11.74 -12.53
N GLU B 73 -38.89 -12.55 -12.09
CA GLU B 73 -39.03 -12.88 -10.68
C GLU B 73 -38.11 -14.04 -10.32
N LEU B 74 -37.55 -14.01 -9.12
CA LEU B 74 -36.78 -15.16 -8.63
C LEU B 74 -37.73 -16.25 -8.13
N LEU B 75 -37.92 -17.30 -8.93
CA LEU B 75 -38.90 -18.34 -8.59
C LEU B 75 -38.37 -19.41 -7.63
N THR B 76 -37.09 -19.72 -7.75
CA THR B 76 -36.51 -20.77 -6.92
C THR B 76 -35.28 -20.24 -6.18
N ALA B 77 -34.90 -20.92 -5.10
CA ALA B 77 -33.69 -20.56 -4.36
C ALA B 77 -32.50 -20.65 -5.28
N SER B 78 -31.55 -19.72 -5.12
CA SER B 78 -30.39 -19.72 -6.00
C SER B 78 -29.16 -19.24 -5.25
N GLU B 79 -28.12 -18.90 -6.01
CA GLU B 79 -26.87 -18.40 -5.48
C GLU B 79 -26.07 -17.84 -6.63
N TRP B 80 -25.03 -17.07 -6.32
CA TRP B 80 -24.19 -16.52 -7.39
C TRP B 80 -22.86 -15.96 -6.86
N ALA B 81 -21.89 -15.85 -7.77
CA ALA B 81 -20.55 -15.43 -7.39
C ALA B 81 -20.38 -13.93 -7.58
N TYR B 82 -21.12 -13.35 -8.51
CA TYR B 82 -21.10 -11.90 -8.71
C TYR B 82 -22.37 -11.48 -9.42
N ILE B 83 -22.57 -10.17 -9.55
CA ILE B 83 -23.78 -9.66 -10.20
C ILE B 83 -23.38 -9.01 -11.52
N LYS B 84 -24.09 -9.34 -12.60
CA LYS B 84 -23.82 -8.74 -13.91
C LYS B 84 -24.96 -7.78 -14.27
N GLU B 85 -24.63 -6.50 -14.41
CA GLU B 85 -25.61 -5.46 -14.69
C GLU B 85 -25.20 -4.72 -15.97
N ASP B 86 -26.17 -4.34 -16.80
CA ASP B 86 -25.90 -3.50 -17.97
C ASP B 86 -25.39 -2.15 -17.49
N PRO B 87 -24.59 -1.45 -18.32
CA PRO B 87 -24.04 -0.16 -17.87
C PRO B 87 -25.13 0.87 -17.60
N GLU B 88 -26.19 0.82 -18.40
CA GLU B 88 -27.34 1.72 -18.20
C GLU B 88 -28.65 0.95 -18.34
N PRO B 89 -29.09 0.33 -17.24
CA PRO B 89 -30.23 -0.59 -17.33
C PRO B 89 -31.50 0.08 -17.85
N GLU B 90 -32.18 -0.61 -18.76
CA GLU B 90 -33.47 -0.15 -19.29
C GLU B 90 -34.49 -0.01 -18.14
N ASN B 91 -34.51 -0.98 -17.23
CA ASN B 91 -35.49 -1.01 -16.15
C ASN B 91 -34.89 -0.72 -14.79
N GLY B 92 -35.22 0.44 -14.23
CA GLY B 92 -34.71 0.80 -12.93
C GLY B 92 -35.87 1.13 -12.00
N ILE B 93 -35.65 2.10 -11.12
CA ILE B 93 -36.66 2.51 -10.17
C ILE B 93 -37.80 3.21 -10.93
N CYS B 94 -39.01 2.67 -10.87
CA CYS B 94 -40.10 3.25 -11.67
C CYS B 94 -40.91 4.34 -10.94
N PHE B 95 -41.30 4.10 -9.69
CA PHE B 95 -41.87 5.19 -8.91
C PHE B 95 -40.72 6.02 -8.35
N PRO B 96 -40.61 7.30 -8.78
CA PRO B 96 -39.44 8.11 -8.41
C PRO B 96 -39.25 8.27 -6.91
N GLY B 97 -37.98 8.21 -6.51
CA GLY B 97 -37.56 8.33 -5.13
C GLY B 97 -36.14 7.80 -5.06
N ASP B 98 -35.46 7.98 -3.92
CA ASP B 98 -34.09 7.52 -3.77
C ASP B 98 -34.07 6.14 -3.12
N PHE B 99 -33.13 5.31 -3.54
CA PHE B 99 -32.94 4.02 -2.91
C PHE B 99 -31.79 4.19 -1.93
N ASP B 100 -32.07 4.09 -0.64
CA ASP B 100 -31.09 4.40 0.40
C ASP B 100 -29.95 3.36 0.51
N SER B 101 -28.73 3.85 0.64
CA SER B 101 -27.56 3.01 0.94
C SER B 101 -27.35 1.82 0.01
N LEU B 102 -27.41 2.03 -1.30
CA LEU B 102 -27.23 0.94 -2.25
C LEU B 102 -25.81 0.36 -2.16
N GLU B 103 -24.82 1.21 -1.92
CA GLU B 103 -23.44 0.75 -1.84
C GLU B 103 -23.23 -0.26 -0.70
N ASP B 104 -23.80 0.02 0.47
CA ASP B 104 -23.70 -0.93 1.57
C ASP B 104 -24.44 -2.23 1.24
N LEU B 105 -25.52 -2.16 0.47
CA LEU B 105 -26.30 -3.39 0.17
C LEU B 105 -25.51 -4.33 -0.74
N ILE B 106 -24.77 -3.75 -1.69
CA ILE B 106 -23.96 -4.54 -2.62
C ILE B 106 -22.93 -5.42 -1.91
N LEU B 107 -22.33 -4.88 -0.85
CA LEU B 107 -21.36 -5.66 -0.08
C LEU B 107 -22.01 -6.93 0.47
N LEU B 108 -23.30 -6.84 0.81
CA LEU B 108 -24.00 -7.99 1.41
C LEU B 108 -24.48 -9.03 0.40
N VAL B 109 -24.89 -8.60 -0.79
CA VAL B 109 -25.53 -9.54 -1.73
C VAL B 109 -24.79 -9.83 -3.03
N SER B 110 -23.55 -9.39 -3.18
CA SER B 110 -22.87 -9.56 -4.46
C SER B 110 -22.35 -10.99 -4.65
N ASN B 111 -22.07 -11.67 -3.54
CA ASN B 111 -21.60 -13.07 -3.58
C ASN B 111 -22.36 -13.85 -2.50
N THR B 112 -23.31 -14.69 -2.93
CA THR B 112 -24.17 -15.40 -1.99
C THR B 112 -24.15 -16.91 -2.21
N ASP B 113 -24.28 -17.66 -1.11
CA ASP B 113 -24.40 -19.11 -1.19
C ASP B 113 -25.86 -19.54 -1.20
N HIS B 114 -26.75 -18.61 -0.89
CA HIS B 114 -28.18 -18.93 -0.92
C HIS B 114 -28.97 -17.64 -1.05
N PHE B 115 -30.06 -17.68 -1.82
CA PHE B 115 -30.91 -16.51 -2.00
C PHE B 115 -32.29 -17.01 -2.39
N ARG B 116 -33.29 -16.70 -1.56
CA ARG B 116 -34.61 -17.27 -1.72
C ARG B 116 -35.66 -16.25 -1.28
N LYS B 117 -36.62 -16.00 -2.17
CA LYS B 117 -37.70 -15.07 -1.89
C LYS B 117 -38.79 -15.81 -1.13
N GLU B 118 -39.39 -15.15 -0.15
CA GLU B 118 -40.50 -15.71 0.63
C GLU B 118 -41.42 -14.59 1.04
N LYS B 119 -42.72 -14.90 1.07
CA LYS B 119 -43.72 -13.97 1.55
C LYS B 119 -43.61 -13.80 3.06
N ILE B 120 -43.45 -12.57 3.53
CA ILE B 120 -43.20 -12.28 4.93
C ILE B 120 -44.48 -11.84 5.66
N ILE B 121 -45.32 -11.09 4.96
CA ILE B 121 -46.51 -10.49 5.57
C ILE B 121 -47.81 -10.86 4.86
N ASP B 122 -48.78 -11.36 5.62
CA ASP B 122 -50.13 -11.57 5.10
C ASP B 122 -50.90 -10.24 5.16
N MET B 123 -50.94 -9.53 4.04
CA MET B 123 -51.58 -8.22 3.96
C MET B 123 -53.12 -8.24 4.13
N THR B 124 -53.72 -9.43 4.18
CA THR B 124 -55.16 -9.55 4.48
C THR B 124 -55.46 -9.32 5.96
N ARG B 125 -54.44 -9.43 6.80
CA ARG B 125 -54.56 -9.18 8.23
C ARG B 125 -54.98 -7.75 8.59
N PHE B 126 -54.90 -6.82 7.65
CA PHE B 126 -55.22 -5.44 7.96
C PHE B 126 -56.64 -5.12 7.52
N SER B 127 -57.34 -4.29 8.28
CA SER B 127 -58.72 -3.94 7.94
C SER B 127 -58.89 -2.43 7.79
N ASP B 128 -59.94 -2.05 7.06
CA ASP B 128 -60.29 -0.65 6.85
C ASP B 128 -59.20 0.06 6.06
N VAL B 129 -58.67 -0.63 5.07
CA VAL B 129 -57.50 -0.15 4.36
C VAL B 129 -57.46 -0.86 3.01
N THR B 130 -56.87 -0.23 1.99
CA THR B 130 -56.67 -0.91 0.71
C THR B 130 -55.20 -1.34 0.54
N THR B 131 -55.00 -2.48 -0.11
CA THR B 131 -53.66 -3.03 -0.33
C THR B 131 -53.44 -3.33 -1.80
N ASN B 132 -52.21 -3.68 -2.16
CA ASN B 132 -51.87 -4.03 -3.54
C ASN B 132 -52.16 -2.88 -4.49
N ASN B 133 -52.00 -1.66 -4.00
CA ASN B 133 -52.24 -0.49 -4.84
C ASN B 133 -51.24 -0.38 -5.98
N VAL B 134 -51.61 0.42 -6.97
CA VAL B 134 -50.98 0.31 -8.26
C VAL B 134 -50.73 1.70 -8.86
N ASP B 135 -49.82 1.82 -9.84
CA ASP B 135 -49.52 3.14 -10.41
C ASP B 135 -49.08 3.07 -11.86
N SER B 136 -49.47 4.08 -12.63
CA SER B 136 -49.19 4.06 -14.06
C SER B 136 -47.71 4.23 -14.37
N ALA B 137 -46.92 4.69 -13.39
CA ALA B 137 -45.48 4.81 -13.58
C ALA B 137 -44.75 3.47 -13.46
N CYS B 138 -45.44 2.43 -12.99
CA CYS B 138 -44.84 1.10 -12.89
C CYS B 138 -45.66 0.06 -13.65
N PRO B 139 -45.66 0.14 -14.99
CA PRO B 139 -46.53 -0.77 -15.75
C PRO B 139 -45.93 -2.15 -15.95
N TYR B 140 -46.75 -3.16 -16.18
CA TYR B 140 -46.24 -4.45 -16.61
C TYR B 140 -46.09 -4.43 -18.12
N ASP B 141 -46.90 -3.58 -18.76
CA ASP B 141 -46.69 -3.18 -20.15
C ASP B 141 -47.50 -1.93 -20.43
N THR B 142 -47.37 -1.39 -21.64
CA THR B 142 -47.88 -0.06 -21.95
C THR B 142 -49.34 0.07 -21.53
N ASN B 143 -49.62 1.09 -20.71
CA ASN B 143 -50.97 1.35 -20.20
C ASN B 143 -51.44 0.40 -19.11
N GLY B 144 -50.63 -0.59 -18.79
CA GLY B 144 -51.01 -1.55 -17.78
C GLY B 144 -50.44 -1.24 -16.41
N ALA B 145 -51.16 -0.41 -15.64
CA ALA B 145 -50.72 0.01 -14.29
C ALA B 145 -50.46 -1.16 -13.34
N SER B 146 -49.32 -1.13 -12.65
CA SER B 146 -48.95 -2.19 -11.72
C SER B 146 -48.05 -1.65 -10.60
N PHE B 147 -47.25 -2.52 -9.96
CA PHE B 147 -46.38 -2.09 -8.87
C PHE B 147 -45.32 -3.15 -8.59
N TYR B 148 -44.30 -2.77 -7.79
CA TYR B 148 -43.26 -3.71 -7.40
C TYR B 148 -43.89 -4.97 -6.84
N ARG B 149 -43.42 -6.14 -7.26
CA ARG B 149 -44.00 -7.40 -6.78
C ARG B 149 -43.80 -7.56 -5.28
N ASN B 150 -42.67 -7.10 -4.75
CA ASN B 150 -42.30 -7.41 -3.36
C ASN B 150 -42.80 -6.39 -2.34
N LEU B 151 -43.19 -5.22 -2.82
CA LEU B 151 -43.53 -4.11 -1.96
C LEU B 151 -45.02 -3.81 -2.09
N ASN B 152 -45.73 -3.75 -0.96
CA ASN B 152 -47.20 -3.61 -0.99
C ASN B 152 -47.64 -2.22 -0.54
N TRP B 153 -48.19 -1.45 -1.48
CA TRP B 153 -48.59 -0.07 -1.21
C TRP B 153 -49.97 -0.02 -0.54
N VAL B 154 -49.99 0.42 0.72
CA VAL B 154 -51.22 0.50 1.51
C VAL B 154 -51.75 1.92 1.55
N GLN B 155 -53.05 2.08 1.26
CA GLN B 155 -53.68 3.41 1.23
C GLN B 155 -54.95 3.45 2.09
N GLN B 156 -55.50 4.65 2.25
CA GLN B 156 -56.74 4.86 3.01
C GLN B 156 -56.65 4.50 4.50
N ASN B 157 -55.50 4.73 5.11
CA ASN B 157 -55.34 4.53 6.55
C ASN B 157 -56.31 5.36 7.39
N LYS B 158 -56.58 6.59 6.93
CA LYS B 158 -57.42 7.54 7.67
C LYS B 158 -56.88 7.78 9.09
N GLY B 159 -55.57 7.67 9.24
CA GLY B 159 -54.92 7.95 10.51
C GLY B 159 -54.86 6.74 11.42
N LYS B 160 -55.46 5.63 10.99
CA LYS B 160 -55.48 4.42 11.80
C LYS B 160 -54.09 3.79 11.87
N GLN B 161 -53.75 3.30 13.05
CA GLN B 161 -52.44 2.71 13.29
C GLN B 161 -52.43 1.21 12.99
N LEU B 162 -51.60 0.80 12.03
CA LEU B 162 -51.44 -0.62 11.73
C LEU B 162 -50.23 -1.15 12.47
N ILE B 163 -50.32 -2.40 12.95
CA ILE B 163 -49.26 -3.00 13.77
C ILE B 163 -48.87 -4.38 13.26
N PHE B 164 -47.58 -4.65 13.15
CA PHE B 164 -47.12 -5.95 12.65
C PHE B 164 -45.83 -6.42 13.32
N HIS B 165 -45.70 -7.73 13.54
CA HIS B 165 -44.51 -8.28 14.16
C HIS B 165 -44.09 -9.57 13.45
N TYR B 166 -42.77 -9.79 13.36
CA TYR B 166 -42.23 -10.96 12.67
C TYR B 166 -40.98 -11.48 13.36
N GLN B 167 -40.83 -12.79 13.40
CA GLN B 167 -39.69 -13.39 14.04
C GLN B 167 -38.90 -14.22 13.03
N ASN B 168 -37.62 -13.91 12.86
CA ASN B 168 -36.82 -14.69 11.93
C ASN B 168 -36.39 -16.00 12.56
N SER B 169 -37.09 -17.08 12.21
CA SER B 169 -36.80 -18.39 12.80
C SER B 169 -35.87 -19.27 11.94
N GLU B 170 -35.31 -18.70 10.87
CA GLU B 170 -34.34 -19.46 10.07
C GLU B 170 -32.93 -19.22 10.56
N ASN B 171 -31.99 -19.98 10.01
CA ASN B 171 -30.58 -19.74 10.25
C ASN B 171 -29.96 -18.76 9.25
N ASN B 172 -30.78 -18.17 8.38
CA ASN B 172 -30.32 -17.22 7.37
C ASN B 172 -30.81 -15.80 7.66
N PRO B 173 -29.96 -14.81 7.49
CA PRO B 173 -30.46 -13.43 7.60
C PRO B 173 -31.56 -13.16 6.58
N LEU B 174 -32.44 -12.22 6.90
CA LEU B 174 -33.57 -11.89 6.05
C LEU B 174 -33.45 -10.44 5.59
N LEU B 175 -33.37 -10.23 4.27
CA LEU B 175 -33.39 -8.87 3.72
C LEU B 175 -34.82 -8.40 3.44
N ILE B 176 -35.19 -7.25 4.03
CA ILE B 176 -36.46 -6.60 3.70
C ILE B 176 -36.28 -5.17 3.19
N ILE B 177 -37.13 -4.78 2.24
CA ILE B 177 -37.06 -3.46 1.60
C ILE B 177 -38.45 -2.85 1.66
N TRP B 178 -38.52 -1.59 2.08
CA TRP B 178 -39.81 -0.90 2.20
C TRP B 178 -39.76 0.51 1.59
N GLY B 179 -40.89 1.19 1.57
CA GLY B 179 -40.95 2.54 0.98
C GLY B 179 -41.73 3.53 1.83
N VAL B 180 -41.34 4.80 1.81
CA VAL B 180 -42.16 5.82 2.45
C VAL B 180 -42.58 6.99 1.55
N HIS B 181 -43.89 7.24 1.55
CA HIS B 181 -44.51 8.16 0.62
C HIS B 181 -44.43 9.60 1.13
N GLN B 182 -43.69 10.43 0.41
CA GLN B 182 -43.72 11.89 0.59
C GLN B 182 -44.73 12.50 -0.39
N THR B 183 -45.88 12.91 0.12
CA THR B 183 -46.91 13.50 -0.73
C THR B 183 -46.59 14.97 -1.07
N SER B 184 -47.20 15.47 -2.14
CA SER B 184 -46.91 16.80 -2.68
C SER B 184 -47.58 17.96 -1.93
N ASN B 185 -48.81 17.73 -1.48
CA ASN B 185 -49.62 18.76 -0.83
C ASN B 185 -50.74 18.10 -0.04
N ALA B 186 -51.41 18.89 0.81
CA ALA B 186 -52.47 18.38 1.67
C ALA B 186 -53.59 17.67 0.90
N ALA B 187 -53.92 18.20 -0.27
CA ALA B 187 -54.98 17.62 -1.08
C ALA B 187 -54.59 16.20 -1.53
N GLU B 188 -53.37 16.03 -2.02
CA GLU B 188 -52.86 14.70 -2.38
C GLU B 188 -52.82 13.78 -1.16
N GLN B 189 -52.41 14.33 -0.02
CA GLN B 189 -52.38 13.55 1.22
C GLN B 189 -53.78 13.05 1.55
N ASN B 190 -54.78 13.85 1.22
CA ASN B 190 -56.15 13.50 1.47
C ASN B 190 -56.67 12.36 0.59
N THR B 191 -56.47 12.46 -0.73
CA THR B 191 -57.01 11.43 -1.63
C THR B 191 -56.36 10.07 -1.42
N TYR B 192 -55.09 10.06 -1.06
CA TYR B 192 -54.41 8.79 -0.81
C TYR B 192 -54.70 8.20 0.58
N TYR B 193 -54.74 9.02 1.61
CA TYR B 193 -54.76 8.48 2.97
C TYR B 193 -56.00 8.88 3.81
N GLY B 194 -56.63 9.99 3.46
CA GLY B 194 -57.86 10.41 4.12
C GLY B 194 -57.61 11.07 5.47
N SER B 195 -56.36 11.48 5.68
CA SER B 195 -55.97 12.12 6.94
C SER B 195 -54.65 12.85 6.79
N GLN B 196 -54.46 13.91 7.58
CA GLN B 196 -53.22 14.70 7.52
C GLN B 196 -52.17 14.15 8.49
N THR B 197 -52.19 12.83 8.64
CA THR B 197 -51.19 12.13 9.40
C THR B 197 -50.76 10.95 8.54
N GLY B 198 -49.66 10.31 8.89
CA GLY B 198 -49.15 9.21 8.08
C GLY B 198 -47.67 9.03 8.37
N SER B 199 -47.38 8.38 9.49
CA SER B 199 -46.02 8.24 9.97
C SER B 199 -45.76 6.77 10.26
N THR B 200 -44.50 6.34 10.14
CA THR B 200 -44.18 4.93 10.35
C THR B 200 -42.89 4.75 11.16
N THR B 201 -42.92 3.78 12.08
CA THR B 201 -41.74 3.38 12.81
C THR B 201 -41.48 1.92 12.51
N ILE B 202 -40.26 1.60 12.08
CA ILE B 202 -39.92 0.22 11.85
C ILE B 202 -38.71 -0.15 12.67
N THR B 203 -38.85 -1.23 13.42
CA THR B 203 -37.84 -1.62 14.37
C THR B 203 -37.27 -2.95 13.94
N ILE B 204 -35.94 -3.04 13.91
CA ILE B 204 -35.28 -4.28 13.56
C ILE B 204 -34.25 -4.53 14.63
N GLY B 205 -34.41 -5.64 15.35
CA GLY B 205 -33.57 -5.90 16.51
C GLY B 205 -33.73 -4.76 17.52
N GLU B 206 -32.59 -4.21 17.94
CA GLU B 206 -32.55 -3.08 18.87
C GLU B 206 -32.72 -1.72 18.17
N GLU B 207 -32.77 -1.73 16.84
CA GLU B 207 -32.71 -0.48 16.06
C GLU B 207 -34.07 0.05 15.64
N THR B 208 -34.28 1.35 15.86
CA THR B 208 -35.55 2.01 15.53
C THR B 208 -35.40 2.96 14.36
N ASN B 209 -36.24 2.82 13.33
CA ASN B 209 -36.26 3.79 12.24
C ASN B 209 -37.62 4.48 12.15
N THR B 210 -37.62 5.79 12.33
CA THR B 210 -38.87 6.55 12.32
C THR B 210 -38.99 7.45 11.09
N TYR B 211 -40.15 7.38 10.43
CA TYR B 211 -40.39 8.15 9.23
C TYR B 211 -41.64 9.01 9.42
N PRO B 212 -41.47 10.22 9.97
CA PRO B 212 -42.60 11.14 10.13
C PRO B 212 -43.17 11.60 8.79
N LEU B 213 -44.45 11.99 8.82
CA LEU B 213 -45.10 12.56 7.64
C LEU B 213 -44.38 13.78 7.09
N VAL B 214 -44.02 13.72 5.81
CA VAL B 214 -43.45 14.84 5.09
C VAL B 214 -44.31 15.17 3.88
N ILE B 215 -44.90 16.37 3.91
CA ILE B 215 -45.69 16.88 2.80
C ILE B 215 -44.94 18.04 2.17
N SER B 216 -44.50 17.85 0.92
CA SER B 216 -43.65 18.85 0.26
C SER B 216 -43.54 18.55 -1.24
N GLU B 217 -43.73 19.58 -2.04
CA GLU B 217 -43.75 19.46 -3.49
C GLU B 217 -42.33 19.29 -4.06
N SER B 218 -42.19 18.43 -5.07
CA SER B 218 -40.93 18.31 -5.80
C SER B 218 -41.22 18.48 -7.28
N SER B 219 -40.15 18.62 -8.08
CA SER B 219 -40.29 18.66 -9.53
C SER B 219 -40.94 17.38 -10.03
N ILE B 220 -41.67 17.48 -11.15
CA ILE B 220 -42.34 16.32 -11.71
C ILE B 220 -41.32 15.41 -12.38
N LEU B 221 -41.35 14.12 -12.03
CA LEU B 221 -40.50 13.11 -12.65
C LEU B 221 -41.39 11.94 -13.05
N ASN B 222 -41.39 11.61 -14.33
CA ASN B 222 -42.31 10.60 -14.89
C ASN B 222 -43.73 10.70 -14.32
N GLY B 223 -44.31 11.91 -14.38
CA GLY B 223 -45.69 12.10 -13.98
C GLY B 223 -45.90 12.36 -12.50
N HIS B 224 -44.82 12.35 -11.73
CA HIS B 224 -44.96 12.44 -10.28
C HIS B 224 -44.23 13.63 -9.64
N SER B 225 -44.97 14.41 -8.85
CA SER B 225 -44.35 15.47 -8.05
C SER B 225 -44.16 14.98 -6.62
N ASP B 226 -44.82 13.86 -6.30
CA ASP B 226 -44.57 13.14 -5.04
C ASP B 226 -43.39 12.17 -5.17
N ARG B 227 -42.99 11.57 -4.06
CA ARG B 227 -41.88 10.60 -4.06
C ARG B 227 -42.17 9.40 -3.13
N ILE B 228 -41.69 8.23 -3.52
CA ILE B 228 -41.60 7.11 -2.60
C ILE B 228 -40.12 6.80 -2.44
N ASN B 229 -39.58 7.13 -1.27
CA ASN B 229 -38.19 6.83 -0.98
C ASN B 229 -38.04 5.45 -0.38
N TYR B 230 -37.00 4.74 -0.79
CA TYR B 230 -36.84 3.34 -0.41
C TYR B 230 -35.76 3.13 0.63
N PHE B 231 -35.99 2.16 1.51
CA PHE B 231 -35.03 1.83 2.57
C PHE B 231 -34.98 0.32 2.76
N TRP B 232 -33.94 -0.17 3.39
CA TRP B 232 -33.80 -1.61 3.58
C TRP B 232 -33.15 -1.93 4.92
N GLY B 233 -33.34 -3.16 5.39
CA GLY B 233 -32.68 -3.63 6.60
C GLY B 233 -32.54 -5.14 6.59
N VAL B 234 -31.75 -5.65 7.53
CA VAL B 234 -31.47 -7.08 7.62
C VAL B 234 -31.88 -7.58 9.00
N VAL B 235 -32.81 -8.54 9.01
CA VAL B 235 -33.23 -9.17 10.25
C VAL B 235 -32.38 -10.44 10.47
N ASN B 236 -31.46 -10.38 11.44
CA ASN B 236 -30.58 -11.53 11.67
C ASN B 236 -31.35 -12.76 12.16
N PRO B 237 -30.74 -13.97 12.03
CA PRO B 237 -31.34 -15.18 12.59
C PRO B 237 -31.66 -14.98 14.06
N ASN B 238 -32.85 -15.40 14.49
CA ASN B 238 -33.33 -15.21 15.87
C ASN B 238 -33.54 -13.76 16.29
N GLN B 239 -33.74 -12.87 15.31
CA GLN B 239 -34.06 -11.47 15.56
C GLN B 239 -35.47 -11.19 15.07
N ASN B 240 -36.08 -10.12 15.57
CA ASN B 240 -37.44 -9.78 15.16
C ASN B 240 -37.46 -8.40 14.51
N PHE B 241 -38.50 -8.14 13.74
CA PHE B 241 -38.77 -6.79 13.30
C PHE B 241 -40.23 -6.48 13.54
N SER B 242 -40.55 -5.19 13.64
CA SER B 242 -41.93 -4.79 13.82
C SER B 242 -42.18 -3.45 13.16
N ILE B 243 -43.44 -3.20 12.84
CA ILE B 243 -43.83 -2.02 12.11
C ILE B 243 -45.04 -1.39 12.78
N VAL B 244 -45.00 -0.08 12.98
CA VAL B 244 -46.18 0.64 13.42
C VAL B 244 -46.38 1.82 12.45
N SER B 245 -47.51 1.81 11.75
CA SER B 245 -47.75 2.81 10.72
C SER B 245 -49.15 3.40 10.79
N THR B 246 -49.22 4.73 10.63
CA THR B 246 -50.51 5.40 10.52
C THR B 246 -50.80 5.86 9.09
N GLY B 247 -49.86 5.59 8.18
CA GLY B 247 -50.06 5.91 6.77
C GLY B 247 -48.77 6.14 5.99
N ASN B 248 -48.92 6.47 4.71
CA ASN B 248 -47.80 6.83 3.85
C ASN B 248 -46.71 5.76 3.81
N PHE B 249 -47.11 4.50 3.80
CA PHE B 249 -46.13 3.41 3.90
C PHE B 249 -46.33 2.28 2.90
N ILE B 250 -45.20 1.84 2.34
CA ILE B 250 -45.17 0.78 1.34
C ILE B 250 -44.48 -0.39 2.02
N TRP B 251 -45.25 -1.45 2.30
CA TRP B 251 -44.84 -2.54 3.20
C TRP B 251 -43.99 -3.62 2.54
N PRO B 252 -43.08 -4.24 3.32
CA PRO B 252 -42.22 -5.30 2.80
C PRO B 252 -42.91 -6.68 2.82
N GLU B 253 -43.86 -6.88 1.90
CA GLU B 253 -44.67 -8.10 1.88
C GLU B 253 -43.86 -9.35 1.62
N TYR B 254 -42.85 -9.20 0.75
CA TYR B 254 -41.93 -10.30 0.44
C TYR B 254 -40.52 -9.84 0.82
N GLY B 255 -39.67 -10.80 1.15
CA GLY B 255 -38.26 -10.54 1.39
C GLY B 255 -37.38 -11.68 0.90
N TYR B 256 -36.07 -11.56 1.11
CA TYR B 256 -35.15 -12.61 0.71
C TYR B 256 -34.32 -13.15 1.88
N PHE B 257 -34.42 -14.46 2.13
CA PHE B 257 -33.45 -15.10 3.00
C PHE B 257 -32.19 -15.33 2.20
N PHE B 258 -31.05 -15.00 2.79
CA PHE B 258 -29.80 -15.13 2.06
C PHE B 258 -28.69 -15.60 2.97
N GLN B 259 -27.68 -16.22 2.36
CA GLN B 259 -26.55 -16.69 3.12
C GLN B 259 -25.35 -15.91 2.64
N LYS B 260 -24.73 -15.18 3.56
CA LYS B 260 -23.56 -14.38 3.22
C LYS B 260 -22.35 -15.27 2.94
N THR B 261 -21.37 -14.73 2.24
CA THR B 261 -20.09 -15.39 2.06
C THR B 261 -19.00 -14.47 2.59
N THR B 262 -17.78 -14.98 2.67
CA THR B 262 -16.67 -14.17 3.16
C THR B 262 -16.10 -13.29 2.07
N ASN B 263 -16.21 -13.74 0.82
CA ASN B 263 -15.52 -13.07 -0.30
C ASN B 263 -16.42 -12.10 -1.05
N ILE B 264 -16.17 -10.81 -0.86
CA ILE B 264 -17.00 -9.79 -1.48
C ILE B 264 -16.53 -9.54 -2.91
N SER B 265 -17.43 -9.73 -3.87
CA SER B 265 -17.04 -9.55 -5.26
C SER B 265 -17.49 -8.17 -5.73
N GLY B 266 -18.74 -8.07 -6.18
CA GLY B 266 -19.29 -6.78 -6.57
C GLY B 266 -20.12 -6.89 -7.83
N ILE B 267 -20.36 -5.74 -8.47
CA ILE B 267 -21.14 -5.73 -9.70
C ILE B 267 -20.24 -5.52 -10.91
N ILE B 268 -20.34 -6.43 -11.87
CA ILE B 268 -19.61 -6.30 -13.12
C ILE B 268 -20.52 -5.58 -14.14
N LYS B 269 -20.16 -4.37 -14.58
CA LYS B 269 -21.01 -3.58 -15.48
C LYS B 269 -20.61 -3.84 -16.94
N SER B 270 -21.49 -4.48 -17.69
CA SER B 270 -21.20 -4.87 -19.08
C SER B 270 -22.47 -5.24 -19.86
N SER B 271 -22.47 -5.01 -21.17
CA SER B 271 -23.60 -5.40 -22.04
C SER B 271 -23.48 -6.82 -22.57
N GLU B 272 -22.33 -7.46 -22.35
CA GLU B 272 -22.11 -8.80 -22.88
C GLU B 272 -22.97 -9.87 -22.20
N LYS B 273 -23.20 -10.98 -22.89
CA LYS B 273 -23.91 -12.12 -22.34
C LYS B 273 -22.94 -12.89 -21.45
N ILE B 274 -23.47 -13.74 -20.58
CA ILE B 274 -22.64 -14.68 -19.85
C ILE B 274 -22.38 -15.92 -20.70
N SER B 275 -21.11 -16.21 -20.97
CA SER B 275 -20.73 -17.33 -21.85
C SER B 275 -20.54 -18.63 -21.09
N ASP B 276 -20.48 -19.74 -21.82
CA ASP B 276 -20.24 -21.05 -21.26
C ASP B 276 -18.75 -21.25 -21.02
N CYS B 277 -18.25 -20.63 -19.95
CA CYS B 277 -16.84 -20.68 -19.61
C CYS B 277 -16.65 -20.48 -18.10
N ASP B 278 -15.46 -20.83 -17.62
CA ASP B 278 -15.13 -20.80 -16.19
C ASP B 278 -13.75 -20.15 -16.03
N THR B 279 -13.59 -19.30 -15.02
CA THR B 279 -12.34 -18.56 -14.81
C THR B 279 -12.05 -18.39 -13.31
N ILE B 280 -10.80 -18.14 -12.95
CA ILE B 280 -10.50 -17.90 -11.52
C ILE B 280 -10.54 -16.40 -11.19
N CYS B 281 -10.58 -15.56 -12.22
CA CYS B 281 -10.54 -14.10 -12.04
C CYS B 281 -11.36 -13.46 -13.18
N GLN B 282 -12.26 -12.55 -12.84
CA GLN B 282 -13.14 -11.90 -13.84
C GLN B 282 -13.02 -10.37 -13.82
N THR B 283 -12.98 -9.73 -15.00
CA THR B 283 -13.11 -8.27 -15.09
C THR B 283 -14.26 -7.91 -16.03
N LYS B 284 -14.67 -6.66 -16.01
CA LYS B 284 -15.79 -6.22 -16.81
C LYS B 284 -15.48 -6.18 -18.31
N ILE B 285 -14.19 -6.28 -18.66
CA ILE B 285 -13.83 -6.39 -20.08
C ILE B 285 -13.33 -7.79 -20.46
N GLY B 286 -13.36 -8.74 -19.51
CA GLY B 286 -13.00 -10.10 -19.85
C GLY B 286 -12.33 -10.89 -18.74
N ALA B 287 -12.22 -12.19 -18.95
CA ALA B 287 -11.70 -13.07 -17.94
C ALA B 287 -10.18 -13.06 -17.98
N ILE B 288 -9.57 -13.15 -16.80
CA ILE B 288 -8.13 -13.30 -16.66
C ILE B 288 -7.94 -14.68 -16.03
N ASN B 289 -8.03 -15.71 -16.86
CA ASN B 289 -7.95 -17.07 -16.37
C ASN B 289 -6.48 -17.48 -16.35
N SER B 290 -5.73 -16.89 -15.43
CA SER B 290 -4.27 -17.05 -15.39
C SER B 290 -3.74 -17.07 -13.96
N THR B 291 -2.74 -17.92 -13.71
CA THR B 291 -2.01 -17.87 -12.44
C THR B 291 -0.71 -17.07 -12.52
N LEU B 292 -0.49 -16.36 -13.62
CA LEU B 292 0.67 -15.46 -13.68
C LEU B 292 0.50 -14.38 -12.60
N PRO B 293 1.62 -13.89 -12.06
CA PRO B 293 1.52 -13.01 -10.89
C PRO B 293 1.07 -11.58 -11.19
N PHE B 294 1.22 -11.14 -12.44
CA PHE B 294 0.81 -9.78 -12.83
C PHE B 294 -0.07 -9.75 -14.09
N GLN B 295 -0.87 -8.68 -14.22
CA GLN B 295 -1.72 -8.48 -15.40
C GLN B 295 -1.79 -6.98 -15.70
N ASN B 296 -1.90 -6.62 -16.98
CA ASN B 296 -2.01 -5.20 -17.32
C ASN B 296 -3.32 -4.91 -18.03
N ILE B 297 -4.31 -5.78 -17.80
CA ILE B 297 -5.58 -5.73 -18.50
C ILE B 297 -6.60 -4.77 -17.87
N HIS B 298 -6.75 -4.79 -16.55
CA HIS B 298 -7.73 -3.90 -15.92
C HIS B 298 -7.52 -3.67 -14.42
N GLN B 299 -7.63 -2.40 -14.01
CA GLN B 299 -7.47 -2.02 -12.60
C GLN B 299 -8.43 -2.73 -11.65
N ASN B 300 -9.69 -2.91 -12.05
CA ASN B 300 -10.69 -3.55 -11.18
C ASN B 300 -11.00 -4.97 -11.59
N ALA B 301 -11.08 -5.88 -10.62
CA ALA B 301 -11.29 -7.30 -10.94
C ALA B 301 -11.88 -7.99 -9.75
N ILE B 302 -12.25 -9.25 -9.93
CA ILE B 302 -12.78 -10.05 -8.84
C ILE B 302 -12.24 -11.46 -8.88
N GLY B 303 -11.94 -11.98 -7.69
CA GLY B 303 -11.53 -13.37 -7.55
C GLY B 303 -10.08 -13.55 -7.13
N ASP B 304 -9.44 -14.57 -7.69
CA ASP B 304 -8.05 -14.91 -7.38
C ASP B 304 -7.20 -14.36 -8.53
N CYS B 305 -6.74 -13.13 -8.38
CA CYS B 305 -6.25 -12.37 -9.52
C CYS B 305 -4.77 -12.02 -9.43
N PRO B 306 -4.11 -11.84 -10.58
CA PRO B 306 -2.75 -11.30 -10.61
C PRO B 306 -2.82 -9.84 -10.21
N LYS B 307 -1.71 -9.23 -9.76
CA LYS B 307 -1.73 -7.81 -9.42
C LYS B 307 -1.70 -6.93 -10.68
N TYR B 308 -2.49 -5.85 -10.66
CA TYR B 308 -2.54 -4.95 -11.81
C TYR B 308 -1.26 -4.11 -11.88
N VAL B 309 -0.64 -4.06 -13.05
CA VAL B 309 0.55 -3.21 -13.22
C VAL B 309 0.48 -2.44 -14.54
N LYS B 310 1.34 -1.44 -14.70
CA LYS B 310 1.35 -0.62 -15.92
C LYS B 310 2.30 -1.16 -16.99
N ALA B 311 3.08 -2.19 -16.67
CA ALA B 311 4.07 -2.74 -17.62
C ALA B 311 3.46 -3.19 -18.97
N GLN B 312 4.24 -3.03 -20.04
CA GLN B 312 3.87 -3.52 -21.37
C GLN B 312 4.32 -4.95 -21.54
N GLU B 313 5.37 -5.33 -20.82
CA GLU B 313 5.82 -6.72 -20.80
C GLU B 313 6.67 -6.99 -19.59
N LEU B 314 6.75 -8.26 -19.22
CA LEU B 314 7.59 -8.71 -18.12
C LEU B 314 8.04 -10.11 -18.48
N VAL B 315 9.20 -10.21 -19.12
CA VAL B 315 9.70 -11.49 -19.60
C VAL B 315 10.99 -11.90 -18.88
N LEU B 316 10.97 -13.11 -18.32
CA LEU B 316 12.14 -13.68 -17.66
C LEU B 316 12.94 -14.53 -18.63
N ALA B 317 14.27 -14.33 -18.65
CA ALA B 317 15.16 -15.27 -19.33
C ALA B 317 15.09 -16.59 -18.60
N THR B 318 15.03 -17.68 -19.36
CA THR B 318 15.22 -19.00 -18.75
C THR B 318 16.48 -19.62 -19.35
N GLY B 319 16.67 -19.42 -20.65
CA GLY B 319 17.81 -20.00 -21.33
C GLY B 319 19.07 -19.14 -21.38
N LEU B 320 19.94 -19.45 -22.34
CA LEU B 320 21.24 -18.82 -22.46
C LEU B 320 21.23 -17.66 -23.43
N ARG B 321 22.19 -16.75 -23.25
CA ARG B 321 22.56 -15.80 -24.28
C ARG B 321 22.71 -16.55 -25.59
N ASN B 322 21.91 -16.18 -26.59
CA ASN B 322 21.94 -16.83 -27.88
C ASN B 322 22.94 -16.12 -28.78
N ASN B 323 24.22 -16.37 -28.54
CA ASN B 323 25.29 -15.75 -29.32
C ASN B 323 26.17 -16.81 -29.97
N PRO B 324 25.66 -17.45 -31.03
CA PRO B 324 26.37 -18.54 -31.71
C PRO B 324 27.71 -18.10 -32.29
N ILE B 325 28.70 -19.00 -32.26
CA ILE B 325 30.00 -18.75 -32.85
C ILE B 325 29.89 -18.37 -34.32
N LYS B 326 30.51 -17.25 -34.71
CA LYS B 326 30.48 -16.80 -36.10
C LYS B 326 31.23 -17.76 -37.02
N ASP C 5 53.21 -34.93 1.67
CA ASP C 5 52.56 -33.87 2.47
C ASP C 5 51.43 -33.19 1.70
N GLN C 6 50.33 -32.91 2.40
CA GLN C 6 49.18 -32.27 1.79
C GLN C 6 48.63 -31.11 2.61
N ILE C 7 48.06 -30.13 1.90
CA ILE C 7 47.21 -29.12 2.53
C ILE C 7 45.88 -29.00 1.77
N CYS C 8 44.78 -28.98 2.54
CA CYS C 8 43.43 -28.92 1.96
C CYS C 8 42.68 -27.66 2.37
N ILE C 9 41.82 -27.18 1.49
CA ILE C 9 40.95 -26.05 1.82
C ILE C 9 39.54 -26.58 2.03
N GLY C 10 38.86 -26.10 3.08
CA GLY C 10 37.55 -26.63 3.41
C GLY C 10 36.71 -25.72 4.27
N TYR C 11 35.59 -26.23 4.77
CA TYR C 11 34.63 -25.41 5.49
C TYR C 11 33.84 -26.17 6.55
N HIS C 12 33.19 -25.41 7.43
CA HIS C 12 32.55 -25.96 8.62
C HIS C 12 31.29 -26.78 8.33
N SER C 13 31.17 -27.95 8.99
CA SER C 13 29.92 -28.70 9.06
C SER C 13 29.58 -28.96 10.51
N ASN C 14 28.30 -29.18 10.79
CA ASN C 14 27.86 -29.55 12.13
C ASN C 14 26.65 -30.48 12.09
N ASN C 15 26.01 -30.67 13.24
CA ASN C 15 24.87 -31.57 13.36
C ASN C 15 23.52 -30.86 13.30
N SER C 16 23.51 -29.67 12.73
CA SER C 16 22.26 -28.93 12.58
C SER C 16 21.32 -29.69 11.65
N THR C 17 20.02 -29.63 11.95
CA THR C 17 18.99 -30.16 11.07
C THR C 17 18.21 -29.03 10.39
N GLN C 18 18.64 -27.79 10.61
CA GLN C 18 17.96 -26.65 10.00
C GLN C 18 18.07 -26.70 8.47
N THR C 19 16.99 -26.31 7.78
CA THR C 19 17.03 -26.16 6.33
C THR C 19 16.45 -24.80 5.94
N VAL C 20 16.78 -24.34 4.73
CA VAL C 20 16.23 -23.09 4.21
C VAL C 20 15.82 -23.29 2.75
N ASN C 21 15.01 -22.37 2.22
CA ASN C 21 14.67 -22.43 0.80
C ASN C 21 15.37 -21.29 0.11
N THR C 22 15.81 -21.53 -1.11
CA THR C 22 16.36 -20.42 -1.89
C THR C 22 15.57 -20.33 -3.20
N LEU C 23 15.82 -19.28 -3.95
CA LEU C 23 15.16 -19.08 -5.24
C LEU C 23 15.39 -20.26 -6.18
N LEU C 24 16.54 -20.94 -6.03
CA LEU C 24 16.92 -22.02 -6.94
C LEU C 24 16.68 -23.42 -6.40
N GLU C 25 16.65 -23.54 -5.06
CA GLU C 25 16.61 -24.86 -4.41
C GLU C 25 15.72 -24.84 -3.19
N SER C 26 15.10 -25.98 -2.91
CA SER C 26 14.27 -26.11 -1.73
C SER C 26 14.91 -27.02 -0.70
N ASN C 27 14.62 -26.73 0.58
CA ASN C 27 15.03 -27.56 1.71
C ASN C 27 16.52 -27.87 1.74
N VAL C 28 17.34 -26.82 1.65
CA VAL C 28 18.78 -26.96 1.72
C VAL C 28 19.26 -26.98 3.17
N PRO C 29 19.94 -28.05 3.59
CA PRO C 29 20.47 -28.11 4.96
C PRO C 29 21.59 -27.08 5.15
N VAL C 30 21.56 -26.36 6.26
CA VAL C 30 22.54 -25.30 6.54
C VAL C 30 23.03 -25.41 7.99
N THR C 31 24.22 -24.86 8.27
CA THR C 31 24.82 -25.02 9.60
C THR C 31 24.21 -24.06 10.61
N SER C 32 23.59 -22.99 10.11
CA SER C 32 22.89 -22.05 10.99
C SER C 32 21.96 -21.15 10.16
N SER C 33 20.94 -20.62 10.80
CA SER C 33 19.99 -19.76 10.14
C SER C 33 19.33 -18.87 11.18
N HIS C 34 18.56 -17.88 10.73
CA HIS C 34 17.97 -16.91 11.64
C HIS C 34 16.59 -16.50 11.14
N SER C 35 15.58 -16.63 11.99
CA SER C 35 14.22 -16.31 11.58
C SER C 35 13.98 -14.80 11.61
N ILE C 36 13.29 -14.26 10.61
CA ILE C 36 12.91 -12.84 10.67
C ILE C 36 11.39 -12.65 10.77
N LEU C 37 10.70 -13.72 11.17
CA LEU C 37 9.26 -13.70 11.32
C LEU C 37 8.90 -14.00 12.77
N GLU C 38 8.28 -13.04 13.45
CA GLU C 38 7.78 -13.29 14.79
C GLU C 38 6.47 -14.08 14.70
N LYS C 39 6.41 -15.26 15.33
CA LYS C 39 5.27 -16.16 15.21
C LYS C 39 4.62 -16.54 16.55
N GLU C 40 5.17 -16.03 17.64
CA GLU C 40 4.80 -16.52 18.98
C GLU C 40 3.49 -15.93 19.53
N HIS C 41 2.52 -16.78 19.83
CA HIS C 41 1.34 -16.34 20.57
C HIS C 41 1.61 -16.55 22.05
N ASN C 42 1.36 -15.53 22.87
CA ASN C 42 1.53 -15.65 24.31
C ASN C 42 0.26 -15.23 25.05
N GLY C 43 -0.66 -14.56 24.35
CA GLY C 43 -1.94 -14.18 24.92
C GLY C 43 -1.91 -13.12 26.01
N LEU C 44 -0.75 -12.51 26.25
CA LEU C 44 -0.61 -11.52 27.31
C LEU C 44 -1.04 -10.11 26.89
N LEU C 45 -1.67 -9.39 27.81
CA LEU C 45 -1.95 -7.97 27.63
C LEU C 45 -0.99 -7.20 28.54
N CYS C 46 -0.19 -6.32 27.96
CA CYS C 46 0.88 -5.66 28.73
C CYS C 46 0.76 -4.14 28.72
N LYS C 47 1.68 -3.49 29.42
CA LYS C 47 1.91 -2.05 29.23
C LYS C 47 2.56 -1.84 27.87
N LEU C 48 2.41 -0.65 27.32
CA LEU C 48 3.00 -0.33 26.01
C LEU C 48 4.06 0.73 26.21
N LYS C 49 5.32 0.33 26.01
CA LYS C 49 6.47 1.20 26.27
C LYS C 49 6.43 1.80 27.68
N GLY C 50 6.24 0.94 28.68
CA GLY C 50 6.18 1.38 30.07
C GLY C 50 4.91 2.11 30.47
N LYS C 51 3.97 2.27 29.56
CA LYS C 51 2.74 3.01 29.88
C LYS C 51 1.53 2.07 30.00
N ALA C 52 0.83 2.13 31.13
CA ALA C 52 -0.25 1.20 31.39
C ALA C 52 -1.49 1.49 30.54
N PRO C 53 -2.27 0.45 30.23
CA PRO C 53 -3.54 0.70 29.54
C PRO C 53 -4.66 0.99 30.53
N LEU C 54 -5.75 1.56 30.03
CA LEU C 54 -6.96 1.72 30.82
C LEU C 54 -7.78 0.42 30.75
N ASP C 55 -8.00 -0.19 31.90
CA ASP C 55 -8.79 -1.44 31.97
C ASP C 55 -10.22 -1.13 32.40
N LEU C 56 -11.16 -1.28 31.47
CA LEU C 56 -12.56 -0.95 31.72
C LEU C 56 -13.26 -2.06 32.51
N ILE C 57 -12.53 -3.13 32.82
CA ILE C 57 -13.09 -4.31 33.49
C ILE C 57 -14.30 -4.82 32.70
N ASP C 58 -15.48 -4.75 33.31
CA ASP C 58 -16.71 -5.24 32.66
C ASP C 58 -17.59 -4.11 32.12
N CYS C 59 -17.00 -2.94 31.86
CA CYS C 59 -17.77 -1.80 31.38
C CYS C 59 -17.40 -1.47 29.93
N SER C 60 -18.34 -0.88 29.20
CA SER C 60 -18.03 -0.33 27.88
C SER C 60 -17.44 1.07 28.08
N LEU C 61 -16.71 1.58 27.07
CA LEU C 61 -16.16 2.93 27.14
C LEU C 61 -17.21 4.05 27.40
N PRO C 62 -18.34 4.04 26.68
CA PRO C 62 -19.34 5.05 27.02
C PRO C 62 -19.85 4.94 28.46
N ALA C 63 -20.08 3.72 28.94
CA ALA C 63 -20.52 3.53 30.33
C ALA C 63 -19.50 4.08 31.34
N TRP C 64 -18.22 3.84 31.07
CA TRP C 64 -17.18 4.32 31.96
C TRP C 64 -17.12 5.85 31.93
N LEU C 65 -17.17 6.43 30.73
CA LEU C 65 -17.06 7.88 30.59
C LEU C 65 -18.22 8.62 31.25
N MET C 66 -19.45 8.17 31.03
CA MET C 66 -20.62 8.85 31.59
C MET C 66 -20.85 8.53 33.06
N GLY C 67 -20.18 7.49 33.56
CA GLY C 67 -20.30 7.11 34.96
C GLY C 67 -21.48 6.20 35.33
N ASN C 68 -21.74 5.17 34.53
CA ASN C 68 -22.67 4.10 34.91
C ASN C 68 -22.32 3.65 36.33
N PRO C 69 -23.30 3.72 37.25
CA PRO C 69 -23.04 3.50 38.68
C PRO C 69 -22.34 2.19 38.97
N LYS C 70 -22.49 1.23 38.07
CA LYS C 70 -21.85 -0.08 38.25
C LYS C 70 -20.38 -0.09 37.81
N CYS C 71 -19.92 1.02 37.23
CA CYS C 71 -18.53 1.16 36.81
C CYS C 71 -17.74 1.91 37.88
N ASP C 72 -16.45 1.62 37.99
CA ASP C 72 -15.59 2.34 38.93
C ASP C 72 -15.39 3.79 38.48
N GLU C 73 -15.58 4.73 39.40
CA GLU C 73 -15.38 6.14 39.14
C GLU C 73 -13.88 6.39 38.99
N LEU C 74 -13.51 7.42 38.22
CA LEU C 74 -12.11 7.82 38.16
C LEU C 74 -11.84 8.87 39.24
N LEU C 75 -11.05 8.49 40.25
CA LEU C 75 -10.83 9.38 41.40
C LEU C 75 -9.59 10.25 41.24
N THR C 76 -8.53 9.67 40.69
CA THR C 76 -7.27 10.40 40.55
C THR C 76 -6.98 10.73 39.09
N ALA C 77 -6.19 11.79 38.88
CA ALA C 77 -5.66 12.10 37.57
C ALA C 77 -4.86 10.91 37.04
N SER C 78 -4.99 10.60 35.76
CA SER C 78 -4.35 9.39 35.27
C SER C 78 -3.92 9.51 33.80
N GLU C 79 -3.43 8.40 33.26
CA GLU C 79 -3.00 8.36 31.87
C GLU C 79 -3.01 6.92 31.39
N TRP C 80 -2.92 6.72 30.07
CA TRP C 80 -2.94 5.36 29.51
C TRP C 80 -2.48 5.29 28.04
N ALA C 81 -1.89 4.15 27.67
CA ALA C 81 -1.36 3.97 26.31
C ALA C 81 -2.44 3.53 25.32
N TYR C 82 -3.38 2.72 25.83
CA TYR C 82 -4.50 2.26 25.03
C TYR C 82 -5.63 1.85 25.95
N ILE C 83 -6.77 1.44 25.38
CA ILE C 83 -7.93 1.05 26.18
C ILE C 83 -8.23 -0.44 25.99
N LYS C 84 -8.37 -1.15 27.11
CA LYS C 84 -8.77 -2.56 27.05
C LYS C 84 -10.24 -2.70 27.45
N GLU C 85 -11.04 -3.29 26.57
CA GLU C 85 -12.47 -3.44 26.78
C GLU C 85 -12.82 -4.91 26.57
N ASP C 86 -13.82 -5.40 27.31
CA ASP C 86 -14.32 -6.75 27.09
C ASP C 86 -15.06 -6.86 25.77
N PRO C 87 -14.99 -8.03 25.11
CA PRO C 87 -15.69 -8.28 23.85
C PRO C 87 -17.18 -8.01 24.00
N GLU C 88 -17.79 -8.52 25.06
CA GLU C 88 -19.19 -8.21 25.37
C GLU C 88 -19.31 -7.70 26.80
N PRO C 89 -19.15 -6.38 26.99
CA PRO C 89 -19.15 -5.80 28.35
C PRO C 89 -20.49 -6.03 29.06
N GLU C 90 -20.43 -6.32 30.35
CA GLU C 90 -21.63 -6.56 31.14
C GLU C 90 -22.38 -5.26 31.39
N ASN C 91 -21.62 -4.17 31.56
CA ASN C 91 -22.19 -2.88 31.89
C ASN C 91 -22.01 -1.85 30.78
N GLY C 92 -23.07 -1.66 30.00
CA GLY C 92 -23.05 -0.71 28.89
C GLY C 92 -23.94 0.48 29.19
N ILE C 93 -24.56 1.01 28.14
CA ILE C 93 -25.46 2.14 28.28
C ILE C 93 -26.77 1.63 28.91
N CYS C 94 -27.09 2.15 30.10
CA CYS C 94 -28.21 1.63 30.88
C CYS C 94 -29.57 2.26 30.53
N PHE C 95 -29.62 3.58 30.35
CA PHE C 95 -30.83 4.17 29.79
C PHE C 95 -30.72 4.15 28.26
N PRO C 96 -31.60 3.39 27.58
CA PRO C 96 -31.44 3.14 26.14
C PRO C 96 -31.39 4.42 25.30
N GLY C 97 -30.47 4.44 24.35
CA GLY C 97 -30.32 5.54 23.41
C GLY C 97 -29.00 5.32 22.66
N ASP C 98 -28.69 6.17 21.69
CA ASP C 98 -27.44 6.04 20.96
C ASP C 98 -26.36 6.97 21.50
N PHE C 99 -25.13 6.48 21.52
CA PHE C 99 -23.99 7.34 21.88
C PHE C 99 -23.35 7.81 20.56
N ASP C 100 -23.44 9.10 20.31
CA ASP C 100 -23.06 9.68 19.02
C ASP C 100 -21.55 9.74 18.80
N SER C 101 -21.12 9.42 17.58
CA SER C 101 -19.73 9.57 17.12
C SER C 101 -18.70 8.88 18.00
N LEU C 102 -18.97 7.64 18.37
CA LEU C 102 -18.08 6.90 19.24
C LEU C 102 -16.70 6.66 18.60
N GLU C 103 -16.70 6.47 17.29
CA GLU C 103 -15.45 6.18 16.57
C GLU C 103 -14.49 7.37 16.61
N ASP C 104 -14.96 8.58 16.32
CA ASP C 104 -14.10 9.77 16.41
C ASP C 104 -13.62 10.03 17.87
N LEU C 105 -14.46 9.72 18.85
CA LEU C 105 -14.09 9.97 20.25
C LEU C 105 -12.94 9.07 20.66
N ILE C 106 -12.96 7.82 20.18
CA ILE C 106 -11.85 6.90 20.44
C ILE C 106 -10.50 7.45 19.95
N LEU C 107 -10.50 8.14 18.80
CA LEU C 107 -9.26 8.73 18.28
C LEU C 107 -8.70 9.76 19.26
N LEU C 108 -9.58 10.39 20.02
CA LEU C 108 -9.18 11.47 20.93
C LEU C 108 -8.69 10.98 22.29
N VAL C 109 -9.25 9.87 22.78
CA VAL C 109 -8.97 9.47 24.16
C VAL C 109 -8.39 8.07 24.31
N SER C 110 -7.93 7.46 23.21
CA SER C 110 -7.36 6.12 23.30
C SER C 110 -5.94 6.13 23.89
N ASN C 111 -5.27 7.28 23.83
CA ASN C 111 -3.92 7.42 24.38
C ASN C 111 -3.79 8.83 24.94
N THR C 112 -3.66 8.93 26.27
CA THR C 112 -3.65 10.24 26.93
C THR C 112 -2.53 10.33 27.95
N ASP C 113 -2.01 11.53 28.15
CA ASP C 113 -0.92 11.76 29.11
C ASP C 113 -1.46 12.32 30.42
N HIS C 114 -2.64 12.90 30.35
CA HIS C 114 -3.29 13.43 31.54
C HIS C 114 -4.78 13.30 31.32
N PHE C 115 -5.50 12.89 32.35
CA PHE C 115 -6.94 12.68 32.25
C PHE C 115 -7.53 12.81 33.65
N ARG C 116 -8.45 13.76 33.82
CA ARG C 116 -8.91 14.12 35.16
C ARG C 116 -10.37 14.58 35.16
N LYS C 117 -11.17 14.04 36.08
CA LYS C 117 -12.57 14.45 36.20
C LYS C 117 -12.71 15.69 37.06
N GLU C 118 -13.62 16.58 36.68
CA GLU C 118 -13.89 17.80 37.45
C GLU C 118 -15.36 18.20 37.35
N LYS C 119 -15.86 18.83 38.40
CA LYS C 119 -17.19 19.40 38.35
C LYS C 119 -17.14 20.69 37.54
N ILE C 120 -18.07 20.84 36.60
CA ILE C 120 -18.06 21.99 35.70
C ILE C 120 -19.27 22.91 35.93
N ILE C 121 -20.40 22.33 36.28
CA ILE C 121 -21.62 23.11 36.45
C ILE C 121 -22.21 22.93 37.87
N ASP C 122 -22.45 24.04 38.55
CA ASP C 122 -23.18 24.00 39.81
C ASP C 122 -24.69 23.98 39.54
N MET C 123 -25.31 22.81 39.66
CA MET C 123 -26.70 22.65 39.27
C MET C 123 -27.69 23.37 40.20
N THR C 124 -27.23 23.80 41.38
CA THR C 124 -28.11 24.52 42.30
C THR C 124 -28.47 25.92 41.80
N ARG C 125 -27.79 26.39 40.78
CA ARG C 125 -28.00 27.76 40.28
C ARG C 125 -29.34 27.94 39.58
N PHE C 126 -29.93 26.84 39.09
CA PHE C 126 -31.21 26.92 38.41
C PHE C 126 -32.36 26.75 39.42
N SER C 127 -33.43 27.49 39.21
CA SER C 127 -34.53 27.49 40.16
C SER C 127 -35.81 26.97 39.52
N ASP C 128 -36.78 26.62 40.36
CA ASP C 128 -38.09 26.15 39.89
C ASP C 128 -37.97 24.90 39.03
N VAL C 129 -37.02 24.04 39.39
CA VAL C 129 -36.74 22.87 38.57
C VAL C 129 -36.22 21.75 39.48
N THR C 130 -36.33 20.49 39.04
CA THR C 130 -35.77 19.38 39.81
C THR C 130 -34.51 18.84 39.16
N THR C 131 -33.69 18.21 39.97
CA THR C 131 -32.31 18.02 39.62
C THR C 131 -31.87 16.66 40.16
N ASN C 132 -30.80 16.08 39.62
CA ASN C 132 -30.32 14.77 40.05
C ASN C 132 -31.39 13.68 39.94
N ASN C 133 -32.15 13.71 38.85
CA ASN C 133 -33.19 12.71 38.67
C ASN C 133 -32.60 11.34 38.36
N VAL C 134 -33.42 10.32 38.58
CA VAL C 134 -32.93 8.96 38.77
C VAL C 134 -33.85 7.97 38.01
N ASP C 135 -33.37 6.76 37.73
CA ASP C 135 -34.17 5.78 36.99
C ASP C 135 -33.85 4.32 37.34
N SER C 136 -34.88 3.48 37.37
CA SER C 136 -34.69 2.08 37.80
C SER C 136 -33.92 1.26 36.76
N ALA C 137 -33.74 1.79 35.55
CA ALA C 137 -32.91 1.13 34.55
C ALA C 137 -31.42 1.32 34.80
N CYS C 138 -31.07 2.23 35.70
CA CYS C 138 -29.65 2.47 35.99
C CYS C 138 -29.34 2.34 37.47
N PRO C 139 -29.48 1.12 38.01
CA PRO C 139 -29.33 0.95 39.46
C PRO C 139 -27.87 0.73 39.84
N TYR C 140 -27.56 0.99 41.11
CA TYR C 140 -26.26 0.62 41.66
C TYR C 140 -26.34 -0.83 42.13
N ASP C 141 -27.28 -1.10 43.01
CA ASP C 141 -27.57 -2.45 43.48
C ASP C 141 -28.97 -2.86 43.04
N THR C 142 -29.28 -4.15 43.14
CA THR C 142 -30.56 -4.68 42.69
C THR C 142 -31.74 -3.95 43.35
N ASN C 143 -32.76 -3.66 42.54
CA ASN C 143 -33.96 -2.95 42.97
C ASN C 143 -33.72 -1.47 43.29
N GLY C 144 -32.52 -0.99 42.96
CA GLY C 144 -32.21 0.41 43.17
C GLY C 144 -32.66 1.32 42.04
N ALA C 145 -32.43 2.62 42.21
CA ALA C 145 -32.63 3.58 41.13
C ALA C 145 -31.59 4.69 41.22
N SER C 146 -30.80 4.82 40.16
CA SER C 146 -29.72 5.80 40.15
C SER C 146 -29.58 6.42 38.76
N PHE C 147 -28.40 6.96 38.46
CA PHE C 147 -28.16 7.57 37.14
C PHE C 147 -26.67 7.77 36.94
N TYR C 148 -26.28 8.13 35.73
CA TYR C 148 -24.88 8.39 35.43
C TYR C 148 -24.33 9.45 36.37
N ARG C 149 -23.17 9.17 36.96
CA ARG C 149 -22.52 10.12 37.89
C ARG C 149 -22.22 11.46 37.24
N ASN C 150 -21.70 11.43 36.00
CA ASN C 150 -21.22 12.67 35.36
C ASN C 150 -22.33 13.53 34.76
N LEU C 151 -23.52 12.96 34.63
CA LEU C 151 -24.62 13.63 33.93
C LEU C 151 -25.75 13.97 34.89
N ASN C 152 -26.40 15.12 34.70
CA ASN C 152 -27.45 15.54 35.61
C ASN C 152 -28.78 15.74 34.92
N TRP C 153 -29.69 14.78 35.11
CA TRP C 153 -31.00 14.84 34.48
C TRP C 153 -31.89 15.87 35.18
N VAL C 154 -32.16 16.97 34.49
CA VAL C 154 -33.08 18.00 35.00
C VAL C 154 -34.50 17.79 34.51
N GLN C 155 -35.47 17.91 35.40
CA GLN C 155 -36.89 17.73 35.05
C GLN C 155 -37.74 18.90 35.56
N GLN C 156 -39.04 18.87 35.22
CA GLN C 156 -40.00 19.87 35.70
C GLN C 156 -39.70 21.31 35.26
N ASN C 157 -39.12 21.46 34.07
CA ASN C 157 -38.83 22.79 33.53
C ASN C 157 -40.06 23.68 33.43
N LYS C 158 -41.21 23.07 33.13
CA LYS C 158 -42.45 23.81 32.90
C LYS C 158 -42.30 24.88 31.82
N GLY C 159 -41.42 24.61 30.84
CA GLY C 159 -41.22 25.52 29.72
C GLY C 159 -40.26 26.66 30.01
N LYS C 160 -39.64 26.65 31.18
CA LYS C 160 -38.79 27.75 31.61
C LYS C 160 -37.37 27.68 31.00
N GLN C 161 -36.83 28.84 30.66
CA GLN C 161 -35.52 28.93 30.03
C GLN C 161 -34.39 28.96 31.05
N LEU C 162 -33.50 27.98 30.97
CA LEU C 162 -32.30 27.92 31.82
C LEU C 162 -31.10 28.31 30.97
N ILE C 163 -30.22 29.14 31.52
CA ILE C 163 -29.09 29.70 30.78
C ILE C 163 -27.78 29.53 31.55
N PHE C 164 -26.75 29.04 30.88
CA PHE C 164 -25.47 28.76 31.52
C PHE C 164 -24.28 29.06 30.62
N HIS C 165 -23.25 29.69 31.18
CA HIS C 165 -22.04 30.01 30.44
C HIS C 165 -20.81 29.48 31.16
N TYR C 166 -19.81 29.06 30.40
CA TYR C 166 -18.57 28.58 30.99
C TYR C 166 -17.36 28.96 30.14
N GLN C 167 -16.27 29.29 30.81
CA GLN C 167 -15.00 29.49 30.13
C GLN C 167 -14.00 28.46 30.65
N ASN C 168 -13.26 27.85 29.74
CA ASN C 168 -12.19 26.94 30.12
C ASN C 168 -10.90 27.72 30.43
N SER C 169 -10.63 27.93 31.72
CA SER C 169 -9.45 28.68 32.15
C SER C 169 -8.28 27.75 32.50
N GLU C 170 -8.32 26.51 32.02
CA GLU C 170 -7.23 25.58 32.22
C GLU C 170 -6.44 25.45 30.93
N ASN C 171 -5.26 24.83 30.99
CA ASN C 171 -4.45 24.68 29.78
C ASN C 171 -4.59 23.35 29.06
N ASN C 172 -5.57 22.55 29.48
CA ASN C 172 -5.93 21.34 28.76
C ASN C 172 -7.35 21.44 28.22
N PRO C 173 -7.63 20.81 27.06
CA PRO C 173 -8.99 20.75 26.55
C PRO C 173 -9.90 20.03 27.53
N LEU C 174 -11.20 20.30 27.43
CA LEU C 174 -12.20 19.74 28.33
C LEU C 174 -13.24 18.94 27.54
N LEU C 175 -13.34 17.64 27.83
CA LEU C 175 -14.38 16.80 27.24
C LEU C 175 -15.68 16.87 28.06
N ILE C 176 -16.79 17.19 27.40
CA ILE C 176 -18.11 17.14 28.02
C ILE C 176 -19.08 16.24 27.26
N ILE C 177 -19.96 15.59 28.02
CA ILE C 177 -20.96 14.68 27.46
C ILE C 177 -22.33 15.03 28.06
N TRP C 178 -23.34 15.11 27.21
CA TRP C 178 -24.68 15.49 27.62
C TRP C 178 -25.70 14.56 26.97
N GLY C 179 -26.96 14.70 27.36
CA GLY C 179 -28.00 13.83 26.82
C GLY C 179 -29.28 14.57 26.49
N VAL C 180 -30.04 14.03 25.53
CA VAL C 180 -31.27 14.66 25.08
C VAL C 180 -32.40 13.64 25.17
N HIS C 181 -33.41 13.95 25.98
CA HIS C 181 -34.53 13.04 26.22
C HIS C 181 -35.59 13.11 25.13
N GLN C 182 -35.75 12.01 24.39
CA GLN C 182 -36.88 11.85 23.48
C GLN C 182 -38.01 11.09 24.23
N THR C 183 -39.08 11.81 24.56
CA THR C 183 -40.20 11.22 25.28
C THR C 183 -41.11 10.41 24.36
N SER C 184 -41.84 9.46 24.95
CA SER C 184 -42.67 8.51 24.21
C SER C 184 -43.96 9.13 23.68
N ASN C 185 -44.58 9.99 24.50
CA ASN C 185 -45.83 10.66 24.15
C ASN C 185 -46.08 11.93 24.98
N ALA C 186 -47.12 12.67 24.60
CA ALA C 186 -47.46 13.93 25.25
C ALA C 186 -47.70 13.80 26.76
N ALA C 187 -48.25 12.67 27.17
CA ALA C 187 -48.55 12.46 28.59
C ALA C 187 -47.27 12.28 29.40
N GLU C 188 -46.32 11.59 28.82
CA GLU C 188 -45.02 11.38 29.45
C GLU C 188 -44.28 12.72 29.49
N GLN C 189 -44.32 13.45 28.36
CA GLN C 189 -43.74 14.78 28.29
C GLN C 189 -44.25 15.66 29.43
N ASN C 190 -45.56 15.64 29.67
CA ASN C 190 -46.15 16.41 30.76
C ASN C 190 -45.70 15.91 32.13
N THR C 191 -45.68 14.59 32.33
CA THR C 191 -45.23 14.00 33.59
C THR C 191 -43.82 14.42 33.95
N TYR C 192 -42.91 14.37 32.97
CA TYR C 192 -41.51 14.69 33.20
C TYR C 192 -41.20 16.20 33.25
N TYR C 193 -41.81 16.98 32.36
CA TYR C 193 -41.42 18.39 32.21
C TYR C 193 -42.53 19.42 32.47
N GLY C 194 -43.79 18.98 32.55
CA GLY C 194 -44.90 19.87 32.82
C GLY C 194 -45.20 20.86 31.70
N SER C 195 -44.76 20.53 30.49
CA SER C 195 -45.01 21.38 29.34
C SER C 195 -44.67 20.63 28.05
N GLN C 196 -45.39 20.94 26.98
CA GLN C 196 -45.11 20.36 25.68
C GLN C 196 -44.03 21.15 24.95
N THR C 197 -43.07 21.67 25.71
CA THR C 197 -41.88 22.29 25.14
C THR C 197 -40.65 21.68 25.83
N GLY C 198 -39.47 21.87 25.26
CA GLY C 198 -38.28 21.25 25.78
C GLY C 198 -37.25 21.06 24.69
N SER C 199 -36.56 22.14 24.37
CA SER C 199 -35.53 22.11 23.34
C SER C 199 -34.29 22.77 23.90
N THR C 200 -33.14 22.35 23.42
CA THR C 200 -31.89 22.82 23.97
C THR C 200 -30.92 23.19 22.87
N THR C 201 -30.21 24.29 23.08
CA THR C 201 -29.13 24.70 22.20
C THR C 201 -27.86 24.73 23.03
N ILE C 202 -26.85 24.00 22.59
CA ILE C 202 -25.57 24.08 23.26
C ILE C 202 -24.53 24.58 22.29
N THR C 203 -23.74 25.55 22.75
CA THR C 203 -22.76 26.17 21.87
C THR C 203 -21.36 25.89 22.40
N ILE C 204 -20.49 25.39 21.53
CA ILE C 204 -19.10 25.17 21.91
C ILE C 204 -18.20 25.94 20.94
N GLY C 205 -17.48 26.93 21.48
CA GLY C 205 -16.71 27.84 20.64
C GLY C 205 -17.66 28.51 19.67
N GLU C 206 -17.47 28.26 18.38
CA GLU C 206 -18.34 28.87 17.38
C GLU C 206 -19.29 27.87 16.74
N GLU C 207 -19.28 26.64 17.26
CA GLU C 207 -20.22 25.61 16.81
C GLU C 207 -21.52 25.65 17.60
N THR C 208 -22.64 25.57 16.87
CA THR C 208 -23.96 25.55 17.50
C THR C 208 -24.65 24.21 17.30
N ASN C 209 -25.02 23.56 18.42
CA ASN C 209 -25.77 22.31 18.39
C ASN C 209 -27.18 22.52 18.97
N THR C 210 -28.21 22.31 18.16
CA THR C 210 -29.59 22.54 18.57
C THR C 210 -30.38 21.24 18.58
N TYR C 211 -31.13 21.01 19.66
CA TYR C 211 -31.90 19.77 19.78
C TYR C 211 -33.37 20.06 20.08
N PRO C 212 -34.18 20.15 19.02
CA PRO C 212 -35.60 20.46 19.21
C PRO C 212 -36.33 19.30 19.90
N LEU C 213 -37.43 19.62 20.56
CA LEU C 213 -38.21 18.61 21.25
C LEU C 213 -38.68 17.56 20.26
N VAL C 214 -38.40 16.31 20.54
CA VAL C 214 -38.92 15.22 19.74
C VAL C 214 -39.76 14.29 20.62
N ILE C 215 -41.02 14.10 20.23
CA ILE C 215 -41.90 13.17 20.93
C ILE C 215 -42.32 12.02 19.99
N SER C 216 -41.91 10.80 20.32
CA SER C 216 -42.10 9.67 19.41
C SER C 216 -41.85 8.35 20.13
N GLU C 217 -42.76 7.38 19.95
CA GLU C 217 -42.64 6.10 20.65
C GLU C 217 -41.64 5.16 19.97
N SER C 218 -40.90 4.40 20.78
CA SER C 218 -39.99 3.41 20.27
C SER C 218 -40.28 2.06 20.91
N SER C 219 -39.64 1.00 20.43
CA SER C 219 -39.80 -0.31 21.03
C SER C 219 -39.27 -0.30 22.46
N ILE C 220 -39.81 -1.16 23.31
CA ILE C 220 -39.37 -1.27 24.70
C ILE C 220 -37.97 -1.89 24.81
N LEU C 221 -37.09 -1.16 25.49
CA LEU C 221 -35.71 -1.60 25.70
C LEU C 221 -35.35 -1.35 27.16
N ASN C 222 -34.90 -2.40 27.84
CA ASN C 222 -34.57 -2.32 29.29
C ASN C 222 -35.65 -1.54 30.03
N GLY C 223 -36.91 -1.88 29.76
CA GLY C 223 -38.05 -1.23 30.40
C GLY C 223 -38.52 0.10 29.81
N HIS C 224 -37.87 0.58 28.74
CA HIS C 224 -38.18 1.93 28.24
C HIS C 224 -38.60 2.00 26.79
N SER C 225 -39.72 2.69 26.52
CA SER C 225 -40.13 2.96 25.15
C SER C 225 -39.66 4.35 24.74
N ASP C 226 -39.15 5.10 25.72
CA ASP C 226 -38.52 6.40 25.45
C ASP C 226 -37.01 6.25 25.32
N ARG C 227 -36.33 7.32 24.91
CA ARG C 227 -34.89 7.27 24.67
C ARG C 227 -34.17 8.50 25.22
N ILE C 228 -32.92 8.29 25.66
CA ILE C 228 -32.01 9.41 25.89
C ILE C 228 -30.79 9.23 25.00
N ASN C 229 -30.61 10.11 24.03
CA ASN C 229 -29.45 10.03 23.17
C ASN C 229 -28.32 10.94 23.66
N TYR C 230 -27.09 10.43 23.54
CA TYR C 230 -25.92 11.08 24.13
C TYR C 230 -25.04 11.72 23.06
N PHE C 231 -24.49 12.87 23.39
CA PHE C 231 -23.63 13.63 22.47
C PHE C 231 -22.45 14.17 23.26
N TRP C 232 -21.37 14.52 22.56
CA TRP C 232 -20.19 15.01 23.24
C TRP C 232 -19.53 16.12 22.45
N GLY C 233 -18.71 16.91 23.14
CA GLY C 233 -17.95 17.98 22.54
C GLY C 233 -16.72 18.27 23.37
N VAL C 234 -15.75 18.96 22.76
CA VAL C 234 -14.48 19.26 23.39
C VAL C 234 -14.34 20.78 23.48
N VAL C 235 -14.05 21.31 24.65
CA VAL C 235 -13.89 22.75 24.82
C VAL C 235 -12.43 23.08 25.04
N ASN C 236 -11.82 23.82 24.12
CA ASN C 236 -10.37 24.10 24.12
C ASN C 236 -9.96 25.17 25.12
N PRO C 237 -8.68 25.17 25.52
CA PRO C 237 -8.20 26.23 26.43
C PRO C 237 -8.65 27.63 25.98
N ASN C 238 -9.19 28.41 26.92
CA ASN C 238 -9.77 29.73 26.67
C ASN C 238 -11.02 29.80 25.78
N GLN C 239 -11.48 28.65 25.31
CA GLN C 239 -12.77 28.58 24.62
C GLN C 239 -13.93 28.58 25.62
N ASN C 240 -15.10 28.99 25.13
CA ASN C 240 -16.29 29.07 25.95
C ASN C 240 -17.32 28.04 25.50
N PHE C 241 -18.22 27.68 26.40
CA PHE C 241 -19.41 26.96 25.97
C PHE C 241 -20.63 27.47 26.73
N SER C 242 -21.81 27.24 26.16
CA SER C 242 -23.02 27.77 26.73
C SER C 242 -24.19 26.86 26.44
N ILE C 243 -25.17 26.88 27.33
CA ILE C 243 -26.35 26.05 27.19
C ILE C 243 -27.60 26.88 27.39
N VAL C 244 -28.55 26.74 26.48
CA VAL C 244 -29.89 27.31 26.67
C VAL C 244 -30.88 26.15 26.56
N SER C 245 -31.68 25.92 27.59
CA SER C 245 -32.63 24.81 27.57
C SER C 245 -33.95 25.09 28.25
N THR C 246 -35.03 24.70 27.57
CA THR C 246 -36.38 24.80 28.13
C THR C 246 -36.91 23.42 28.53
N GLY C 247 -36.04 22.41 28.57
CA GLY C 247 -36.42 21.08 29.01
C GLY C 247 -35.78 19.93 28.25
N ASN C 248 -36.18 18.71 28.61
CA ASN C 248 -35.73 17.49 27.94
C ASN C 248 -34.21 17.34 27.81
N PHE C 249 -33.50 17.77 28.83
CA PHE C 249 -32.05 17.84 28.71
C PHE C 249 -31.30 17.22 29.87
N ILE C 250 -30.26 16.45 29.54
CA ILE C 250 -29.40 15.86 30.55
C ILE C 250 -28.03 16.59 30.52
N TRP C 251 -27.77 17.34 31.58
CA TRP C 251 -26.65 18.31 31.65
C TRP C 251 -25.27 17.69 31.95
N PRO C 252 -24.21 18.28 31.36
CA PRO C 252 -22.83 17.82 31.59
C PRO C 252 -22.26 18.40 32.89
N GLU C 253 -22.88 18.05 34.01
CA GLU C 253 -22.42 18.53 35.32
C GLU C 253 -20.93 18.28 35.54
N TYR C 254 -20.46 17.11 35.12
CA TYR C 254 -19.04 16.79 35.22
C TYR C 254 -18.44 16.60 33.83
N GLY C 255 -17.13 16.82 33.71
CA GLY C 255 -16.41 16.62 32.48
C GLY C 255 -15.01 16.13 32.76
N TYR C 256 -14.20 15.97 31.72
CA TYR C 256 -12.84 15.49 31.89
C TYR C 256 -11.85 16.44 31.23
N PHE C 257 -10.89 16.95 31.99
CA PHE C 257 -9.76 17.66 31.40
C PHE C 257 -8.75 16.62 30.94
N PHE C 258 -8.17 16.82 29.75
CA PHE C 258 -7.23 15.83 29.21
C PHE C 258 -6.19 16.45 28.31
N GLN C 259 -5.11 15.71 28.09
CA GLN C 259 -4.03 16.16 27.22
C GLN C 259 -3.83 15.12 26.13
N LYS C 260 -3.95 15.57 24.88
CA LYS C 260 -3.81 14.69 23.72
C LYS C 260 -2.38 14.20 23.55
N THR C 261 -2.23 13.08 22.83
CA THR C 261 -0.93 12.61 22.40
C THR C 261 -0.90 12.58 20.88
N THR C 262 0.28 12.38 20.31
CA THR C 262 0.41 12.35 18.86
C THR C 262 0.08 10.98 18.28
N ASN C 263 0.23 9.94 19.09
CA ASN C 263 0.10 8.56 18.60
C ASN C 263 -1.22 7.90 18.94
N ILE C 264 -2.03 7.62 17.93
CA ILE C 264 -3.34 7.04 18.16
C ILE C 264 -3.27 5.53 18.22
N SER C 265 -3.72 4.97 19.35
CA SER C 265 -3.67 3.53 19.52
C SER C 265 -5.04 2.92 19.18
N GLY C 266 -5.92 2.84 20.16
CA GLY C 266 -7.26 2.33 19.92
C GLY C 266 -7.73 1.40 21.04
N ILE C 267 -8.76 0.62 20.77
CA ILE C 267 -9.29 -0.30 21.77
C ILE C 267 -8.85 -1.75 21.51
N ILE C 268 -8.28 -2.38 22.53
CA ILE C 268 -7.94 -3.80 22.47
C ILE C 268 -9.10 -4.58 23.10
N LYS C 269 -9.81 -5.39 22.31
CA LYS C 269 -10.95 -6.16 22.80
C LYS C 269 -10.53 -7.54 23.28
N SER C 270 -10.62 -7.78 24.59
CA SER C 270 -10.16 -9.04 25.17
C SER C 270 -10.81 -9.32 26.51
N SER C 271 -10.98 -10.61 26.83
CA SER C 271 -11.52 -11.02 28.13
C SER C 271 -10.44 -11.06 29.19
N GLU C 272 -9.18 -11.02 28.75
CA GLU C 272 -8.05 -11.22 29.66
C GLU C 272 -7.79 -10.02 30.55
N LYS C 273 -7.15 -10.26 31.69
CA LYS C 273 -6.69 -9.19 32.57
C LYS C 273 -5.33 -8.68 32.11
N ILE C 274 -4.99 -7.47 32.53
CA ILE C 274 -3.67 -6.92 32.24
C ILE C 274 -2.64 -7.62 33.12
N SER C 275 -1.57 -8.12 32.50
CA SER C 275 -0.49 -8.77 33.22
C SER C 275 0.64 -7.79 33.51
N ASP C 276 1.52 -8.17 34.43
CA ASP C 276 2.65 -7.34 34.84
C ASP C 276 3.80 -7.52 33.86
N CYS C 277 3.65 -6.93 32.68
CA CYS C 277 4.65 -7.06 31.63
C CYS C 277 4.66 -5.79 30.79
N ASP C 278 5.59 -5.73 29.84
CA ASP C 278 5.81 -4.52 29.08
C ASP C 278 6.20 -4.96 27.68
N THR C 279 5.69 -4.25 26.69
CA THR C 279 5.88 -4.65 25.29
C THR C 279 5.93 -3.39 24.42
N ILE C 280 6.60 -3.50 23.28
CA ILE C 280 6.66 -2.38 22.36
C ILE C 280 5.50 -2.48 21.34
N CYS C 281 4.83 -3.63 21.30
CA CYS C 281 3.73 -3.83 20.34
C CYS C 281 2.72 -4.80 20.93
N GLN C 282 1.43 -4.45 20.82
CA GLN C 282 0.38 -5.20 21.48
C GLN C 282 -0.73 -5.58 20.52
N THR C 283 -1.20 -6.83 20.58
CA THR C 283 -2.42 -7.19 19.87
C THR C 283 -3.41 -7.84 20.82
N LYS C 284 -4.64 -7.99 20.35
CA LYS C 284 -5.70 -8.53 21.17
C LYS C 284 -5.53 -10.02 21.47
N ILE C 285 -4.59 -10.68 20.81
CA ILE C 285 -4.33 -12.09 21.17
C ILE C 285 -2.92 -12.30 21.70
N GLY C 286 -2.21 -11.20 22.01
CA GLY C 286 -0.91 -11.33 22.65
C GLY C 286 0.06 -10.21 22.34
N ALA C 287 1.11 -10.11 23.14
CA ALA C 287 2.13 -9.10 22.91
C ALA C 287 3.06 -9.56 21.78
N ILE C 288 3.50 -8.60 20.97
CA ILE C 288 4.51 -8.87 19.95
C ILE C 288 5.74 -8.06 20.32
N ASN C 289 6.46 -8.54 21.32
CA ASN C 289 7.57 -7.82 21.91
C ASN C 289 8.85 -8.24 21.18
N SER C 290 8.95 -7.76 19.94
CA SER C 290 9.99 -8.21 19.03
C SER C 290 10.29 -7.09 18.05
N THR C 291 11.54 -7.03 17.60
CA THR C 291 11.93 -6.06 16.59
C THR C 291 12.15 -6.73 15.24
N LEU C 292 11.82 -8.02 15.13
CA LEU C 292 11.91 -8.67 13.83
C LEU C 292 11.02 -7.87 12.87
N PRO C 293 11.36 -7.86 11.57
CA PRO C 293 10.63 -6.98 10.65
C PRO C 293 9.23 -7.49 10.28
N PHE C 294 8.95 -8.76 10.45
CA PHE C 294 7.64 -9.26 10.07
C PHE C 294 6.96 -10.09 11.18
N GLN C 295 5.64 -10.23 11.10
CA GLN C 295 4.86 -11.06 12.01
C GLN C 295 3.60 -11.63 11.34
N ASN C 296 3.27 -12.88 11.66
CA ASN C 296 2.05 -13.49 11.13
C ASN C 296 1.01 -13.76 12.23
N ILE C 297 1.03 -12.98 13.30
CA ILE C 297 0.16 -13.23 14.44
C ILE C 297 -1.24 -12.60 14.31
N HIS C 298 -1.30 -11.34 13.90
CA HIS C 298 -2.59 -10.65 13.78
C HIS C 298 -2.53 -9.39 12.94
N GLN C 299 -3.55 -9.20 12.10
CA GLN C 299 -3.63 -8.09 11.17
C GLN C 299 -3.60 -6.75 11.91
N ASN C 300 -4.27 -6.73 13.07
CA ASN C 300 -4.38 -5.49 13.85
C ASN C 300 -3.49 -5.48 15.09
N ALA C 301 -2.79 -4.35 15.29
CA ALA C 301 -1.82 -4.21 16.36
C ALA C 301 -1.67 -2.74 16.74
N ILE C 302 -0.96 -2.50 17.84
CA ILE C 302 -0.71 -1.14 18.32
C ILE C 302 0.74 -0.97 18.70
N GLY C 303 1.35 0.16 18.32
CA GLY C 303 2.68 0.48 18.81
C GLY C 303 3.77 0.43 17.75
N ASP C 304 4.97 0.01 18.15
CA ASP C 304 6.10 -0.14 17.25
C ASP C 304 6.14 -1.61 16.78
N CYS C 305 5.52 -1.88 15.64
CA CYS C 305 5.20 -3.27 15.27
C CYS C 305 5.91 -3.75 14.00
N PRO C 306 6.15 -5.06 13.90
CA PRO C 306 6.56 -5.70 12.64
C PRO C 306 5.40 -5.63 11.64
N LYS C 307 5.66 -5.79 10.34
CA LYS C 307 4.58 -5.77 9.35
C LYS C 307 3.88 -7.13 9.29
N TYR C 308 2.55 -7.13 9.20
CA TYR C 308 1.79 -8.37 9.15
C TYR C 308 1.92 -9.05 7.79
N VAL C 309 2.20 -10.36 7.81
CA VAL C 309 2.33 -11.15 6.58
C VAL C 309 1.66 -12.48 6.78
N LYS C 310 1.43 -13.23 5.71
CA LYS C 310 0.77 -14.53 5.86
C LYS C 310 1.71 -15.70 5.60
N ALA C 311 2.99 -15.40 5.42
CA ALA C 311 4.05 -16.43 5.46
C ALA C 311 3.96 -17.33 6.69
N GLN C 312 4.25 -18.61 6.50
CA GLN C 312 4.32 -19.55 7.60
C GLN C 312 5.68 -19.44 8.30
N GLU C 313 6.70 -19.13 7.51
CA GLU C 313 8.07 -19.08 8.01
C GLU C 313 8.90 -18.18 7.10
N LEU C 314 9.86 -17.49 7.68
CA LEU C 314 10.80 -16.68 6.90
C LEU C 314 12.17 -16.81 7.57
N VAL C 315 12.95 -17.76 7.09
CA VAL C 315 14.21 -18.12 7.75
C VAL C 315 15.37 -17.74 6.82
N LEU C 316 16.25 -16.85 7.29
CA LEU C 316 17.46 -16.50 6.54
C LEU C 316 18.56 -17.50 6.83
N ALA C 317 19.22 -18.01 5.79
CA ALA C 317 20.47 -18.74 5.98
C ALA C 317 21.50 -17.77 6.53
N THR C 318 22.27 -18.20 7.53
CA THR C 318 23.44 -17.45 7.97
C THR C 318 24.67 -18.30 7.71
N GLY C 319 24.55 -19.59 7.99
CA GLY C 319 25.68 -20.50 7.91
C GLY C 319 25.85 -21.15 6.55
N LEU C 320 26.57 -22.27 6.52
CA LEU C 320 26.98 -22.91 5.27
C LEU C 320 26.08 -24.06 4.89
N ARG C 321 26.12 -24.48 3.62
CA ARG C 321 25.50 -25.74 3.22
C ARG C 321 26.03 -26.82 4.14
N ASN C 322 25.15 -27.54 4.81
CA ASN C 322 25.60 -28.56 5.73
C ASN C 322 25.69 -29.91 5.02
N ASN C 323 26.74 -30.08 4.22
CA ASN C 323 26.93 -31.31 3.44
C ASN C 323 28.27 -32.00 3.76
N PRO C 324 28.41 -32.51 4.99
CA PRO C 324 29.69 -33.11 5.42
C PRO C 324 30.09 -34.31 4.56
N ILE C 325 31.40 -34.51 4.41
CA ILE C 325 31.92 -35.72 3.75
C ILE C 325 31.87 -36.86 4.77
N LYS C 326 31.68 -38.08 4.29
CA LYS C 326 31.54 -39.28 5.13
C LYS C 326 32.77 -39.58 6.01
N ILE D 6 53.81 -0.97 -9.13
CA ILE D 6 54.53 -2.20 -9.43
C ILE D 6 53.77 -3.46 -8.99
N ALA D 7 52.87 -3.33 -8.01
CA ALA D 7 51.94 -4.42 -7.68
C ALA D 7 50.57 -4.22 -8.37
N GLY D 8 49.73 -5.26 -8.37
CA GLY D 8 48.45 -5.19 -9.06
C GLY D 8 47.20 -5.26 -8.21
N PHE D 9 46.06 -5.59 -8.83
CA PHE D 9 44.74 -5.49 -8.19
C PHE D 9 44.63 -6.19 -6.84
N ILE D 10 45.40 -7.26 -6.65
CA ILE D 10 45.38 -7.99 -5.39
C ILE D 10 45.58 -7.05 -4.20
N GLU D 11 46.45 -6.06 -4.34
CA GLU D 11 46.84 -5.21 -3.21
C GLU D 11 46.10 -3.88 -3.14
N GLY D 12 45.25 -3.60 -4.15
CA GLY D 12 44.52 -2.35 -4.16
C GLY D 12 44.52 -1.64 -5.50
N GLY D 13 43.99 -0.42 -5.53
CA GLY D 13 43.86 0.33 -6.76
C GLY D 13 45.04 1.22 -7.11
N TRP D 14 45.00 1.79 -8.31
CA TRP D 14 46.09 2.61 -8.83
C TRP D 14 45.63 4.04 -9.05
N GLN D 15 46.18 4.99 -8.29
CA GLN D 15 45.96 6.39 -8.58
C GLN D 15 46.51 6.74 -9.97
N GLY D 16 47.51 6.00 -10.43
CA GLY D 16 48.16 6.30 -11.69
C GLY D 16 47.37 5.89 -12.94
N LEU D 17 46.27 5.14 -12.75
CA LEU D 17 45.45 4.72 -13.88
C LEU D 17 44.35 5.75 -14.08
N ILE D 18 44.56 6.67 -15.03
CA ILE D 18 43.77 7.90 -15.09
C ILE D 18 42.81 8.00 -16.28
N ASP D 19 42.87 7.05 -17.19
CA ASP D 19 42.06 7.14 -18.40
C ASP D 19 41.08 5.97 -18.54
N GLY D 20 40.81 5.29 -17.43
CA GLY D 20 39.86 4.19 -17.45
C GLY D 20 39.66 3.55 -16.09
N TRP D 21 38.68 2.64 -16.02
CA TRP D 21 38.38 1.93 -14.80
C TRP D 21 39.31 0.74 -14.55
N TYR D 22 39.60 -0.02 -15.60
CA TYR D 22 40.46 -1.20 -15.48
C TYR D 22 41.58 -1.11 -16.50
N GLY D 23 42.70 -1.75 -16.21
CA GLY D 23 43.82 -1.70 -17.14
C GLY D 23 45.05 -2.44 -16.72
N TYR D 24 46.19 -2.00 -17.27
CA TYR D 24 47.44 -2.73 -17.18
C TYR D 24 48.59 -1.81 -16.80
N HIS D 25 49.59 -2.39 -16.16
CA HIS D 25 50.89 -1.74 -16.04
C HIS D 25 51.93 -2.77 -16.46
N HIS D 26 52.88 -2.32 -17.29
CA HIS D 26 53.89 -3.22 -17.84
C HIS D 26 55.29 -2.70 -17.54
N GLN D 27 56.28 -3.57 -17.71
CA GLN D 27 57.67 -3.25 -17.48
C GLN D 27 58.53 -4.12 -18.39
N ASN D 28 59.33 -3.50 -19.25
CA ASN D 28 60.29 -4.24 -20.08
C ASN D 28 61.55 -3.40 -20.37
N SER D 29 62.37 -3.83 -21.32
CA SER D 29 63.59 -3.08 -21.65
C SER D 29 63.30 -1.68 -22.14
N GLU D 30 62.25 -1.53 -22.95
CA GLU D 30 61.87 -0.22 -23.51
C GLU D 30 61.38 0.78 -22.46
N GLY D 31 60.95 0.31 -21.29
CA GLY D 31 60.39 1.18 -20.28
C GLY D 31 59.17 0.63 -19.56
N SER D 32 58.25 1.51 -19.16
CA SER D 32 57.12 1.11 -18.33
C SER D 32 55.99 2.13 -18.42
N GLY D 33 54.80 1.75 -17.98
CA GLY D 33 53.66 2.66 -18.04
C GLY D 33 52.31 2.04 -17.75
N TYR D 34 51.31 2.89 -17.57
CA TYR D 34 49.92 2.46 -17.36
C TYR D 34 49.19 2.53 -18.69
N ALA D 35 48.16 1.69 -18.85
CA ALA D 35 47.27 1.81 -20.01
C ALA D 35 45.90 1.23 -19.70
N ALA D 36 44.87 1.98 -20.06
CA ALA D 36 43.50 1.57 -19.81
C ALA D 36 43.12 0.42 -20.73
N ASP D 37 42.29 -0.49 -20.25
CA ASP D 37 41.58 -1.39 -21.16
C ASP D 37 40.29 -0.65 -21.54
N LYS D 38 40.32 0.03 -22.69
CA LYS D 38 39.25 0.93 -23.10
C LYS D 38 37.94 0.18 -23.31
N GLU D 39 38.05 -1.00 -23.92
CA GLU D 39 36.87 -1.79 -24.23
C GLU D 39 36.18 -2.26 -22.96
N ALA D 40 36.94 -2.87 -22.04
CA ALA D 40 36.37 -3.35 -20.79
C ALA D 40 35.81 -2.18 -19.98
N THR D 41 36.49 -1.03 -20.01
CA THR D 41 35.97 0.14 -19.31
C THR D 41 34.62 0.59 -19.87
N GLN D 42 34.55 0.78 -21.19
CA GLN D 42 33.33 1.25 -21.83
C GLN D 42 32.15 0.33 -21.59
N LYS D 43 32.39 -0.98 -21.69
CA LYS D 43 31.36 -1.97 -21.49
C LYS D 43 30.82 -1.87 -20.06
N ALA D 44 31.70 -1.69 -19.08
CA ALA D 44 31.25 -1.58 -17.68
C ALA D 44 30.50 -0.27 -17.46
N VAL D 45 30.99 0.83 -18.03
CA VAL D 45 30.32 2.13 -17.93
C VAL D 45 28.89 2.10 -18.49
N ASP D 46 28.72 1.50 -19.65
CA ASP D 46 27.39 1.35 -20.24
C ASP D 46 26.51 0.51 -19.32
N ALA D 47 27.07 -0.54 -18.71
CA ALA D 47 26.32 -1.43 -17.82
C ALA D 47 25.84 -0.68 -16.58
N ILE D 48 26.73 0.09 -15.95
CA ILE D 48 26.39 0.82 -14.73
C ILE D 48 25.41 1.98 -14.99
N THR D 49 25.58 2.64 -16.14
CA THR D 49 24.67 3.72 -16.56
C THR D 49 23.29 3.13 -16.83
N THR D 50 23.24 1.97 -17.47
CA THR D 50 21.97 1.27 -17.69
C THR D 50 21.30 0.94 -16.37
N LYS D 51 22.09 0.47 -15.40
CA LYS D 51 21.54 0.14 -14.08
C LYS D 51 20.91 1.35 -13.38
N VAL D 52 21.64 2.45 -13.32
CA VAL D 52 21.19 3.63 -12.59
C VAL D 52 19.96 4.23 -13.27
N ASN D 53 20.00 4.32 -14.60
CA ASN D 53 18.88 4.80 -15.39
C ASN D 53 17.63 3.91 -15.26
N ASN D 54 17.80 2.60 -15.14
CA ASN D 54 16.64 1.74 -14.92
C ASN D 54 16.01 2.05 -13.56
N ILE D 55 16.85 2.14 -12.53
CA ILE D 55 16.36 2.41 -11.18
C ILE D 55 15.60 3.73 -11.10
N ILE D 56 16.07 4.71 -11.87
CA ILE D 56 15.42 6.00 -11.90
C ILE D 56 14.19 6.01 -12.84
N ASP D 57 14.39 5.62 -14.10
CA ASP D 57 13.33 5.74 -15.11
C ASP D 57 12.14 4.77 -14.93
N LYS D 58 12.32 3.65 -14.24
CA LYS D 58 11.19 2.74 -14.02
C LYS D 58 10.15 3.32 -13.05
N MET D 59 10.53 4.39 -12.34
CA MET D 59 9.57 5.07 -11.46
C MET D 59 8.60 5.96 -12.24
N ASN D 60 7.68 5.32 -12.95
CA ASN D 60 6.67 6.04 -13.72
C ASN D 60 5.37 6.09 -12.92
N THR D 61 4.99 7.27 -12.44
CA THR D 61 3.97 7.35 -11.37
C THR D 61 2.63 7.90 -11.82
N GLN D 62 1.59 7.59 -11.05
CA GLN D 62 0.29 8.24 -11.23
C GLN D 62 0.41 9.69 -10.74
N PHE D 63 -0.47 10.54 -11.23
CA PHE D 63 -0.47 11.95 -10.84
C PHE D 63 -0.74 12.05 -9.32
N GLU D 64 0.13 12.74 -8.60
CA GLU D 64 0.04 12.83 -7.15
C GLU D 64 -0.85 14.00 -6.75
N SER D 65 -1.72 13.79 -5.76
CA SER D 65 -2.62 14.85 -5.28
C SER D 65 -2.42 15.21 -3.81
N THR D 66 -2.79 16.44 -3.42
CA THR D 66 -2.84 16.78 -1.99
C THR D 66 -4.27 16.99 -1.43
N ALA D 67 -5.28 16.61 -2.21
CA ALA D 67 -6.64 16.67 -1.67
C ALA D 67 -6.90 15.51 -0.72
N LYS D 68 -6.69 15.75 0.58
CA LYS D 68 -6.79 14.68 1.57
C LYS D 68 -7.57 15.15 2.79
N GLU D 69 -8.60 15.97 2.58
CA GLU D 69 -9.34 16.51 3.71
C GLU D 69 -10.76 15.96 3.79
N PHE D 70 -11.30 15.98 5.01
CA PHE D 70 -12.65 15.48 5.29
C PHE D 70 -13.31 16.42 6.27
N ASN D 71 -14.64 16.36 6.40
CA ASN D 71 -15.30 17.32 7.28
C ASN D 71 -14.99 17.08 8.76
N LYS D 72 -15.35 18.04 9.61
CA LYS D 72 -14.98 17.99 11.02
C LYS D 72 -15.65 16.86 11.81
N ILE D 73 -16.68 16.23 11.23
CA ILE D 73 -17.30 15.08 11.90
C ILE D 73 -16.92 13.75 11.26
N GLU D 74 -15.81 13.76 10.50
CA GLU D 74 -15.30 12.56 9.82
C GLU D 74 -13.83 12.29 10.19
N MET D 75 -13.46 12.55 11.44
CA MET D 75 -12.06 12.36 11.85
C MET D 75 -11.58 10.92 11.64
N ARG D 76 -12.51 9.96 11.69
CA ARG D 76 -12.19 8.56 11.44
C ARG D 76 -11.82 8.31 9.96
N ILE D 77 -12.37 9.12 9.05
CA ILE D 77 -12.02 8.95 7.65
C ILE D 77 -10.65 9.60 7.42
N LYS D 78 -10.44 10.77 8.01
CA LYS D 78 -9.15 11.43 7.93
C LYS D 78 -8.07 10.52 8.54
N HIS D 79 -8.42 9.81 9.62
CA HIS D 79 -7.49 8.83 10.18
C HIS D 79 -7.16 7.69 9.21
N LEU D 80 -8.15 7.23 8.45
CA LEU D 80 -7.91 6.16 7.47
C LEU D 80 -6.98 6.67 6.37
N SER D 81 -7.23 7.90 5.94
CA SER D 81 -6.38 8.56 4.96
C SER D 81 -4.94 8.66 5.50
N ASP D 82 -4.80 9.04 6.76
CA ASP D 82 -3.46 9.21 7.33
C ASP D 82 -2.70 7.89 7.43
N ARG D 83 -3.41 6.83 7.78
CA ARG D 83 -2.73 5.54 7.89
C ARG D 83 -2.47 4.91 6.52
N VAL D 84 -3.24 5.31 5.49
CA VAL D 84 -2.94 4.85 4.15
C VAL D 84 -1.56 5.41 3.73
N ASP D 85 -1.32 6.67 4.04
CA ASP D 85 -0.05 7.29 3.69
C ASP D 85 1.12 6.78 4.53
N ASP D 86 0.86 6.47 5.81
CA ASP D 86 1.88 5.86 6.65
C ASP D 86 2.24 4.51 6.05
N GLY D 87 1.23 3.80 5.54
CA GLY D 87 1.41 2.49 4.96
C GLY D 87 2.34 2.57 3.75
N PHE D 88 2.05 3.47 2.82
CA PHE D 88 2.87 3.58 1.62
C PHE D 88 4.25 4.11 2.01
N LEU D 89 4.29 5.02 2.99
CA LEU D 89 5.57 5.57 3.47
C LEU D 89 6.51 4.45 3.91
N ASP D 90 5.99 3.51 4.69
CA ASP D 90 6.82 2.43 5.22
C ASP D 90 7.20 1.45 4.11
N VAL D 91 6.33 1.26 3.12
CA VAL D 91 6.64 0.35 2.02
C VAL D 91 7.80 0.93 1.18
N TRP D 92 7.68 2.18 0.76
CA TRP D 92 8.73 2.78 -0.08
C TRP D 92 10.07 2.96 0.66
N SER D 93 10.03 3.40 1.91
CA SER D 93 11.25 3.60 2.69
C SER D 93 12.05 2.30 2.81
N TYR D 94 11.39 1.24 3.27
CA TYR D 94 12.06 -0.04 3.42
C TYR D 94 12.63 -0.55 2.10
N ASN D 95 11.81 -0.56 1.06
CA ASN D 95 12.24 -1.10 -0.23
C ASN D 95 13.32 -0.25 -0.89
N ALA D 96 13.25 1.08 -0.74
CA ALA D 96 14.28 1.94 -1.34
C ALA D 96 15.62 1.70 -0.64
N GLU D 97 15.58 1.67 0.69
CA GLU D 97 16.79 1.37 1.45
C GLU D 97 17.43 0.02 1.07
N LEU D 98 16.65 -1.05 1.02
CA LEU D 98 17.21 -2.36 0.74
C LEU D 98 17.64 -2.47 -0.73
N LEU D 99 16.92 -1.81 -1.64
CA LEU D 99 17.34 -1.77 -3.03
C LEU D 99 18.76 -1.19 -3.17
N VAL D 100 19.00 -0.09 -2.47
CA VAL D 100 20.30 0.57 -2.56
C VAL D 100 21.40 -0.29 -1.93
N LEU D 101 21.12 -0.87 -0.77
CA LEU D 101 22.09 -1.73 -0.11
C LEU D 101 22.48 -2.94 -0.98
N LEU D 102 21.47 -3.59 -1.57
CA LEU D 102 21.71 -4.74 -2.42
C LEU D 102 22.42 -4.36 -3.72
N GLU D 103 21.94 -3.31 -4.39
CA GLU D 103 22.56 -2.93 -5.66
C GLU D 103 24.01 -2.48 -5.46
N ASN D 104 24.30 -1.85 -4.32
CA ASN D 104 25.67 -1.45 -4.06
C ASN D 104 26.58 -2.66 -3.87
N GLU D 105 26.11 -3.68 -3.16
CA GLU D 105 26.91 -4.89 -2.99
C GLU D 105 27.24 -5.48 -4.35
N ARG D 106 26.24 -5.54 -5.23
CA ARG D 106 26.41 -6.15 -6.54
C ARG D 106 27.28 -5.31 -7.47
N THR D 107 27.16 -3.99 -7.39
CA THR D 107 27.97 -3.12 -8.25
C THR D 107 29.45 -3.35 -7.91
N LEU D 108 29.78 -3.42 -6.63
CA LEU D 108 31.16 -3.72 -6.23
C LEU D 108 31.62 -5.11 -6.70
N ASP D 109 30.78 -6.14 -6.55
CA ASP D 109 31.12 -7.47 -7.09
C ASP D 109 31.31 -7.44 -8.61
N PHE D 110 30.52 -6.62 -9.29
CA PHE D 110 30.58 -6.49 -10.75
C PHE D 110 31.94 -5.96 -11.17
N HIS D 111 32.44 -4.94 -10.45
CA HIS D 111 33.76 -4.39 -10.75
C HIS D 111 34.84 -5.44 -10.50
N ASP D 112 34.70 -6.21 -9.41
CA ASP D 112 35.65 -7.29 -9.08
C ASP D 112 35.68 -8.34 -10.19
N ALA D 113 34.49 -8.69 -10.70
CA ALA D 113 34.37 -9.68 -11.78
C ALA D 113 35.07 -9.23 -13.05
N ASN D 114 34.94 -7.95 -13.36
CA ASN D 114 35.52 -7.38 -14.56
C ASN D 114 37.04 -7.36 -14.49
N VAL D 115 37.59 -7.02 -13.33
CA VAL D 115 39.03 -7.10 -13.13
C VAL D 115 39.51 -8.55 -13.23
N ASN D 116 38.81 -9.47 -12.59
CA ASN D 116 39.17 -10.88 -12.69
C ASN D 116 39.19 -11.36 -14.15
N ASN D 117 38.24 -10.87 -14.96
CA ASN D 117 38.22 -11.26 -16.37
C ASN D 117 39.52 -10.90 -17.10
N LEU D 118 39.99 -9.66 -16.93
CA LEU D 118 41.24 -9.23 -17.56
C LEU D 118 42.39 -10.13 -17.13
N TYR D 119 42.42 -10.44 -15.84
CA TYR D 119 43.45 -11.27 -15.26
C TYR D 119 43.41 -12.68 -15.86
N GLN D 120 42.23 -13.29 -15.89
CA GLN D 120 42.12 -14.63 -16.48
C GLN D 120 42.55 -14.65 -17.95
N LYS D 121 42.24 -13.58 -18.67
CA LYS D 121 42.56 -13.54 -20.09
C LYS D 121 44.07 -13.46 -20.36
N VAL D 122 44.79 -12.75 -19.50
CA VAL D 122 46.25 -12.67 -19.59
C VAL D 122 46.86 -14.00 -19.20
N LYS D 123 46.37 -14.55 -18.09
CA LYS D 123 46.91 -15.80 -17.56
C LYS D 123 46.88 -16.92 -18.59
N VAL D 124 45.74 -17.08 -19.26
CA VAL D 124 45.58 -18.19 -20.19
C VAL D 124 46.39 -18.02 -21.47
N GLN D 125 46.67 -16.79 -21.86
CA GLN D 125 47.56 -16.55 -22.99
C GLN D 125 48.99 -16.96 -22.67
N LEU D 126 49.49 -16.52 -21.51
CA LEU D 126 50.90 -16.72 -21.15
C LEU D 126 51.21 -18.15 -20.73
N LYS D 127 50.25 -18.80 -20.07
CA LYS D 127 50.46 -20.15 -19.54
C LYS D 127 51.78 -20.23 -18.78
N ASP D 128 52.60 -21.24 -19.08
CA ASP D 128 53.87 -21.42 -18.37
C ASP D 128 55.03 -20.60 -18.94
N ASN D 129 54.73 -19.66 -19.83
CA ASN D 129 55.74 -18.69 -20.28
C ASN D 129 55.89 -17.58 -19.25
N ALA D 130 55.09 -17.65 -18.18
CA ALA D 130 55.16 -16.65 -17.12
C ALA D 130 55.02 -17.30 -15.76
N ILE D 131 55.45 -16.59 -14.73
CA ILE D 131 55.17 -16.99 -13.36
C ILE D 131 54.18 -16.01 -12.72
N ASP D 132 53.04 -16.54 -12.26
CA ASP D 132 52.05 -15.73 -11.56
C ASP D 132 52.61 -15.30 -10.21
N MET D 133 52.83 -14.00 -10.03
CA MET D 133 53.47 -13.53 -8.79
C MET D 133 52.50 -13.47 -7.61
N GLY D 134 51.21 -13.61 -7.87
CA GLY D 134 50.21 -13.71 -6.81
C GLY D 134 49.75 -12.36 -6.26
N ASN D 135 50.10 -11.28 -6.97
CA ASN D 135 49.76 -9.94 -6.53
C ASN D 135 49.06 -9.17 -7.65
N GLY D 136 48.59 -9.91 -8.64
CA GLY D 136 47.96 -9.28 -9.79
C GLY D 136 48.91 -9.13 -10.96
N CYS D 137 50.19 -9.47 -10.76
CA CYS D 137 51.17 -9.33 -11.83
C CYS D 137 51.76 -10.67 -12.32
N PHE D 138 52.30 -10.65 -13.53
CA PHE D 138 52.98 -11.82 -14.08
C PHE D 138 54.44 -11.55 -14.40
N LYS D 139 55.31 -12.43 -13.90
CA LYS D 139 56.72 -12.36 -14.24
C LYS D 139 56.96 -13.19 -15.50
N ILE D 140 57.18 -12.49 -16.61
CA ILE D 140 57.29 -13.11 -17.92
C ILE D 140 58.68 -13.74 -18.08
N LEU D 141 58.74 -14.97 -18.58
CA LEU D 141 60.00 -15.73 -18.61
C LEU D 141 60.85 -15.49 -19.87
N HIS D 142 60.40 -14.61 -20.73
CA HIS D 142 61.13 -14.27 -21.94
C HIS D 142 61.13 -12.76 -22.09
N LYS D 143 61.99 -12.23 -22.96
CA LYS D 143 61.93 -10.80 -23.24
C LYS D 143 60.64 -10.49 -23.98
N CYS D 144 59.93 -9.46 -23.51
CA CYS D 144 58.60 -9.14 -24.04
C CYS D 144 58.56 -7.66 -24.34
N ASN D 145 58.92 -7.29 -25.56
CA ASN D 145 58.94 -5.89 -25.98
C ASN D 145 57.55 -5.28 -26.14
N ASN D 146 57.49 -4.02 -26.55
CA ASN D 146 56.22 -3.30 -26.65
C ASN D 146 55.19 -3.97 -27.56
N THR D 147 55.67 -4.58 -28.65
CA THR D 147 54.79 -5.31 -29.56
C THR D 147 54.18 -6.52 -28.85
N CYS D 148 55.05 -7.29 -28.19
CA CYS D 148 54.63 -8.44 -27.42
C CYS D 148 53.65 -8.03 -26.32
N MET D 149 53.95 -6.96 -25.59
CA MET D 149 53.04 -6.48 -24.56
C MET D 149 51.68 -6.09 -25.16
N ASP D 150 51.70 -5.43 -26.31
CA ASP D 150 50.47 -5.03 -26.98
C ASP D 150 49.66 -6.26 -27.38
N ASP D 151 50.35 -7.32 -27.81
CA ASP D 151 49.69 -8.55 -28.18
C ASP D 151 48.96 -9.21 -27.01
N ILE D 152 49.55 -9.14 -25.81
CA ILE D 152 48.90 -9.69 -24.63
C ILE D 152 47.63 -8.90 -24.34
N LYS D 153 47.75 -7.57 -24.33
CA LYS D 153 46.61 -6.71 -24.08
C LYS D 153 45.51 -6.88 -25.13
N ASN D 154 45.89 -7.25 -26.35
CA ASN D 154 44.92 -7.42 -27.43
C ASN D 154 44.43 -8.87 -27.60
N GLY D 155 44.99 -9.79 -26.81
CA GLY D 155 44.58 -11.19 -26.88
C GLY D 155 45.24 -12.00 -27.98
N THR D 156 46.24 -11.42 -28.66
CA THR D 156 46.89 -12.08 -29.79
C THR D 156 48.29 -12.63 -29.49
N TYR D 157 48.62 -12.78 -28.21
CA TYR D 157 49.94 -13.28 -27.84
C TYR D 157 50.10 -14.74 -28.30
N ASN D 158 51.26 -15.04 -28.88
CA ASN D 158 51.55 -16.39 -29.39
C ASN D 158 52.43 -17.19 -28.43
N TYR D 159 51.82 -18.17 -27.76
CA TYR D 159 52.49 -19.03 -26.81
C TYR D 159 53.73 -19.74 -27.38
N TYR D 160 53.56 -20.40 -28.52
CA TYR D 160 54.61 -21.23 -29.11
C TYR D 160 55.81 -20.45 -29.63
N GLU D 161 55.61 -19.16 -29.86
CA GLU D 161 56.64 -18.29 -30.39
C GLU D 161 57.75 -18.02 -29.36
N TYR D 162 57.38 -18.03 -28.08
CA TYR D 162 58.35 -17.70 -27.03
C TYR D 162 58.59 -18.89 -26.10
N ARG D 163 58.04 -20.05 -26.45
CA ARG D 163 58.12 -21.25 -25.59
C ARG D 163 59.55 -21.69 -25.32
N LYS D 164 60.34 -21.80 -26.38
CA LYS D 164 61.72 -22.26 -26.25
C LYS D 164 62.52 -21.35 -25.31
N GLU D 165 62.41 -20.04 -25.54
CA GLU D 165 63.08 -19.08 -24.67
C GLU D 165 62.58 -19.19 -23.23
N SER D 166 61.27 -19.36 -23.04
CA SER D 166 60.71 -19.47 -21.70
C SER D 166 61.21 -20.71 -20.97
N HIS D 167 61.18 -21.84 -21.66
CA HIS D 167 61.63 -23.11 -21.08
C HIS D 167 63.07 -23.02 -20.59
N LEU D 168 63.92 -22.33 -21.34
CA LEU D 168 65.32 -22.17 -20.93
C LEU D 168 65.44 -21.38 -19.61
N GLU D 169 64.71 -20.28 -19.51
CA GLU D 169 64.75 -19.46 -18.29
C GLU D 169 64.16 -20.20 -17.09
N LYS D 170 63.16 -21.02 -17.34
CA LYS D 170 62.53 -21.79 -16.26
C LYS D 170 63.47 -22.84 -15.69
N GLN D 171 64.28 -23.46 -16.53
CA GLN D 171 65.15 -24.52 -16.05
C GLN D 171 66.24 -23.94 -15.16
N LYS D 172 66.63 -22.70 -15.43
CA LYS D 172 67.57 -21.98 -14.58
C LYS D 172 66.96 -21.70 -13.20
N ILE D 173 65.69 -21.33 -13.18
CA ILE D 173 64.99 -21.10 -11.92
C ILE D 173 64.93 -22.39 -11.10
N ASP D 174 64.68 -23.49 -11.80
CA ASP D 174 64.65 -24.80 -11.17
C ASP D 174 66.03 -25.25 -10.63
N SER D 175 67.02 -24.36 -10.68
CA SER D 175 68.31 -24.61 -10.04
C SER D 175 68.67 -23.52 -9.02
N ILE E 6 34.71 -26.84 -33.21
CA ILE E 6 36.14 -26.59 -33.31
C ILE E 6 36.63 -25.61 -32.23
N ALA E 7 35.86 -24.56 -31.95
CA ALA E 7 36.17 -23.66 -30.83
C ALA E 7 35.11 -23.77 -29.72
N GLY E 8 35.39 -23.20 -28.54
CA GLY E 8 34.51 -23.35 -27.38
C GLY E 8 33.82 -22.09 -26.87
N PHE E 9 33.38 -22.14 -25.60
CA PHE E 9 32.48 -21.11 -25.04
C PHE E 9 32.98 -19.67 -25.09
N ILE E 10 34.29 -19.48 -25.02
CA ILE E 10 34.89 -18.14 -25.07
C ILE E 10 34.41 -17.40 -26.32
N GLU E 11 34.17 -18.14 -27.40
CA GLU E 11 33.83 -17.54 -28.67
C GLU E 11 32.33 -17.49 -29.01
N GLY E 12 31.50 -18.12 -28.17
CA GLY E 12 30.06 -18.17 -28.41
C GLY E 12 29.45 -19.54 -28.25
N GLY E 13 28.17 -19.67 -28.57
CA GLY E 13 27.48 -20.95 -28.42
C GLY E 13 27.55 -21.87 -29.62
N TRP E 14 27.05 -23.09 -29.45
CA TRP E 14 27.11 -24.13 -30.47
C TRP E 14 25.70 -24.51 -30.93
N GLN E 15 25.37 -24.22 -32.19
CA GLN E 15 24.11 -24.68 -32.77
C GLN E 15 24.09 -26.21 -32.82
N GLY E 16 25.28 -26.80 -32.88
CA GLY E 16 25.42 -28.25 -32.95
C GLY E 16 25.15 -29.00 -31.65
N LEU E 17 25.10 -28.26 -30.53
CA LEU E 17 24.74 -28.87 -29.25
C LEU E 17 23.21 -28.87 -29.12
N ILE E 18 22.58 -29.98 -29.50
CA ILE E 18 21.13 -30.02 -29.64
C ILE E 18 20.37 -30.70 -28.49
N ASP E 19 21.10 -31.36 -27.59
CA ASP E 19 20.46 -32.21 -26.58
C ASP E 19 20.78 -31.79 -25.15
N GLY E 20 21.05 -30.50 -24.93
CA GLY E 20 21.40 -30.02 -23.60
C GLY E 20 21.81 -28.58 -23.60
N TRP E 21 21.99 -28.01 -22.41
CA TRP E 21 22.38 -26.61 -22.26
C TRP E 21 23.89 -26.43 -22.32
N TYR E 22 24.62 -27.36 -21.70
CA TYR E 22 26.08 -27.28 -21.61
C TYR E 22 26.66 -28.61 -22.05
N GLY E 23 27.89 -28.61 -22.57
CA GLY E 23 28.48 -29.88 -22.97
C GLY E 23 29.84 -29.81 -23.60
N TYR E 24 30.17 -30.84 -24.37
CA TYR E 24 31.52 -31.00 -24.87
C TYR E 24 31.53 -31.30 -26.36
N HIS E 25 32.67 -31.00 -26.97
CA HIS E 25 32.95 -31.46 -28.31
C HIS E 25 34.35 -32.04 -28.29
N HIS E 26 34.47 -33.31 -28.68
CA HIS E 26 35.77 -33.97 -28.71
C HIS E 26 36.18 -34.26 -30.14
N GLN E 27 37.49 -34.40 -30.34
CA GLN E 27 38.07 -34.81 -31.61
C GLN E 27 39.23 -35.78 -31.32
N ASN E 28 39.13 -37.00 -31.84
CA ASN E 28 40.25 -37.93 -31.79
C ASN E 28 40.38 -38.75 -33.09
N SER E 29 41.26 -39.75 -33.09
CA SER E 29 41.51 -40.56 -34.29
C SER E 29 40.30 -41.39 -34.69
N GLU E 30 39.41 -41.64 -33.74
CA GLU E 30 38.25 -42.47 -33.99
C GLU E 30 37.03 -41.69 -34.49
N GLY E 31 37.09 -40.36 -34.41
CA GLY E 31 35.93 -39.54 -34.74
C GLY E 31 35.80 -38.27 -33.90
N SER E 32 34.63 -37.63 -33.98
CA SER E 32 34.42 -36.35 -33.32
C SER E 32 32.93 -36.09 -33.15
N GLY E 33 32.57 -35.20 -32.23
CA GLY E 33 31.17 -34.94 -32.01
C GLY E 33 30.80 -34.14 -30.79
N TYR E 34 29.52 -33.79 -30.72
CA TYR E 34 28.98 -32.98 -29.64
C TYR E 34 28.29 -33.91 -28.65
N ALA E 35 28.39 -33.61 -27.36
CA ALA E 35 27.67 -34.37 -26.35
C ALA E 35 27.34 -33.44 -25.19
N ALA E 36 26.13 -33.55 -24.65
CA ALA E 36 25.75 -32.71 -23.54
C ALA E 36 26.24 -33.30 -22.22
N ASP E 37 26.55 -32.42 -21.26
CA ASP E 37 26.68 -32.85 -19.87
C ASP E 37 25.24 -32.93 -19.35
N LYS E 38 24.72 -34.15 -19.23
CA LYS E 38 23.31 -34.34 -18.91
C LYS E 38 23.00 -33.84 -17.51
N GLU E 39 23.92 -34.11 -16.59
CA GLU E 39 23.70 -33.83 -15.18
C GLU E 39 23.79 -32.33 -14.88
N ALA E 40 24.80 -31.66 -15.44
CA ALA E 40 24.88 -30.21 -15.29
C ALA E 40 23.64 -29.54 -15.92
N THR E 41 23.18 -30.08 -17.04
CA THR E 41 21.99 -29.53 -17.69
C THR E 41 20.75 -29.70 -16.79
N GLN E 42 20.52 -30.91 -16.30
CA GLN E 42 19.31 -31.19 -15.53
C GLN E 42 19.27 -30.36 -14.26
N LYS E 43 20.42 -30.27 -13.60
CA LYS E 43 20.58 -29.45 -12.42
C LYS E 43 20.19 -28.00 -12.71
N ALA E 44 20.67 -27.44 -13.83
CA ALA E 44 20.36 -26.05 -14.17
C ALA E 44 18.88 -25.88 -14.50
N VAL E 45 18.32 -26.82 -15.26
CA VAL E 45 16.89 -26.77 -15.57
C VAL E 45 16.06 -26.75 -14.28
N ASP E 46 16.39 -27.61 -13.31
CA ASP E 46 15.66 -27.65 -12.05
C ASP E 46 15.76 -26.33 -11.28
N ALA E 47 16.94 -25.72 -11.30
CA ALA E 47 17.16 -24.46 -10.59
C ALA E 47 16.32 -23.34 -11.20
N ILE E 48 16.26 -23.30 -12.53
CA ILE E 48 15.58 -22.20 -13.21
C ILE E 48 14.08 -22.40 -13.14
N THR E 49 13.65 -23.65 -13.27
CA THR E 49 12.24 -24.00 -13.07
C THR E 49 11.81 -23.58 -11.67
N THR E 50 12.64 -23.88 -10.68
CA THR E 50 12.35 -23.50 -9.30
C THR E 50 12.27 -21.96 -9.17
N LYS E 51 13.22 -21.24 -9.77
CA LYS E 51 13.19 -19.79 -9.70
C LYS E 51 11.87 -19.25 -10.29
N VAL E 52 11.55 -19.64 -11.51
CA VAL E 52 10.34 -19.18 -12.17
C VAL E 52 9.07 -19.55 -11.38
N ASN E 53 9.00 -20.79 -10.91
CA ASN E 53 7.85 -21.25 -10.14
C ASN E 53 7.70 -20.49 -8.81
N ASN E 54 8.82 -20.09 -8.19
CA ASN E 54 8.76 -19.28 -6.99
C ASN E 54 8.17 -17.91 -7.26
N ILE E 55 8.66 -17.26 -8.32
CA ILE E 55 8.24 -15.91 -8.67
C ILE E 55 6.73 -15.90 -8.98
N ILE E 56 6.23 -16.97 -9.60
CA ILE E 56 4.81 -17.07 -9.91
C ILE E 56 4.00 -17.50 -8.69
N ASP E 57 4.40 -18.60 -8.06
CA ASP E 57 3.61 -19.20 -6.98
C ASP E 57 3.55 -18.41 -5.67
N LYS E 58 4.55 -17.58 -5.39
CA LYS E 58 4.51 -16.81 -4.15
C LYS E 58 3.45 -15.72 -4.18
N MET E 59 2.92 -15.41 -5.37
CA MET E 59 1.82 -14.43 -5.46
C MET E 59 0.52 -15.06 -5.03
N ASN E 60 0.35 -15.15 -3.71
CA ASN E 60 -0.81 -15.81 -3.15
C ASN E 60 -1.67 -14.76 -2.47
N THR E 61 -2.80 -14.43 -3.10
CA THR E 61 -3.41 -13.12 -2.83
C THR E 61 -4.70 -13.18 -2.04
N GLN E 62 -5.05 -12.05 -1.43
CA GLN E 62 -6.38 -11.91 -0.83
C GLN E 62 -7.42 -11.89 -1.96
N PHE E 63 -8.64 -12.33 -1.69
CA PHE E 63 -9.72 -12.28 -2.65
C PHE E 63 -9.92 -10.85 -3.15
N GLU E 64 -9.93 -10.67 -4.47
CA GLU E 64 -10.03 -9.34 -5.07
C GLU E 64 -11.49 -8.92 -5.30
N SER E 65 -11.81 -7.69 -4.91
CA SER E 65 -13.16 -7.15 -4.99
C SER E 65 -13.27 -5.99 -5.98
N THR E 66 -14.42 -5.82 -6.62
CA THR E 66 -14.65 -4.63 -7.40
C THR E 66 -15.65 -3.67 -6.73
N ALA E 67 -15.92 -3.90 -5.45
CA ALA E 67 -16.83 -3.00 -4.72
C ALA E 67 -16.07 -1.76 -4.23
N LYS E 68 -16.14 -0.69 -5.03
CA LYS E 68 -15.39 0.54 -4.74
C LYS E 68 -16.27 1.76 -4.98
N GLU E 69 -17.52 1.69 -4.55
CA GLU E 69 -18.47 2.77 -4.82
C GLU E 69 -18.91 3.45 -3.52
N PHE E 70 -19.16 4.75 -3.61
CA PHE E 70 -19.58 5.52 -2.45
C PHE E 70 -20.76 6.38 -2.90
N ASN E 71 -21.46 7.03 -1.99
CA ASN E 71 -22.63 7.78 -2.47
C ASN E 71 -22.25 9.10 -3.13
N LYS E 72 -23.20 9.69 -3.85
CA LYS E 72 -22.97 10.92 -4.62
C LYS E 72 -22.49 12.09 -3.77
N ILE E 73 -22.75 12.09 -2.47
CA ILE E 73 -22.20 13.16 -1.66
C ILE E 73 -20.92 12.75 -0.94
N GLU E 74 -20.25 11.73 -1.46
CA GLU E 74 -19.06 11.21 -0.80
C GLU E 74 -17.88 11.13 -1.78
N MET E 75 -17.77 12.12 -2.67
CA MET E 75 -16.72 12.10 -3.70
C MET E 75 -15.31 12.10 -3.10
N ARG E 76 -15.15 12.77 -1.96
CA ARG E 76 -13.87 12.76 -1.25
C ARG E 76 -13.46 11.35 -0.81
N ILE E 77 -14.45 10.50 -0.54
CA ILE E 77 -14.15 9.12 -0.15
C ILE E 77 -13.82 8.28 -1.39
N LYS E 78 -14.53 8.54 -2.48
CA LYS E 78 -14.21 7.88 -3.74
C LYS E 78 -12.79 8.23 -4.15
N HIS E 79 -12.43 9.50 -3.98
CA HIS E 79 -11.08 9.94 -4.33
C HIS E 79 -10.02 9.28 -3.44
N LEU E 80 -10.36 9.04 -2.18
CA LEU E 80 -9.43 8.31 -1.31
C LEU E 80 -9.27 6.88 -1.85
N SER E 81 -10.37 6.25 -2.23
CA SER E 81 -10.35 4.91 -2.80
C SER E 81 -9.54 4.88 -4.10
N ASP E 82 -9.71 5.89 -4.95
CA ASP E 82 -8.93 5.96 -6.18
C ASP E 82 -7.43 6.14 -5.94
N ARG E 83 -7.04 6.92 -4.93
CA ARG E 83 -5.60 7.13 -4.75
C ARG E 83 -4.97 5.95 -3.99
N VAL E 84 -5.80 5.18 -3.28
CA VAL E 84 -5.32 3.92 -2.71
C VAL E 84 -4.89 2.96 -3.84
N ASP E 85 -5.73 2.84 -4.87
CA ASP E 85 -5.42 1.98 -6.02
C ASP E 85 -4.24 2.50 -6.86
N ASP E 86 -4.17 3.82 -7.07
CA ASP E 86 -2.98 4.44 -7.67
C ASP E 86 -1.72 4.09 -6.88
N GLY E 87 -1.85 4.04 -5.56
CA GLY E 87 -0.69 3.79 -4.71
C GLY E 87 -0.16 2.39 -4.88
N PHE E 88 -1.07 1.41 -4.85
CA PHE E 88 -0.67 0.03 -5.03
C PHE E 88 -0.20 -0.23 -6.46
N LEU E 89 -0.81 0.46 -7.42
CA LEU E 89 -0.39 0.35 -8.83
C LEU E 89 1.07 0.75 -9.00
N ASP E 90 1.44 1.88 -8.41
CA ASP E 90 2.82 2.34 -8.50
C ASP E 90 3.77 1.40 -7.73
N VAL E 91 3.33 0.87 -6.59
CA VAL E 91 4.16 -0.12 -5.90
C VAL E 91 4.39 -1.37 -6.73
N TRP E 92 3.32 -2.01 -7.23
CA TRP E 92 3.50 -3.26 -7.96
C TRP E 92 4.22 -3.09 -9.28
N SER E 93 3.98 -1.97 -9.95
CA SER E 93 4.61 -1.76 -11.25
C SER E 93 6.12 -1.59 -11.13
N TYR E 94 6.55 -0.74 -10.18
CA TYR E 94 7.98 -0.50 -10.01
C TYR E 94 8.68 -1.80 -9.57
N ASN E 95 8.09 -2.49 -8.58
CA ASN E 95 8.73 -3.69 -8.02
C ASN E 95 8.76 -4.85 -9.02
N ALA E 96 7.72 -4.99 -9.84
CA ALA E 96 7.69 -6.02 -10.87
C ALA E 96 8.76 -5.79 -11.95
N GLU E 97 8.88 -4.55 -12.41
CA GLU E 97 9.88 -4.20 -13.43
C GLU E 97 11.29 -4.49 -12.95
N LEU E 98 11.64 -4.01 -11.76
CA LEU E 98 13.01 -4.19 -11.27
C LEU E 98 13.30 -5.66 -10.96
N LEU E 99 12.28 -6.38 -10.50
CA LEU E 99 12.46 -7.82 -10.22
C LEU E 99 12.85 -8.56 -11.49
N VAL E 100 12.13 -8.30 -12.57
CA VAL E 100 12.47 -8.94 -13.83
C VAL E 100 13.88 -8.55 -14.29
N LEU E 101 14.20 -7.26 -14.20
CA LEU E 101 15.52 -6.77 -14.62
C LEU E 101 16.65 -7.39 -13.82
N LEU E 102 16.49 -7.46 -12.50
CA LEU E 102 17.50 -8.07 -11.64
C LEU E 102 17.57 -9.58 -11.84
N GLU E 103 16.42 -10.25 -11.91
CA GLU E 103 16.44 -11.70 -12.07
C GLU E 103 17.03 -12.14 -13.44
N ASN E 104 16.82 -11.34 -14.48
CA ASN E 104 17.41 -11.66 -15.77
C ASN E 104 18.94 -11.53 -15.79
N GLU E 105 19.46 -10.48 -15.17
CA GLU E 105 20.91 -10.32 -15.01
C GLU E 105 21.49 -11.55 -14.30
N ARG E 106 20.81 -12.03 -13.26
CA ARG E 106 21.34 -13.14 -12.47
C ARG E 106 21.20 -14.47 -13.20
N THR E 107 20.12 -14.63 -13.95
CA THR E 107 19.92 -15.86 -14.70
C THR E 107 21.06 -16.02 -15.73
N LEU E 108 21.38 -14.94 -16.44
CA LEU E 108 22.51 -14.98 -17.37
C LEU E 108 23.86 -15.24 -16.68
N ASP E 109 24.11 -14.61 -15.53
CA ASP E 109 25.34 -14.91 -14.77
C ASP E 109 25.35 -16.36 -14.31
N PHE E 110 24.19 -16.87 -13.92
CA PHE E 110 24.04 -18.25 -13.50
C PHE E 110 24.53 -19.22 -14.60
N HIS E 111 24.10 -18.99 -15.84
CA HIS E 111 24.54 -19.82 -16.96
C HIS E 111 26.06 -19.74 -17.16
N ASP E 112 26.62 -18.53 -17.14
CA ASP E 112 28.06 -18.36 -17.25
C ASP E 112 28.81 -19.15 -16.17
N ALA E 113 28.30 -19.10 -14.95
CA ALA E 113 28.99 -19.78 -13.86
C ALA E 113 28.95 -21.29 -14.04
N ASN E 114 27.84 -21.82 -14.57
CA ASN E 114 27.77 -23.26 -14.83
C ASN E 114 28.70 -23.74 -15.94
N VAL E 115 28.83 -22.96 -17.01
CA VAL E 115 29.79 -23.28 -18.07
C VAL E 115 31.23 -23.22 -17.54
N ASN E 116 31.55 -22.15 -16.82
CA ASN E 116 32.90 -22.00 -16.26
C ASN E 116 33.24 -23.17 -15.34
N ASN E 117 32.24 -23.67 -14.62
CA ASN E 117 32.44 -24.83 -13.76
C ASN E 117 32.85 -26.10 -14.52
N LEU E 118 32.15 -26.40 -15.62
CA LEU E 118 32.55 -27.49 -16.48
C LEU E 118 34.00 -27.33 -16.94
N TYR E 119 34.32 -26.10 -17.34
CA TYR E 119 35.67 -25.76 -17.78
C TYR E 119 36.69 -26.04 -16.69
N GLN E 120 36.48 -25.49 -15.50
CA GLN E 120 37.41 -25.70 -14.39
C GLN E 120 37.58 -27.18 -14.06
N LYS E 121 36.47 -27.92 -14.05
CA LYS E 121 36.53 -29.36 -13.78
C LYS E 121 37.40 -30.15 -14.75
N VAL E 122 37.26 -29.86 -16.05
CA VAL E 122 38.11 -30.52 -17.02
C VAL E 122 39.55 -30.08 -16.82
N LYS E 123 39.76 -28.78 -16.61
CA LYS E 123 41.11 -28.23 -16.51
C LYS E 123 41.96 -28.85 -15.41
N VAL E 124 41.39 -28.96 -14.22
CA VAL E 124 42.11 -29.48 -13.06
C VAL E 124 42.32 -31.00 -13.18
N GLN E 125 41.51 -31.65 -14.01
CA GLN E 125 41.74 -33.07 -14.31
C GLN E 125 42.97 -33.26 -15.20
N LEU E 126 43.06 -32.48 -16.27
CA LEU E 126 44.15 -32.66 -17.23
C LEU E 126 45.48 -32.14 -16.70
N LYS E 127 45.45 -31.06 -15.92
CA LYS E 127 46.68 -30.38 -15.48
C LYS E 127 47.59 -30.10 -16.67
N ASP E 128 48.88 -30.41 -16.54
CA ASP E 128 49.83 -30.20 -17.64
C ASP E 128 49.88 -31.34 -18.66
N ASN E 129 48.93 -32.27 -18.59
CA ASN E 129 48.75 -33.26 -19.66
C ASN E 129 48.08 -32.66 -20.90
N ALA E 130 47.75 -31.37 -20.81
CA ALA E 130 47.16 -30.66 -21.95
C ALA E 130 47.59 -29.20 -21.95
N ILE E 131 47.44 -28.57 -23.10
CA ILE E 131 47.63 -27.13 -23.22
C ILE E 131 46.26 -26.46 -23.38
N ASP E 132 45.99 -25.48 -22.51
CA ASP E 132 44.75 -24.72 -22.54
C ASP E 132 44.87 -23.73 -23.68
N MET E 133 44.01 -23.87 -24.69
CA MET E 133 44.18 -23.07 -25.93
C MET E 133 43.56 -21.68 -25.83
N GLY E 134 42.96 -21.36 -24.67
CA GLY E 134 42.40 -20.04 -24.42
C GLY E 134 41.07 -19.73 -25.06
N ASN E 135 40.48 -20.71 -25.73
CA ASN E 135 39.20 -20.50 -26.39
C ASN E 135 38.13 -21.47 -25.90
N GLY E 136 38.37 -22.09 -24.74
CA GLY E 136 37.44 -23.05 -24.16
C GLY E 136 37.76 -24.48 -24.54
N CYS E 137 38.89 -24.67 -25.23
CA CYS E 137 39.30 -25.99 -25.70
C CYS E 137 40.63 -26.42 -25.11
N PHE E 138 40.84 -27.73 -25.00
CA PHE E 138 42.12 -28.25 -24.54
C PHE E 138 42.80 -29.10 -25.61
N LYS E 139 44.07 -28.76 -25.90
CA LYS E 139 44.90 -29.60 -26.76
C LYS E 139 45.63 -30.60 -25.87
N ILE E 140 45.23 -31.86 -25.93
CA ILE E 140 45.82 -32.82 -24.99
C ILE E 140 47.05 -33.55 -25.58
N LEU E 141 48.04 -33.79 -24.72
CA LEU E 141 49.38 -34.15 -25.17
C LEU E 141 49.61 -35.65 -25.32
N HIS E 142 48.53 -36.42 -25.39
CA HIS E 142 48.65 -37.84 -25.58
C HIS E 142 47.46 -38.33 -26.38
N LYS E 143 47.58 -39.52 -26.97
CA LYS E 143 46.45 -40.10 -27.66
C LYS E 143 45.34 -40.34 -26.65
N CYS E 144 44.16 -39.80 -26.93
CA CYS E 144 43.03 -39.92 -26.03
C CYS E 144 41.87 -40.58 -26.76
N ASN E 145 41.69 -41.87 -26.54
CA ASN E 145 40.61 -42.61 -27.21
C ASN E 145 39.23 -42.35 -26.58
N ASN E 146 38.20 -43.04 -27.07
CA ASN E 146 36.85 -42.77 -26.59
C ASN E 146 36.67 -43.05 -25.10
N THR E 147 37.35 -44.07 -24.60
CA THR E 147 37.28 -44.38 -23.17
C THR E 147 37.91 -43.23 -22.38
N CYS E 148 39.05 -42.75 -22.86
CA CYS E 148 39.74 -41.60 -22.27
C CYS E 148 38.87 -40.32 -22.30
N MET E 149 38.25 -40.05 -23.44
CA MET E 149 37.34 -38.90 -23.55
C MET E 149 36.17 -39.04 -22.59
N ASP E 150 35.57 -40.24 -22.55
CA ASP E 150 34.47 -40.52 -21.64
C ASP E 150 34.87 -40.29 -20.20
N ASP E 151 36.10 -40.64 -19.86
CA ASP E 151 36.60 -40.49 -18.49
C ASP E 151 36.72 -39.02 -18.11
N ILE E 152 37.29 -38.21 -19.00
CA ILE E 152 37.35 -36.77 -18.81
C ILE E 152 35.96 -36.17 -18.52
N LYS E 153 34.96 -36.58 -19.31
CA LYS E 153 33.60 -36.09 -19.13
C LYS E 153 32.96 -36.58 -17.85
N ASN E 154 33.28 -37.80 -17.44
CA ASN E 154 32.70 -38.40 -16.24
C ASN E 154 33.49 -38.02 -14.97
N GLY E 155 34.63 -37.34 -15.14
CA GLY E 155 35.44 -36.94 -14.00
C GLY E 155 36.35 -38.00 -13.41
N THR E 156 36.74 -38.99 -14.23
CA THR E 156 37.53 -40.11 -13.76
C THR E 156 38.85 -40.28 -14.53
N TYR E 157 39.25 -39.21 -15.20
CA TYR E 157 40.51 -39.19 -15.93
C TYR E 157 41.66 -39.35 -14.93
N ASN E 158 42.62 -40.21 -15.27
CA ASN E 158 43.78 -40.46 -14.41
C ASN E 158 45.00 -39.73 -14.93
N TYR E 159 45.32 -38.61 -14.31
CA TYR E 159 46.47 -37.78 -14.70
C TYR E 159 47.79 -38.55 -14.73
N TYR E 160 47.95 -39.52 -13.84
CA TYR E 160 49.23 -40.22 -13.72
C TYR E 160 49.41 -41.30 -14.78
N GLU E 161 48.29 -41.86 -15.25
CA GLU E 161 48.29 -42.86 -16.32
C GLU E 161 48.93 -42.34 -17.62
N TYR E 162 48.78 -41.05 -17.88
CA TYR E 162 49.22 -40.49 -19.16
C TYR E 162 50.42 -39.53 -19.00
N ARG E 163 50.89 -39.37 -17.77
CA ARG E 163 51.96 -38.41 -17.48
C ARG E 163 53.20 -38.59 -18.36
N LYS E 164 53.65 -39.83 -18.51
CA LYS E 164 54.90 -40.12 -19.22
C LYS E 164 54.80 -39.74 -20.70
N GLU E 165 53.76 -40.23 -21.37
CA GLU E 165 53.53 -39.95 -22.77
C GLU E 165 53.40 -38.43 -22.99
N SER E 166 52.69 -37.77 -22.09
CA SER E 166 52.48 -36.32 -22.17
C SER E 166 53.79 -35.55 -22.02
N HIS E 167 54.60 -35.92 -21.03
CA HIS E 167 55.89 -35.26 -20.82
C HIS E 167 56.77 -35.33 -22.05
N LEU E 168 56.74 -36.46 -22.76
CA LEU E 168 57.58 -36.64 -23.94
C LEU E 168 57.16 -35.68 -25.04
N GLU E 169 55.86 -35.46 -25.18
CA GLU E 169 55.35 -34.58 -26.22
C GLU E 169 55.58 -33.13 -25.83
N LYS E 170 55.54 -32.85 -24.53
CA LYS E 170 55.77 -31.49 -24.04
C LYS E 170 57.22 -31.08 -24.29
N GLN E 171 58.15 -32.03 -24.11
CA GLN E 171 59.55 -31.81 -24.41
C GLN E 171 59.75 -31.42 -25.88
N LYS E 172 59.07 -32.13 -26.78
CA LYS E 172 59.16 -31.82 -28.20
C LYS E 172 58.58 -30.43 -28.49
N ILE E 173 57.70 -29.97 -27.63
CA ILE E 173 57.11 -28.64 -27.76
C ILE E 173 58.05 -27.55 -27.25
N ASP E 174 58.72 -27.81 -26.13
CA ASP E 174 59.60 -26.84 -25.52
C ASP E 174 60.83 -26.53 -26.39
N SER E 175 60.93 -27.21 -27.53
CA SER E 175 61.91 -26.84 -28.57
C SER E 175 61.25 -25.96 -29.63
N ILE F 6 40.55 -35.04 5.05
CA ILE F 6 41.39 -35.74 4.09
C ILE F 6 41.14 -35.23 2.65
N ALA F 7 39.86 -35.13 2.27
CA ALA F 7 39.47 -34.44 1.02
C ALA F 7 39.01 -33.01 1.34
N GLY F 8 38.97 -32.14 0.32
CA GLY F 8 38.68 -30.74 0.56
C GLY F 8 37.27 -30.31 0.19
N PHE F 9 37.09 -29.01 0.01
CA PHE F 9 35.76 -28.41 -0.17
C PHE F 9 34.98 -28.95 -1.37
N ILE F 10 35.68 -29.46 -2.37
CA ILE F 10 35.02 -30.04 -3.56
C ILE F 10 34.02 -31.15 -3.17
N GLU F 11 34.38 -31.96 -2.18
CA GLU F 11 33.57 -33.13 -1.83
C GLU F 11 32.57 -32.90 -0.69
N GLY F 12 32.68 -31.78 0.01
CA GLY F 12 31.76 -31.50 1.10
C GLY F 12 32.38 -30.71 2.22
N GLY F 13 31.67 -30.64 3.35
CA GLY F 13 32.15 -29.91 4.51
C GLY F 13 32.89 -30.79 5.50
N TRP F 14 33.45 -30.17 6.55
CA TRP F 14 34.24 -30.85 7.54
C TRP F 14 33.62 -30.73 8.94
N GLN F 15 33.16 -31.84 9.51
CA GLN F 15 32.79 -31.85 10.92
C GLN F 15 33.96 -31.44 11.80
N GLY F 16 35.17 -31.78 11.38
CA GLY F 16 36.37 -31.52 12.17
C GLY F 16 36.80 -30.07 12.28
N LEU F 17 36.30 -29.20 11.40
CA LEU F 17 36.63 -27.78 11.51
C LEU F 17 35.72 -27.14 12.54
N ILE F 18 36.21 -26.91 13.76
CA ILE F 18 35.30 -26.49 14.84
C ILE F 18 35.53 -25.08 15.37
N ASP F 19 36.53 -24.38 14.84
CA ASP F 19 36.89 -23.08 15.39
C ASP F 19 36.65 -21.95 14.38
N GLY F 20 35.82 -22.20 13.37
CA GLY F 20 35.58 -21.21 12.33
C GLY F 20 34.73 -21.69 11.15
N TRP F 21 34.47 -20.79 10.20
CA TRP F 21 33.65 -21.12 9.05
C TRP F 21 34.45 -21.74 7.90
N TYR F 22 35.61 -21.16 7.61
CA TYR F 22 36.47 -21.66 6.54
C TYR F 22 37.85 -21.92 7.13
N GLY F 23 38.61 -22.81 6.50
CA GLY F 23 39.90 -23.13 7.04
C GLY F 23 40.64 -24.19 6.26
N TYR F 24 41.56 -24.85 6.95
CA TYR F 24 42.55 -25.69 6.31
C TYR F 24 42.68 -27.01 7.02
N HIS F 25 43.07 -28.02 6.28
CA HIS F 25 43.50 -29.25 6.90
C HIS F 25 44.88 -29.58 6.32
N HIS F 26 45.83 -29.92 7.18
CA HIS F 26 47.18 -30.22 6.69
C HIS F 26 47.59 -31.61 7.14
N GLN F 27 48.52 -32.21 6.42
CA GLN F 27 49.12 -33.47 6.86
C GLN F 27 50.61 -33.44 6.51
N ASN F 28 51.44 -33.65 7.51
CA ASN F 28 52.88 -33.79 7.26
C ASN F 28 53.50 -34.77 8.25
N SER F 29 54.83 -34.90 8.22
CA SER F 29 55.54 -35.82 9.11
C SER F 29 55.30 -35.56 10.60
N GLU F 30 54.91 -34.34 10.96
CA GLU F 30 54.75 -33.98 12.37
C GLU F 30 53.32 -34.22 12.83
N GLY F 31 52.46 -34.57 11.89
CA GLY F 31 51.08 -34.85 12.22
C GLY F 31 50.11 -34.13 11.31
N SER F 32 48.88 -33.96 11.79
CA SER F 32 47.81 -33.38 11.00
C SER F 32 46.89 -32.57 11.89
N GLY F 33 46.01 -31.80 11.26
CA GLY F 33 44.99 -31.07 11.99
C GLY F 33 44.16 -30.13 11.15
N TYR F 34 43.01 -29.72 11.70
CA TYR F 34 42.16 -28.71 11.11
C TYR F 34 42.48 -27.34 11.74
N ALA F 35 42.37 -26.27 10.97
CA ALA F 35 42.62 -24.93 11.50
C ALA F 35 41.83 -23.88 10.74
N ALA F 36 41.10 -23.04 11.47
CA ALA F 36 40.30 -22.01 10.82
C ALA F 36 41.18 -20.86 10.33
N ASP F 37 40.81 -20.32 9.18
CA ASP F 37 41.34 -19.05 8.74
C ASP F 37 40.55 -17.99 9.49
N LYS F 38 41.09 -17.58 10.65
CA LYS F 38 40.33 -16.76 11.59
C LYS F 38 39.90 -15.44 10.97
N GLU F 39 40.73 -14.92 10.08
CA GLU F 39 40.47 -13.59 9.51
C GLU F 39 39.37 -13.65 8.45
N ALA F 40 39.39 -14.69 7.62
CA ALA F 40 38.36 -14.85 6.59
C ALA F 40 37.03 -15.18 7.27
N THR F 41 37.07 -15.95 8.35
CA THR F 41 35.86 -16.27 9.10
C THR F 41 35.24 -15.00 9.69
N GLN F 42 36.04 -14.21 10.40
CA GLN F 42 35.54 -13.00 11.05
C GLN F 42 34.94 -12.03 10.04
N LYS F 43 35.61 -11.89 8.91
CA LYS F 43 35.16 -10.96 7.89
C LYS F 43 33.82 -11.39 7.33
N ALA F 44 33.64 -12.69 7.14
CA ALA F 44 32.36 -13.22 6.66
C ALA F 44 31.29 -13.12 7.74
N VAL F 45 31.68 -13.30 9.00
CA VAL F 45 30.73 -13.16 10.11
C VAL F 45 30.20 -11.74 10.22
N ASP F 46 31.10 -10.76 10.12
CA ASP F 46 30.71 -9.35 10.16
C ASP F 46 29.80 -8.98 8.99
N ALA F 47 30.06 -9.56 7.83
CA ALA F 47 29.25 -9.28 6.65
C ALA F 47 27.83 -9.87 6.81
N ILE F 48 27.75 -11.12 7.26
CA ILE F 48 26.44 -11.77 7.39
C ILE F 48 25.61 -11.10 8.47
N THR F 49 26.27 -10.69 9.55
CA THR F 49 25.61 -10.01 10.65
C THR F 49 25.12 -8.65 10.20
N THR F 50 25.94 -7.98 9.37
CA THR F 50 25.55 -6.70 8.83
C THR F 50 24.32 -6.88 7.94
N LYS F 51 24.31 -7.92 7.11
CA LYS F 51 23.17 -8.20 6.23
C LYS F 51 21.88 -8.45 7.02
N VAL F 52 21.95 -9.37 7.97
CA VAL F 52 20.78 -9.68 8.81
C VAL F 52 20.27 -8.44 9.57
N ASN F 53 21.19 -7.64 10.12
CA ASN F 53 20.83 -6.45 10.88
C ASN F 53 20.22 -5.34 10.02
N ASN F 54 20.64 -5.24 8.76
CA ASN F 54 20.03 -4.29 7.84
C ASN F 54 18.60 -4.68 7.48
N ILE F 55 18.40 -5.96 7.15
CA ILE F 55 17.08 -6.50 6.87
C ILE F 55 16.13 -6.25 8.06
N ILE F 56 16.66 -6.35 9.27
CA ILE F 56 15.86 -6.11 10.47
C ILE F 56 15.69 -4.61 10.81
N ASP F 57 16.81 -3.88 10.91
CA ASP F 57 16.77 -2.50 11.38
C ASP F 57 16.25 -1.46 10.37
N LYS F 58 16.24 -1.79 9.09
CA LYS F 58 15.69 -0.85 8.11
C LYS F 58 14.16 -0.78 8.23
N MET F 59 13.57 -1.76 8.91
CA MET F 59 12.13 -1.70 9.16
C MET F 59 11.83 -0.71 10.29
N ASN F 60 11.89 0.59 9.97
CA ASN F 60 11.60 1.62 10.96
C ASN F 60 10.24 2.23 10.66
N THR F 61 9.23 1.85 11.44
CA THR F 61 7.84 2.05 11.03
C THR F 61 7.14 3.25 11.66
N GLN F 62 6.05 3.69 11.02
CA GLN F 62 5.15 4.63 11.66
C GLN F 62 4.43 3.92 12.81
N PHE F 63 4.01 4.68 13.81
CA PHE F 63 3.25 4.14 14.93
C PHE F 63 2.01 3.39 14.40
N GLU F 64 1.82 2.16 14.87
CA GLU F 64 0.74 1.31 14.36
C GLU F 64 -0.54 1.47 15.19
N SER F 65 -1.67 1.66 14.52
CA SER F 65 -2.93 1.88 15.21
C SER F 65 -3.93 0.74 14.97
N THR F 66 -4.79 0.46 15.94
CA THR F 66 -5.89 -0.46 15.71
C THR F 66 -7.23 0.27 15.61
N ALA F 67 -7.19 1.59 15.47
CA ALA F 67 -8.44 2.35 15.35
C ALA F 67 -8.95 2.26 13.89
N LYS F 68 -9.84 1.30 13.63
CA LYS F 68 -10.25 1.01 12.25
C LYS F 68 -11.75 0.82 12.17
N GLU F 69 -12.50 1.60 12.96
CA GLU F 69 -13.95 1.39 13.03
C GLU F 69 -14.76 2.57 12.44
N PHE F 70 -15.90 2.25 11.86
CA PHE F 70 -16.76 3.28 11.25
C PHE F 70 -18.17 3.02 11.73
N ASN F 71 -19.11 3.92 11.49
CA ASN F 71 -20.44 3.69 12.05
C ASN F 71 -21.23 2.63 11.25
N LYS F 72 -22.34 2.17 11.80
CA LYS F 72 -23.04 1.03 11.21
C LYS F 72 -23.66 1.33 9.84
N ILE F 73 -23.77 2.61 9.50
CA ILE F 73 -24.25 2.97 8.19
C ILE F 73 -23.09 3.36 7.26
N GLU F 74 -21.88 2.94 7.63
CA GLU F 74 -20.70 3.23 6.81
C GLU F 74 -19.96 1.95 6.43
N MET F 75 -20.68 0.88 6.16
CA MET F 75 -20.02 -0.39 5.83
C MET F 75 -19.10 -0.29 4.62
N ARG F 76 -19.45 0.56 3.66
CA ARG F 76 -18.61 0.78 2.49
C ARG F 76 -17.23 1.35 2.88
N ILE F 77 -17.20 2.16 3.94
CA ILE F 77 -15.91 2.74 4.34
C ILE F 77 -15.09 1.68 5.10
N LYS F 78 -15.77 0.89 5.93
CA LYS F 78 -15.12 -0.25 6.58
C LYS F 78 -14.54 -1.21 5.55
N HIS F 79 -15.26 -1.40 4.44
CA HIS F 79 -14.75 -2.25 3.37
C HIS F 79 -13.49 -1.66 2.76
N LEU F 80 -13.46 -0.34 2.59
CA LEU F 80 -12.27 0.31 2.04
C LEU F 80 -11.09 0.09 2.97
N SER F 81 -11.31 0.29 4.27
CA SER F 81 -10.28 0.03 5.28
C SER F 81 -9.80 -1.42 5.21
N ASP F 82 -10.71 -2.38 5.07
CA ASP F 82 -10.33 -3.78 4.92
C ASP F 82 -9.48 -4.06 3.65
N ARG F 83 -9.81 -3.45 2.52
CA ARG F 83 -9.07 -3.77 1.30
C ARG F 83 -7.75 -2.99 1.25
N VAL F 84 -7.69 -1.86 1.96
CA VAL F 84 -6.39 -1.24 2.20
C VAL F 84 -5.48 -2.27 2.90
N ASP F 85 -5.93 -2.83 4.01
CA ASP F 85 -5.11 -3.79 4.76
C ASP F 85 -4.80 -5.07 3.96
N ASP F 86 -5.74 -5.56 3.17
CA ASP F 86 -5.46 -6.67 2.25
C ASP F 86 -4.39 -6.31 1.23
N GLY F 87 -4.43 -5.05 0.77
CA GLY F 87 -3.44 -4.53 -0.15
C GLY F 87 -2.03 -4.59 0.41
N PHE F 88 -1.85 -4.07 1.62
CA PHE F 88 -0.53 -4.07 2.26
C PHE F 88 -0.09 -5.48 2.66
N LEU F 89 -1.02 -6.29 3.16
CA LEU F 89 -0.77 -7.71 3.40
C LEU F 89 -0.16 -8.40 2.18
N ASP F 90 -0.71 -8.16 0.99
CA ASP F 90 -0.20 -8.81 -0.21
C ASP F 90 1.17 -8.24 -0.64
N VAL F 91 1.37 -6.94 -0.47
CA VAL F 91 2.67 -6.34 -0.78
C VAL F 91 3.76 -6.94 0.12
N TRP F 92 3.53 -6.88 1.43
CA TRP F 92 4.57 -7.28 2.38
C TRP F 92 4.83 -8.78 2.32
N SER F 93 3.77 -9.58 2.14
CA SER F 93 3.94 -11.03 2.09
C SER F 93 4.80 -11.44 0.90
N TYR F 94 4.44 -10.97 -0.29
CA TYR F 94 5.16 -11.30 -1.50
C TYR F 94 6.60 -10.82 -1.44
N ASN F 95 6.78 -9.57 -1.04
CA ASN F 95 8.14 -9.01 -0.94
C ASN F 95 9.00 -9.73 0.10
N ALA F 96 8.44 -10.00 1.27
CA ALA F 96 9.20 -10.67 2.32
C ALA F 96 9.61 -12.08 1.86
N GLU F 97 8.69 -12.76 1.20
CA GLU F 97 8.95 -14.12 0.70
C GLU F 97 10.10 -14.17 -0.33
N LEU F 98 10.07 -13.26 -1.30
CA LEU F 98 11.10 -13.22 -2.34
C LEU F 98 12.44 -12.69 -1.84
N LEU F 99 12.41 -11.77 -0.88
CA LEU F 99 13.63 -11.26 -0.25
C LEU F 99 14.40 -12.42 0.42
N VAL F 100 13.69 -13.21 1.21
CA VAL F 100 14.30 -14.36 1.86
C VAL F 100 14.89 -15.37 0.85
N LEU F 101 14.15 -15.67 -0.21
CA LEU F 101 14.61 -16.66 -1.19
C LEU F 101 15.82 -16.12 -1.96
N LEU F 102 15.78 -14.86 -2.34
CA LEU F 102 16.92 -14.29 -3.06
C LEU F 102 18.16 -14.20 -2.14
N GLU F 103 17.96 -13.67 -0.94
CA GLU F 103 19.06 -13.50 -0.01
C GLU F 103 19.67 -14.85 0.39
N ASN F 104 18.85 -15.88 0.56
CA ASN F 104 19.42 -17.20 0.84
C ASN F 104 20.30 -17.74 -0.31
N GLU F 105 19.85 -17.56 -1.55
CA GLU F 105 20.67 -17.96 -2.69
C GLU F 105 22.01 -17.21 -2.68
N ARG F 106 21.95 -15.92 -2.35
CA ARG F 106 23.16 -15.10 -2.38
C ARG F 106 24.09 -15.43 -1.22
N THR F 107 23.50 -15.74 -0.06
CA THR F 107 24.30 -16.07 1.10
C THR F 107 25.08 -17.37 0.87
N LEU F 108 24.43 -18.38 0.27
CA LEU F 108 25.13 -19.63 -0.03
C LEU F 108 26.26 -19.41 -1.05
N ASP F 109 26.00 -18.61 -2.09
CA ASP F 109 27.04 -18.25 -3.06
C ASP F 109 28.21 -17.47 -2.44
N PHE F 110 27.90 -16.59 -1.49
CA PHE F 110 28.89 -15.80 -0.80
C PHE F 110 29.87 -16.73 -0.07
N HIS F 111 29.33 -17.72 0.63
CA HIS F 111 30.15 -18.75 1.28
C HIS F 111 31.03 -19.51 0.27
N ASP F 112 30.47 -19.90 -0.88
CA ASP F 112 31.25 -20.54 -1.95
C ASP F 112 32.37 -19.64 -2.50
N ALA F 113 32.07 -18.36 -2.69
CA ALA F 113 33.10 -17.43 -3.15
C ALA F 113 34.23 -17.28 -2.12
N ASN F 114 33.87 -17.21 -0.84
CA ASN F 114 34.89 -17.11 0.20
C ASN F 114 35.81 -18.32 0.25
N VAL F 115 35.24 -19.52 0.09
CA VAL F 115 36.03 -20.75 0.11
C VAL F 115 36.93 -20.84 -1.13
N ASN F 116 36.38 -20.46 -2.28
CA ASN F 116 37.15 -20.48 -3.52
C ASN F 116 38.33 -19.52 -3.42
N ASN F 117 38.10 -18.37 -2.78
CA ASN F 117 39.17 -17.39 -2.62
C ASN F 117 40.35 -17.94 -1.82
N LEU F 118 40.07 -18.69 -0.76
CA LEU F 118 41.14 -19.33 0.02
C LEU F 118 41.94 -20.33 -0.83
N TYR F 119 41.20 -21.16 -1.57
CA TYR F 119 41.76 -22.13 -2.50
C TYR F 119 42.65 -21.45 -3.55
N GLN F 120 42.16 -20.35 -4.13
CA GLN F 120 42.94 -19.63 -5.13
C GLN F 120 44.19 -19.03 -4.50
N LYS F 121 44.07 -18.52 -3.27
CA LYS F 121 45.20 -17.89 -2.59
C LYS F 121 46.30 -18.90 -2.30
N VAL F 122 45.89 -20.11 -1.95
CA VAL F 122 46.85 -21.17 -1.70
C VAL F 122 47.45 -21.65 -3.01
N LYS F 123 46.60 -21.81 -4.03
CA LYS F 123 47.03 -22.34 -5.32
C LYS F 123 48.13 -21.47 -5.89
N VAL F 124 47.95 -20.16 -5.79
CA VAL F 124 48.91 -19.25 -6.40
C VAL F 124 50.23 -19.13 -5.62
N GLN F 125 50.21 -19.39 -4.32
CA GLN F 125 51.45 -19.40 -3.56
C GLN F 125 52.30 -20.61 -3.92
N LEU F 126 51.65 -21.77 -4.06
CA LEU F 126 52.34 -23.04 -4.29
C LEU F 126 52.82 -23.19 -5.73
N LYS F 127 52.03 -22.72 -6.71
CA LYS F 127 52.34 -22.93 -8.12
C LYS F 127 52.67 -24.38 -8.43
N ASP F 128 53.75 -24.59 -9.18
CA ASP F 128 54.11 -25.95 -9.57
C ASP F 128 54.99 -26.65 -8.52
N ASN F 129 55.04 -26.10 -7.32
CA ASN F 129 55.61 -26.82 -6.17
C ASN F 129 54.59 -27.77 -5.57
N ALA F 130 53.38 -27.79 -6.14
CA ALA F 130 52.36 -28.72 -5.68
C ALA F 130 51.60 -29.25 -6.87
N ILE F 131 50.91 -30.37 -6.67
CA ILE F 131 49.98 -30.86 -7.66
C ILE F 131 48.55 -30.66 -7.12
N ASP F 132 47.72 -29.95 -7.88
CA ASP F 132 46.32 -29.74 -7.49
C ASP F 132 45.57 -31.05 -7.68
N MET F 133 45.11 -31.65 -6.58
CA MET F 133 44.51 -32.98 -6.68
C MET F 133 43.08 -32.95 -7.21
N GLY F 134 42.52 -31.75 -7.37
CA GLY F 134 41.17 -31.61 -7.90
C GLY F 134 40.03 -31.84 -6.92
N ASN F 135 40.35 -32.10 -5.65
CA ASN F 135 39.33 -32.32 -4.63
C ASN F 135 39.39 -31.26 -3.52
N GLY F 136 40.05 -30.13 -3.81
CA GLY F 136 40.22 -29.08 -2.81
C GLY F 136 41.54 -29.21 -2.06
N CYS F 137 42.32 -30.23 -2.42
CA CYS F 137 43.60 -30.49 -1.77
C CYS F 137 44.81 -30.36 -2.71
N PHE F 138 45.96 -30.00 -2.13
CA PHE F 138 47.20 -29.95 -2.87
C PHE F 138 48.20 -30.98 -2.35
N LYS F 139 48.79 -31.71 -3.29
CA LYS F 139 49.85 -32.66 -2.95
C LYS F 139 51.16 -31.88 -3.07
N ILE F 140 51.79 -31.57 -1.94
CA ILE F 140 52.98 -30.72 -1.99
C ILE F 140 54.23 -31.55 -2.34
N LEU F 141 55.02 -31.06 -3.28
CA LEU F 141 56.12 -31.84 -3.83
C LEU F 141 57.43 -31.70 -3.05
N HIS F 142 57.36 -31.17 -1.83
CA HIS F 142 58.55 -31.04 -0.98
C HIS F 142 58.13 -31.27 0.46
N LYS F 143 59.08 -31.60 1.33
CA LYS F 143 58.77 -31.73 2.75
C LYS F 143 58.27 -30.39 3.27
N CYS F 144 57.08 -30.38 3.84
CA CYS F 144 56.47 -29.12 4.27
C CYS F 144 56.11 -29.21 5.73
N ASN F 145 57.04 -28.81 6.60
CA ASN F 145 56.79 -28.96 8.03
C ASN F 145 55.81 -27.91 8.59
N ASN F 146 55.67 -27.91 9.91
CA ASN F 146 54.70 -27.03 10.58
C ASN F 146 54.91 -25.54 10.31
N THR F 147 56.16 -25.12 10.19
CA THR F 147 56.50 -23.73 9.88
C THR F 147 56.10 -23.38 8.44
N CYS F 148 56.39 -24.31 7.54
CA CYS F 148 56.01 -24.21 6.14
C CYS F 148 54.47 -24.16 5.98
N MET F 149 53.76 -25.05 6.68
CA MET F 149 52.29 -25.02 6.67
C MET F 149 51.75 -23.68 7.18
N ASP F 150 52.27 -23.22 8.33
CA ASP F 150 51.89 -21.93 8.88
C ASP F 150 52.09 -20.78 7.88
N ASP F 151 53.18 -20.86 7.11
CA ASP F 151 53.51 -19.81 6.14
C ASP F 151 52.55 -19.78 4.95
N ILE F 152 52.08 -20.96 4.54
CA ILE F 152 51.08 -21.06 3.50
C ILE F 152 49.79 -20.43 3.98
N LYS F 153 49.40 -20.76 5.21
CA LYS F 153 48.18 -20.24 5.82
C LYS F 153 48.23 -18.74 6.06
N ASN F 154 49.41 -18.22 6.42
CA ASN F 154 49.57 -16.79 6.68
C ASN F 154 49.85 -16.01 5.40
N GLY F 155 49.91 -16.71 4.26
CA GLY F 155 50.21 -16.07 2.99
C GLY F 155 51.67 -15.67 2.77
N THR F 156 52.59 -16.24 3.54
CA THR F 156 54.00 -15.86 3.45
C THR F 156 54.92 -16.96 2.89
N TYR F 157 54.33 -17.94 2.22
CA TYR F 157 55.10 -19.05 1.63
C TYR F 157 55.98 -18.58 0.48
N ASN F 158 57.23 -19.06 0.47
CA ASN F 158 58.19 -18.64 -0.55
C ASN F 158 58.41 -19.74 -1.59
N TYR F 159 57.83 -19.54 -2.78
CA TYR F 159 57.98 -20.46 -3.90
C TYR F 159 59.44 -20.86 -4.17
N TYR F 160 60.32 -19.86 -4.31
CA TYR F 160 61.70 -20.14 -4.75
C TYR F 160 62.53 -20.91 -3.72
N GLU F 161 62.17 -20.78 -2.44
CA GLU F 161 62.87 -21.53 -1.40
C GLU F 161 62.79 -23.03 -1.64
N TYR F 162 61.63 -23.50 -2.10
CA TYR F 162 61.37 -24.93 -2.21
C TYR F 162 61.36 -25.41 -3.66
N ARG F 163 61.76 -24.53 -4.57
CA ARG F 163 61.62 -24.81 -6.01
C ARG F 163 62.45 -26.01 -6.47
N LYS F 164 63.69 -26.09 -6.00
CA LYS F 164 64.61 -27.14 -6.42
C LYS F 164 64.15 -28.53 -5.98
N GLU F 165 63.86 -28.65 -4.69
CA GLU F 165 63.37 -29.91 -4.16
C GLU F 165 62.08 -30.34 -4.88
N SER F 166 61.19 -29.38 -5.11
CA SER F 166 59.90 -29.69 -5.76
C SER F 166 60.10 -30.16 -7.21
N HIS F 167 61.02 -29.50 -7.91
CA HIS F 167 61.33 -29.87 -9.29
C HIS F 167 61.85 -31.29 -9.41
N LEU F 168 62.71 -31.71 -8.48
CA LEU F 168 63.27 -33.06 -8.52
C LEU F 168 62.16 -34.09 -8.29
N GLU F 169 61.27 -33.79 -7.36
CA GLU F 169 60.12 -34.65 -7.10
C GLU F 169 59.22 -34.74 -8.35
N LYS F 170 59.08 -33.64 -9.06
CA LYS F 170 58.26 -33.63 -10.28
C LYS F 170 58.87 -34.52 -11.38
N GLN F 171 60.20 -34.61 -11.41
CA GLN F 171 60.90 -35.45 -12.38
C GLN F 171 60.50 -36.94 -12.37
N LYS F 172 60.38 -37.53 -11.19
CA LYS F 172 60.09 -38.97 -11.12
C LYS F 172 58.62 -39.26 -11.38
N ILE F 173 57.78 -38.25 -11.19
CA ILE F 173 56.39 -38.38 -11.58
C ILE F 173 56.34 -38.37 -13.10
N ASP F 174 57.10 -37.45 -13.68
CA ASP F 174 57.18 -37.30 -15.14
C ASP F 174 57.72 -38.56 -15.80
N SER F 175 58.35 -39.42 -15.00
CA SER F 175 58.58 -40.81 -15.37
C SER F 175 57.55 -41.68 -14.65
#